data_6ESS
# 
_entry.id   6ESS 
# 
_audit_conform.dict_name       mmcif_pdbx.dic 
_audit_conform.dict_version    5.391 
_audit_conform.dict_location   http://mmcif.pdb.org/dictionaries/ascii/mmcif_pdbx.dic 
# 
loop_
_database_2.database_id 
_database_2.database_code 
_database_2.pdbx_database_accession 
_database_2.pdbx_DOI 
PDB   6ESS         pdb_00006ess 10.2210/pdb6ess/pdb 
WWPDB D_1200007194 ?            ?                   
# 
loop_
_pdbx_audit_revision_history.ordinal 
_pdbx_audit_revision_history.data_content_type 
_pdbx_audit_revision_history.major_revision 
_pdbx_audit_revision_history.minor_revision 
_pdbx_audit_revision_history.revision_date 
1 'Structure model' 1 0 2018-01-03 
2 'Structure model' 1 1 2018-01-24 
3 'Structure model' 1 2 2018-02-14 
4 'Structure model' 1 3 2024-05-08 
# 
_pdbx_audit_revision_details.ordinal             1 
_pdbx_audit_revision_details.revision_ordinal    1 
_pdbx_audit_revision_details.data_content_type   'Structure model' 
_pdbx_audit_revision_details.provider            repository 
_pdbx_audit_revision_details.type                'Initial release' 
_pdbx_audit_revision_details.description         ? 
_pdbx_audit_revision_details.details             ? 
# 
loop_
_pdbx_audit_revision_group.ordinal 
_pdbx_audit_revision_group.revision_ordinal 
_pdbx_audit_revision_group.data_content_type 
_pdbx_audit_revision_group.group 
1 2 'Structure model' 'Database references' 
2 3 'Structure model' 'Database references' 
3 4 'Structure model' 'Data collection'     
4 4 'Structure model' 'Database references' 
# 
loop_
_pdbx_audit_revision_category.ordinal 
_pdbx_audit_revision_category.revision_ordinal 
_pdbx_audit_revision_category.data_content_type 
_pdbx_audit_revision_category.category 
1 2 'Structure model' citation             
2 3 'Structure model' citation             
3 4 'Structure model' chem_comp_atom       
4 4 'Structure model' chem_comp_bond       
5 4 'Structure model' database_2           
6 4 'Structure model' pdbx_validate_chiral 
# 
loop_
_pdbx_audit_revision_item.ordinal 
_pdbx_audit_revision_item.revision_ordinal 
_pdbx_audit_revision_item.data_content_type 
_pdbx_audit_revision_item.item 
1 2 'Structure model' '_citation.title'                     
2 3 'Structure model' '_citation.journal_volume'            
3 3 'Structure model' '_citation.page_first'                
4 3 'Structure model' '_citation.page_last'                 
5 3 'Structure model' '_citation.year'                      
6 4 'Structure model' '_database_2.pdbx_DOI'                
7 4 'Structure model' '_database_2.pdbx_database_accession' 
# 
_database_PDB_caveat.id     1 
_database_PDB_caveat.text   ? 
# 
_pdbx_database_status.status_code                     REL 
_pdbx_database_status.status_code_sf                  REL 
_pdbx_database_status.status_code_mr                  ? 
_pdbx_database_status.entry_id                        6ESS 
_pdbx_database_status.recvd_initial_deposition_date   2017-10-24 
_pdbx_database_status.SG_entry                        N 
_pdbx_database_status.deposit_site                    PDBE 
_pdbx_database_status.process_site                    PDBE 
_pdbx_database_status.status_code_cs                  ? 
_pdbx_database_status.methods_development_category    ? 
_pdbx_database_status.pdb_format_compatible           Y 
_pdbx_database_status.status_code_nmr_data            ? 
# 
loop_
_audit_author.name 
_audit_author.pdbx_ordinal 
_audit_author.identifier_ORCID 
'Hestericova, M.'     1 ? 
'Heinisch, T.'        2 ? 
'Alonso-Cotchico, L.' 3 ? 
'Marechal, J.-D.'     4 ? 
'Vidossich, P.'       5 ? 
'Ward, T.R.'          6 ? 
# 
_citation.abstract                  ? 
_citation.abstract_id_CAS           ? 
_citation.book_id_ISBN              ? 
_citation.book_publisher            ? 
_citation.book_publisher_city       ? 
_citation.book_title                ? 
_citation.coordinate_linkage        ? 
_citation.country                   GE 
_citation.database_id_Medline       ? 
_citation.details                   ? 
_citation.id                        primary 
_citation.journal_abbrev            'Angew. Chem. Int. Ed. Engl.' 
_citation.journal_id_ASTM           ACIEAY 
_citation.journal_id_CSD            0179 
_citation.journal_id_ISSN           1521-3773 
_citation.journal_full              ? 
_citation.journal_issue             ? 
_citation.journal_volume            57 
_citation.language                  ? 
_citation.page_first                1863 
_citation.page_last                 1868 
_citation.title                     'Directed Evolution of an Artificial Imine Reductase.' 
_citation.year                      2018 
_citation.database_id_CSD           ? 
_citation.pdbx_database_id_DOI      10.1002/anie.201711016 
_citation.pdbx_database_id_PubMed   29265726 
_citation.unpublished_flag          ? 
# 
loop_
_citation_author.citation_id 
_citation_author.name 
_citation_author.ordinal 
_citation_author.identifier_ORCID 
primary 'Hestericova, M.'     1 ? 
primary 'Heinisch, T.'        2 ? 
primary 'Alonso-Cotchico, L.' 3 ? 
primary 'Marechal, J.D.'      4 ? 
primary 'Vidossich, P.'       5 ? 
primary 'Ward, T.R.'          6 ? 
# 
loop_
_entity.id 
_entity.type 
_entity.src_method 
_entity.pdbx_description 
_entity.formula_weight 
_entity.pdbx_number_of_molecules 
_entity.pdbx_ec 
_entity.pdbx_mutation 
_entity.pdbx_fragment 
_entity.details 
1 polymer     man Streptavidin 16523.045 1  ? ? ? ? 
2 non-polymer syn 
;{N-(4-{[2-(amino-kappaN)ethyl]sulfamoyl-kappaN}phenyl)-5-[(3aS,4S,6aR)-2-oxohexahydro-1H-thieno[3,4-d]imidazol-4-yl]pentanamide}(chloro)[(1,2,3,4,5-eta)-1,2,3,4,5-pentamethylcyclopentadienyl]iridium(III)
;
807.488   1  ? ? ? ? 
3 non-polymer syn 'IRIDIUM ION' 192.217   3  ? ? ? ? 
4 water       nat water 18.015    19 ? ? ? ? 
# 
_entity_poly.entity_id                      1 
_entity_poly.type                           'polypeptide(L)' 
_entity_poly.nstd_linkage                   no 
_entity_poly.nstd_monomer                   no 
_entity_poly.pdbx_seq_one_letter_code       
;MASMTGGQQMGRDEAGITGTWYNQLGSTFIVTAGADGALTGTYESAVGNAESRYVLTGRYDSAPATDGSGTALGWTVAWK
NNYRNAHSATTWSGQYVGGAEARINTQWLLTAGTTEAPAWAMTLVGHDTFTKVKPSAASIDAAKKAGVNNGNPLDAVQQ
;
_entity_poly.pdbx_seq_one_letter_code_can   
;MASMTGGQQMGRDEAGITGTWYNQLGSTFIVTAGADGALTGTYESAVGNAESRYVLTGRYDSAPATDGSGTALGWTVAWK
NNYRNAHSATTWSGQYVGGAEARINTQWLLTAGTTEAPAWAMTLVGHDTFTKVKPSAASIDAAKKAGVNNGNPLDAVQQ
;
_entity_poly.pdbx_strand_id                 A 
_entity_poly.pdbx_target_identifier         ? 
# 
loop_
_pdbx_entity_nonpoly.entity_id 
_pdbx_entity_nonpoly.name 
_pdbx_entity_nonpoly.comp_id 
2 
;{N-(4-{[2-(amino-kappaN)ethyl]sulfamoyl-kappaN}phenyl)-5-[(3aS,4S,6aR)-2-oxohexahydro-1H-thieno[3,4-d]imidazol-4-yl]pentanamide}(chloro)[(1,2,3,4,5-eta)-1,2,3,4,5-pentamethylcyclopentadienyl]iridium(III)
;
4IR 
3 'IRIDIUM ION' IR  
4 water HOH 
# 
loop_
_entity_poly_seq.entity_id 
_entity_poly_seq.num 
_entity_poly_seq.mon_id 
_entity_poly_seq.hetero 
1 1   MET n 
1 2   ALA n 
1 3   SER n 
1 4   MET n 
1 5   THR n 
1 6   GLY n 
1 7   GLY n 
1 8   GLN n 
1 9   GLN n 
1 10  MET n 
1 11  GLY n 
1 12  ARG n 
1 13  ASP n 
1 14  GLU n 
1 15  ALA n 
1 16  GLY n 
1 17  ILE n 
1 18  THR n 
1 19  GLY n 
1 20  THR n 
1 21  TRP n 
1 22  TYR n 
1 23  ASN n 
1 24  GLN n 
1 25  LEU n 
1 26  GLY n 
1 27  SER n 
1 28  THR n 
1 29  PHE n 
1 30  ILE n 
1 31  VAL n 
1 32  THR n 
1 33  ALA n 
1 34  GLY n 
1 35  ALA n 
1 36  ASP n 
1 37  GLY n 
1 38  ALA n 
1 39  LEU n 
1 40  THR n 
1 41  GLY n 
1 42  THR n 
1 43  TYR n 
1 44  GLU n 
1 45  SER n 
1 46  ALA n 
1 47  VAL n 
1 48  GLY n 
1 49  ASN n 
1 50  ALA n 
1 51  GLU n 
1 52  SER n 
1 53  ARG n 
1 54  TYR n 
1 55  VAL n 
1 56  LEU n 
1 57  THR n 
1 58  GLY n 
1 59  ARG n 
1 60  TYR n 
1 61  ASP n 
1 62  SER n 
1 63  ALA n 
1 64  PRO n 
1 65  ALA n 
1 66  THR n 
1 67  ASP n 
1 68  GLY n 
1 69  SER n 
1 70  GLY n 
1 71  THR n 
1 72  ALA n 
1 73  LEU n 
1 74  GLY n 
1 75  TRP n 
1 76  THR n 
1 77  VAL n 
1 78  ALA n 
1 79  TRP n 
1 80  LYS n 
1 81  ASN n 
1 82  ASN n 
1 83  TYR n 
1 84  ARG n 
1 85  ASN n 
1 86  ALA n 
1 87  HIS n 
1 88  SER n 
1 89  ALA n 
1 90  THR n 
1 91  THR n 
1 92  TRP n 
1 93  SER n 
1 94  GLY n 
1 95  GLN n 
1 96  TYR n 
1 97  VAL n 
1 98  GLY n 
1 99  GLY n 
1 100 ALA n 
1 101 GLU n 
1 102 ALA n 
1 103 ARG n 
1 104 ILE n 
1 105 ASN n 
1 106 THR n 
1 107 GLN n 
1 108 TRP n 
1 109 LEU n 
1 110 LEU n 
1 111 THR n 
1 112 ALA n 
1 113 GLY n 
1 114 THR n 
1 115 THR n 
1 116 GLU n 
1 117 ALA n 
1 118 PRO n 
1 119 ALA n 
1 120 TRP n 
1 121 ALA n 
1 122 MET n 
1 123 THR n 
1 124 LEU n 
1 125 VAL n 
1 126 GLY n 
1 127 HIS n 
1 128 ASP n 
1 129 THR n 
1 130 PHE n 
1 131 THR n 
1 132 LYS n 
1 133 VAL n 
1 134 LYS n 
1 135 PRO n 
1 136 SER n 
1 137 ALA n 
1 138 ALA n 
1 139 SER n 
1 140 ILE n 
1 141 ASP n 
1 142 ALA n 
1 143 ALA n 
1 144 LYS n 
1 145 LYS n 
1 146 ALA n 
1 147 GLY n 
1 148 VAL n 
1 149 ASN n 
1 150 ASN n 
1 151 GLY n 
1 152 ASN n 
1 153 PRO n 
1 154 LEU n 
1 155 ASP n 
1 156 ALA n 
1 157 VAL n 
1 158 GLN n 
1 159 GLN n 
# 
_entity_src_gen.entity_id                          1 
_entity_src_gen.pdbx_src_id                        1 
_entity_src_gen.pdbx_alt_source_flag               sample 
_entity_src_gen.pdbx_seq_type                      'Biological sequence' 
_entity_src_gen.pdbx_beg_seq_num                   1 
_entity_src_gen.pdbx_end_seq_num                   159 
_entity_src_gen.gene_src_common_name               ? 
_entity_src_gen.gene_src_genus                     ? 
_entity_src_gen.pdbx_gene_src_gene                 ? 
_entity_src_gen.gene_src_species                   ? 
_entity_src_gen.gene_src_strain                    ? 
_entity_src_gen.gene_src_tissue                    ? 
_entity_src_gen.gene_src_tissue_fraction           ? 
_entity_src_gen.gene_src_details                   ? 
_entity_src_gen.pdbx_gene_src_fragment             ? 
_entity_src_gen.pdbx_gene_src_scientific_name      'Streptomyces avidinii' 
_entity_src_gen.pdbx_gene_src_ncbi_taxonomy_id     1895 
_entity_src_gen.pdbx_gene_src_variant              ? 
_entity_src_gen.pdbx_gene_src_cell_line            ? 
_entity_src_gen.pdbx_gene_src_atcc                 ? 
_entity_src_gen.pdbx_gene_src_organ                ? 
_entity_src_gen.pdbx_gene_src_organelle            ? 
_entity_src_gen.pdbx_gene_src_cell                 ? 
_entity_src_gen.pdbx_gene_src_cellular_location    ? 
_entity_src_gen.host_org_common_name               ? 
_entity_src_gen.pdbx_host_org_scientific_name      'Escherichia coli' 
_entity_src_gen.pdbx_host_org_ncbi_taxonomy_id     562 
_entity_src_gen.host_org_genus                     ? 
_entity_src_gen.pdbx_host_org_gene                 ? 
_entity_src_gen.pdbx_host_org_organ                ? 
_entity_src_gen.host_org_species                   ? 
_entity_src_gen.pdbx_host_org_tissue               ? 
_entity_src_gen.pdbx_host_org_tissue_fraction      ? 
_entity_src_gen.pdbx_host_org_strain               ? 
_entity_src_gen.pdbx_host_org_variant              ? 
_entity_src_gen.pdbx_host_org_cell_line            ? 
_entity_src_gen.pdbx_host_org_atcc                 ? 
_entity_src_gen.pdbx_host_org_culture_collection   ? 
_entity_src_gen.pdbx_host_org_cell                 ? 
_entity_src_gen.pdbx_host_org_organelle            ? 
_entity_src_gen.pdbx_host_org_cellular_location    ? 
_entity_src_gen.pdbx_host_org_vector_type          ? 
_entity_src_gen.pdbx_host_org_vector               ? 
_entity_src_gen.host_org_details                   ? 
_entity_src_gen.expression_system_id               ? 
_entity_src_gen.plasmid_name                       ? 
_entity_src_gen.plasmid_details                    ? 
_entity_src_gen.pdbx_description                   ? 
# 
loop_
_chem_comp.id 
_chem_comp.type 
_chem_comp.mon_nstd_flag 
_chem_comp.name 
_chem_comp.pdbx_synonyms 
_chem_comp.formula 
_chem_comp.formula_weight 
4IR non-polymer         . 
;{N-(4-{[2-(amino-kappaN)ethyl]sulfamoyl-kappaN}phenyl)-5-[(3aS,4S,6aR)-2-oxohexahydro-1H-thieno[3,4-d]imidazol-4-yl]pentanamide}(chloro)[(1,2,3,4,5-eta)-1,2,3,4,5-pentamethylcyclopentadienyl]iridium(III)
;
;N-(4-{[(2-AMINOETHYL)AMINO]SULFONYL}PHENYL)-5-[(3AS,4S,6AR)-2-OXOHEXAHYDRO-1H-THIENO[3,4-D]IMIDAZOL-4-YL]PENTANAMIDE-(1,2,3,4,5,6-ETA)-PENTAMETHYLCYCLOHEXYL-CHLORO-IRIDIUM(III)
;
'C28 H45 Cl Ir N5 O4 S2 2' 807.488 
ALA 'L-peptide linking' y ALANINE ? 'C3 H7 N O2'               89.093  
ARG 'L-peptide linking' y ARGININE ? 'C6 H15 N4 O2 1'           175.209 
ASN 'L-peptide linking' y ASPARAGINE ? 'C4 H8 N2 O3'              132.118 
ASP 'L-peptide linking' y 'ASPARTIC ACID' ? 'C4 H7 N O4'               133.103 
GLN 'L-peptide linking' y GLUTAMINE ? 'C5 H10 N2 O3'             146.144 
GLU 'L-peptide linking' y 'GLUTAMIC ACID' ? 'C5 H9 N O4'               147.129 
GLY 'peptide linking'   y GLYCINE ? 'C2 H5 N O2'               75.067  
HIS 'L-peptide linking' y HISTIDINE ? 'C6 H10 N3 O2 1'           156.162 
HOH non-polymer         . WATER ? 'H2 O'                     18.015  
ILE 'L-peptide linking' y ISOLEUCINE ? 'C6 H13 N O2'              131.173 
IR  non-polymer         . 'IRIDIUM ION' ? 'Ir 4'                     192.217 
LEU 'L-peptide linking' y LEUCINE ? 'C6 H13 N O2'              131.173 
LYS 'L-peptide linking' y LYSINE ? 'C6 H15 N2 O2 1'           147.195 
MET 'L-peptide linking' y METHIONINE ? 'C5 H11 N O2 S'            149.211 
PHE 'L-peptide linking' y PHENYLALANINE ? 'C9 H11 N O2'              165.189 
PRO 'L-peptide linking' y PROLINE ? 'C5 H9 N O2'               115.130 
SER 'L-peptide linking' y SERINE ? 'C3 H7 N O3'               105.093 
THR 'L-peptide linking' y THREONINE ? 'C4 H9 N O3'               119.119 
TRP 'L-peptide linking' y TRYPTOPHAN ? 'C11 H12 N2 O2'            204.225 
TYR 'L-peptide linking' y TYROSINE ? 'C9 H11 N O3'              181.189 
VAL 'L-peptide linking' y VALINE ? 'C5 H11 N O2'              117.146 
# 
loop_
_pdbx_poly_seq_scheme.asym_id 
_pdbx_poly_seq_scheme.entity_id 
_pdbx_poly_seq_scheme.seq_id 
_pdbx_poly_seq_scheme.mon_id 
_pdbx_poly_seq_scheme.ndb_seq_num 
_pdbx_poly_seq_scheme.pdb_seq_num 
_pdbx_poly_seq_scheme.auth_seq_num 
_pdbx_poly_seq_scheme.pdb_mon_id 
_pdbx_poly_seq_scheme.auth_mon_id 
_pdbx_poly_seq_scheme.pdb_strand_id 
_pdbx_poly_seq_scheme.pdb_ins_code 
_pdbx_poly_seq_scheme.hetero 
A 1 1   MET 1   1   ?   ?   ?   A . n 
A 1 2   ALA 2   2   ?   ?   ?   A . n 
A 1 3   SER 3   3   ?   ?   ?   A . n 
A 1 4   MET 4   4   ?   ?   ?   A . n 
A 1 5   THR 5   5   ?   ?   ?   A . n 
A 1 6   GLY 6   6   ?   ?   ?   A . n 
A 1 7   GLY 7   7   ?   ?   ?   A . n 
A 1 8   GLN 8   8   ?   ?   ?   A . n 
A 1 9   GLN 9   9   ?   ?   ?   A . n 
A 1 10  MET 10  10  ?   ?   ?   A . n 
A 1 11  GLY 11  11  ?   ?   ?   A . n 
A 1 12  ARG 12  12  ?   ?   ?   A . n 
A 1 13  ASP 13  13  13  ASP ASP A . n 
A 1 14  GLU 14  14  14  GLU GLU A . n 
A 1 15  ALA 15  15  15  ALA ALA A . n 
A 1 16  GLY 16  16  16  GLY GLY A . n 
A 1 17  ILE 17  17  17  ILE ILE A . n 
A 1 18  THR 18  18  18  THR THR A . n 
A 1 19  GLY 19  19  19  GLY GLY A . n 
A 1 20  THR 20  20  20  THR THR A . n 
A 1 21  TRP 21  21  21  TRP TRP A . n 
A 1 22  TYR 22  22  22  TYR TYR A . n 
A 1 23  ASN 23  23  23  ASN ASN A . n 
A 1 24  GLN 24  24  24  GLN GLN A . n 
A 1 25  LEU 25  25  25  LEU LEU A . n 
A 1 26  GLY 26  26  26  GLY GLY A . n 
A 1 27  SER 27  27  27  SER SER A . n 
A 1 28  THR 28  28  28  THR THR A . n 
A 1 29  PHE 29  29  29  PHE PHE A . n 
A 1 30  ILE 30  30  30  ILE ILE A . n 
A 1 31  VAL 31  31  31  VAL VAL A . n 
A 1 32  THR 32  32  32  THR THR A . n 
A 1 33  ALA 33  33  33  ALA ALA A . n 
A 1 34  GLY 34  34  34  GLY GLY A . n 
A 1 35  ALA 35  35  35  ALA ALA A . n 
A 1 36  ASP 36  36  36  ASP ASP A . n 
A 1 37  GLY 37  37  37  GLY GLY A . n 
A 1 38  ALA 38  38  38  ALA ALA A . n 
A 1 39  LEU 39  39  39  LEU LEU A . n 
A 1 40  THR 40  40  40  THR THR A . n 
A 1 41  GLY 41  41  41  GLY GLY A . n 
A 1 42  THR 42  42  42  THR THR A . n 
A 1 43  TYR 43  43  43  TYR TYR A . n 
A 1 44  GLU 44  44  44  GLU GLU A . n 
A 1 45  SER 45  45  45  SER SER A . n 
A 1 46  ALA 46  46  46  ALA ALA A . n 
A 1 47  VAL 47  47  47  VAL VAL A . n 
A 1 48  GLY 48  48  48  GLY GLY A . n 
A 1 49  ASN 49  49  49  ASN ASN A . n 
A 1 50  ALA 50  50  50  ALA ALA A . n 
A 1 51  GLU 51  51  51  GLU GLU A . n 
A 1 52  SER 52  52  52  SER SER A . n 
A 1 53  ARG 53  53  53  ARG ARG A . n 
A 1 54  TYR 54  54  54  TYR TYR A . n 
A 1 55  VAL 55  55  55  VAL VAL A . n 
A 1 56  LEU 56  56  56  LEU LEU A . n 
A 1 57  THR 57  57  57  THR THR A . n 
A 1 58  GLY 58  58  58  GLY GLY A . n 
A 1 59  ARG 59  59  59  ARG ARG A . n 
A 1 60  TYR 60  60  60  TYR TYR A . n 
A 1 61  ASP 61  61  61  ASP ASP A . n 
A 1 62  SER 62  62  62  SER SER A . n 
A 1 63  ALA 63  63  63  ALA ALA A . n 
A 1 64  PRO 64  64  64  PRO PRO A . n 
A 1 65  ALA 65  65  65  ALA ALA A . n 
A 1 66  THR 66  66  66  THR THR A . n 
A 1 67  ASP 67  67  67  ASP ASP A . n 
A 1 68  GLY 68  68  68  GLY GLY A . n 
A 1 69  SER 69  69  69  SER SER A . n 
A 1 70  GLY 70  70  70  GLY GLY A . n 
A 1 71  THR 71  71  71  THR THR A . n 
A 1 72  ALA 72  72  72  ALA ALA A . n 
A 1 73  LEU 73  73  73  LEU LEU A . n 
A 1 74  GLY 74  74  74  GLY GLY A . n 
A 1 75  TRP 75  75  75  TRP TRP A . n 
A 1 76  THR 76  76  76  THR THR A . n 
A 1 77  VAL 77  77  77  VAL VAL A . n 
A 1 78  ALA 78  78  78  ALA ALA A . n 
A 1 79  TRP 79  79  79  TRP TRP A . n 
A 1 80  LYS 80  80  80  LYS LYS A . n 
A 1 81  ASN 81  81  81  ASN ASN A . n 
A 1 82  ASN 82  82  82  ASN ASN A . n 
A 1 83  TYR 83  83  83  TYR TYR A . n 
A 1 84  ARG 84  84  84  ARG ARG A . n 
A 1 85  ASN 85  85  85  ASN ASN A . n 
A 1 86  ALA 86  86  86  ALA ALA A . n 
A 1 87  HIS 87  87  87  HIS HIS A . n 
A 1 88  SER 88  88  88  SER SER A . n 
A 1 89  ALA 89  89  89  ALA ALA A . n 
A 1 90  THR 90  90  90  THR THR A . n 
A 1 91  THR 91  91  91  THR THR A . n 
A 1 92  TRP 92  92  92  TRP TRP A . n 
A 1 93  SER 93  93  93  SER SER A . n 
A 1 94  GLY 94  94  94  GLY GLY A . n 
A 1 95  GLN 95  95  95  GLN GLN A . n 
A 1 96  TYR 96  96  96  TYR TYR A . n 
A 1 97  VAL 97  97  97  VAL VAL A . n 
A 1 98  GLY 98  98  98  GLY GLY A . n 
A 1 99  GLY 99  99  99  GLY GLY A . n 
A 1 100 ALA 100 100 100 ALA ALA A . n 
A 1 101 GLU 101 101 101 GLU GLU A . n 
A 1 102 ALA 102 102 102 ALA ALA A . n 
A 1 103 ARG 103 103 103 ARG ARG A . n 
A 1 104 ILE 104 104 104 ILE ILE A . n 
A 1 105 ASN 105 105 105 ASN ASN A . n 
A 1 106 THR 106 106 106 THR THR A . n 
A 1 107 GLN 107 107 107 GLN GLN A . n 
A 1 108 TRP 108 108 108 TRP TRP A . n 
A 1 109 LEU 109 109 109 LEU LEU A . n 
A 1 110 LEU 110 110 110 LEU LEU A . n 
A 1 111 THR 111 111 111 THR THR A . n 
A 1 112 ALA 112 112 112 ALA ALA A . n 
A 1 113 GLY 113 113 113 GLY GLY A . n 
A 1 114 THR 114 114 114 THR THR A . n 
A 1 115 THR 115 115 115 THR THR A . n 
A 1 116 GLU 116 116 116 GLU GLU A . n 
A 1 117 ALA 117 117 117 ALA ALA A . n 
A 1 118 PRO 118 118 118 PRO PRO A . n 
A 1 119 ALA 119 119 119 ALA ALA A . n 
A 1 120 TRP 120 120 120 TRP TRP A . n 
A 1 121 ALA 121 121 121 ALA ALA A . n 
A 1 122 MET 122 122 122 MET MET A . n 
A 1 123 THR 123 123 123 THR THR A . n 
A 1 124 LEU 124 124 124 LEU LEU A . n 
A 1 125 VAL 125 125 125 VAL VAL A . n 
A 1 126 GLY 126 126 126 GLY GLY A . n 
A 1 127 HIS 127 127 127 HIS HIS A . n 
A 1 128 ASP 128 128 128 ASP ASP A . n 
A 1 129 THR 129 129 129 THR THR A . n 
A 1 130 PHE 130 130 130 PHE PHE A . n 
A 1 131 THR 131 131 131 THR THR A . n 
A 1 132 LYS 132 132 132 LYS LYS A . n 
A 1 133 VAL 133 133 133 VAL VAL A . n 
A 1 134 LYS 134 134 134 LYS LYS A . n 
A 1 135 PRO 135 135 ?   ?   ?   A . n 
A 1 136 SER 136 136 ?   ?   ?   A . n 
A 1 137 ALA 137 137 ?   ?   ?   A . n 
A 1 138 ALA 138 138 ?   ?   ?   A . n 
A 1 139 SER 139 139 ?   ?   ?   A . n 
A 1 140 ILE 140 140 ?   ?   ?   A . n 
A 1 141 ASP 141 141 ?   ?   ?   A . n 
A 1 142 ALA 142 142 ?   ?   ?   A . n 
A 1 143 ALA 143 143 ?   ?   ?   A . n 
A 1 144 LYS 144 144 ?   ?   ?   A . n 
A 1 145 LYS 145 145 ?   ?   ?   A . n 
A 1 146 ALA 146 146 ?   ?   ?   A . n 
A 1 147 GLY 147 147 ?   ?   ?   A . n 
A 1 148 VAL 148 148 ?   ?   ?   A . n 
A 1 149 ASN 149 149 ?   ?   ?   A . n 
A 1 150 ASN 150 150 ?   ?   ?   A . n 
A 1 151 GLY 151 151 ?   ?   ?   A . n 
A 1 152 ASN 152 152 ?   ?   ?   A . n 
A 1 153 PRO 153 153 ?   ?   ?   A . n 
A 1 154 LEU 154 154 ?   ?   ?   A . n 
A 1 155 ASP 155 155 ?   ?   ?   A . n 
A 1 156 ALA 156 156 ?   ?   ?   A . n 
A 1 157 VAL 157 157 ?   ?   ?   A . n 
A 1 158 GLN 158 158 ?   ?   ?   A . n 
A 1 159 GLN 159 159 ?   ?   ?   A . n 
# 
loop_
_pdbx_nonpoly_scheme.asym_id 
_pdbx_nonpoly_scheme.entity_id 
_pdbx_nonpoly_scheme.mon_id 
_pdbx_nonpoly_scheme.ndb_seq_num 
_pdbx_nonpoly_scheme.pdb_seq_num 
_pdbx_nonpoly_scheme.auth_seq_num 
_pdbx_nonpoly_scheme.pdb_mon_id 
_pdbx_nonpoly_scheme.auth_mon_id 
_pdbx_nonpoly_scheme.pdb_strand_id 
_pdbx_nonpoly_scheme.pdb_ins_code 
B 2 4IR 1  400 400 4IR 4IR A . 
C 3 IR  1  401 401 IR  IR  A . 
D 3 IR  1  402 402 IR  IR  A . 
E 3 IR  1  403 403 IR  IR  A . 
F 4 HOH 1  501 12  HOH HOH A . 
F 4 HOH 2  502 7   HOH HOH A . 
F 4 HOH 3  503 17  HOH HOH A . 
F 4 HOH 4  504 16  HOH HOH A . 
F 4 HOH 5  505 14  HOH HOH A . 
F 4 HOH 6  506 10  HOH HOH A . 
F 4 HOH 7  507 4   HOH HOH A . 
F 4 HOH 8  508 5   HOH HOH A . 
F 4 HOH 9  509 1   HOH HOH A . 
F 4 HOH 10 510 3   HOH HOH A . 
F 4 HOH 11 511 8   HOH HOH A . 
F 4 HOH 12 512 9   HOH HOH A . 
F 4 HOH 13 513 11  HOH HOH A . 
F 4 HOH 14 514 2   HOH HOH A . 
F 4 HOH 15 515 6   HOH HOH A . 
F 4 HOH 16 516 18  HOH HOH A . 
F 4 HOH 17 517 19  HOH HOH A . 
F 4 HOH 18 518 13  HOH HOH A . 
F 4 HOH 19 519 15  HOH HOH A . 
# 
_pdbx_unobs_or_zero_occ_atoms.id               1 
_pdbx_unobs_or_zero_occ_atoms.PDB_model_num    1 
_pdbx_unobs_or_zero_occ_atoms.polymer_flag     N 
_pdbx_unobs_or_zero_occ_atoms.occupancy_flag   1 
_pdbx_unobs_or_zero_occ_atoms.auth_asym_id     A 
_pdbx_unobs_or_zero_occ_atoms.auth_comp_id     4IR 
_pdbx_unobs_or_zero_occ_atoms.auth_seq_id      400 
_pdbx_unobs_or_zero_occ_atoms.PDB_ins_code     ? 
_pdbx_unobs_or_zero_occ_atoms.auth_atom_id     CL1 
_pdbx_unobs_or_zero_occ_atoms.label_alt_id     ? 
_pdbx_unobs_or_zero_occ_atoms.label_asym_id    B 
_pdbx_unobs_or_zero_occ_atoms.label_comp_id    4IR 
_pdbx_unobs_or_zero_occ_atoms.label_seq_id     1 
_pdbx_unobs_or_zero_occ_atoms.label_atom_id    CL1 
# 
loop_
_software.citation_id 
_software.classification 
_software.compiler_name 
_software.compiler_version 
_software.contact_author 
_software.contact_author_email 
_software.date 
_software.description 
_software.dependencies 
_software.hardware 
_software.language 
_software.location 
_software.mods 
_software.name 
_software.os 
_software.os_version 
_software.type 
_software.version 
_software.pdbx_ordinal 
? refinement       ? ? ? ? ? ? ? ? ? ? ? REFMAC ? ? ? 5.8.0158 1 
? 'data reduction' ? ? ? ? ? ? ? ? ? ? ? XDS    ? ? ? .        2 
? 'data scaling'   ? ? ? ? ? ? ? ? ? ? ? XSCALE ? ? ? .        3 
? phasing          ? ? ? ? ? ? ? ? ? ? ? PHASER ? ? ? .        4 
# 
_cell.angle_alpha                  90.00 
_cell.angle_alpha_esd              ? 
_cell.angle_beta                   90.00 
_cell.angle_beta_esd               ? 
_cell.angle_gamma                  90.00 
_cell.angle_gamma_esd              ? 
_cell.entry_id                     6ESS 
_cell.details                      ? 
_cell.formula_units_Z              ? 
_cell.length_a                     58.079 
_cell.length_a_esd                 ? 
_cell.length_b                     58.079 
_cell.length_b_esd                 ? 
_cell.length_c                     185.125 
_cell.length_c_esd                 ? 
_cell.volume                       ? 
_cell.volume_esd                   ? 
_cell.Z_PDB                        16 
_cell.reciprocal_angle_alpha       ? 
_cell.reciprocal_angle_beta        ? 
_cell.reciprocal_angle_gamma       ? 
_cell.reciprocal_angle_alpha_esd   ? 
_cell.reciprocal_angle_beta_esd    ? 
_cell.reciprocal_angle_gamma_esd   ? 
_cell.reciprocal_length_a          ? 
_cell.reciprocal_length_b          ? 
_cell.reciprocal_length_c          ? 
_cell.reciprocal_length_a_esd      ? 
_cell.reciprocal_length_b_esd      ? 
_cell.reciprocal_length_c_esd      ? 
_cell.pdbx_unique_axis             ? 
# 
_symmetry.entry_id                         6ESS 
_symmetry.cell_setting                     ? 
_symmetry.Int_Tables_number                98 
_symmetry.space_group_name_Hall            ? 
_symmetry.space_group_name_H-M             'I 41 2 2' 
_symmetry.pdbx_full_space_group_name_H-M   ? 
# 
_exptl.absorpt_coefficient_mu     ? 
_exptl.absorpt_correction_T_max   ? 
_exptl.absorpt_correction_T_min   ? 
_exptl.absorpt_correction_type    ? 
_exptl.absorpt_process_details    ? 
_exptl.entry_id                   6ESS 
_exptl.crystals_number            1 
_exptl.details                    ? 
_exptl.method                     'X-RAY DIFFRACTION' 
_exptl.method_details             ? 
# 
_exptl_crystal.colour                      ? 
_exptl_crystal.density_diffrn              ? 
_exptl_crystal.density_Matthews            2.36 
_exptl_crystal.density_method              ? 
_exptl_crystal.density_percent_sol         47.93 
_exptl_crystal.description                 ? 
_exptl_crystal.F_000                       ? 
_exptl_crystal.id                          1 
_exptl_crystal.preparation                 ? 
_exptl_crystal.size_max                    ? 
_exptl_crystal.size_mid                    ? 
_exptl_crystal.size_min                    ? 
_exptl_crystal.size_rad                    ? 
_exptl_crystal.colour_lustre               ? 
_exptl_crystal.colour_modifier             ? 
_exptl_crystal.colour_primary              ? 
_exptl_crystal.density_meas                ? 
_exptl_crystal.density_meas_esd            ? 
_exptl_crystal.density_meas_gt             ? 
_exptl_crystal.density_meas_lt             ? 
_exptl_crystal.density_meas_temp           ? 
_exptl_crystal.density_meas_temp_esd       ? 
_exptl_crystal.density_meas_temp_gt        ? 
_exptl_crystal.density_meas_temp_lt        ? 
_exptl_crystal.pdbx_crystal_image_url      ? 
_exptl_crystal.pdbx_crystal_image_format   ? 
_exptl_crystal.pdbx_mosaicity              ? 
_exptl_crystal.pdbx_mosaicity_esd          ? 
# 
_exptl_crystal_grow.apparatus       ? 
_exptl_crystal_grow.atmosphere      ? 
_exptl_crystal_grow.crystal_id      1 
_exptl_crystal_grow.details         ? 
_exptl_crystal_grow.method          'VAPOR DIFFUSION, SITTING DROP' 
_exptl_crystal_grow.method_ref      ? 
_exptl_crystal_grow.pH              4.0 
_exptl_crystal_grow.pressure        ? 
_exptl_crystal_grow.pressure_esd    ? 
_exptl_crystal_grow.seeding         ? 
_exptl_crystal_grow.seeding_ref     ? 
_exptl_crystal_grow.temp            295 
_exptl_crystal_grow.temp_details    ? 
_exptl_crystal_grow.temp_esd        ? 
_exptl_crystal_grow.time            ? 
_exptl_crystal_grow.pdbx_details    '2.0 M ammonium sulfate, 0.1 M sodium acetate, pH 4.0' 
_exptl_crystal_grow.pdbx_pH_range   ? 
# 
_diffrn.ambient_environment    ? 
_diffrn.ambient_temp           100 
_diffrn.ambient_temp_details   ? 
_diffrn.ambient_temp_esd       ? 
_diffrn.crystal_id             1 
_diffrn.crystal_support        ? 
_diffrn.crystal_treatment      ? 
_diffrn.details                ? 
_diffrn.id                     1 
_diffrn.ambient_pressure       ? 
_diffrn.ambient_pressure_esd   ? 
_diffrn.ambient_pressure_gt    ? 
_diffrn.ambient_pressure_lt    ? 
_diffrn.ambient_temp_gt        ? 
_diffrn.ambient_temp_lt        ? 
# 
_diffrn_detector.details                      ? 
_diffrn_detector.detector                     PIXEL 
_diffrn_detector.diffrn_id                    1 
_diffrn_detector.type                         'DECTRIS PILATUS 2M' 
_diffrn_detector.area_resol_mean              ? 
_diffrn_detector.dtime                        ? 
_diffrn_detector.pdbx_frames_total            ? 
_diffrn_detector.pdbx_collection_time_total   ? 
_diffrn_detector.pdbx_collection_date         2017-02-08 
# 
_diffrn_radiation.collimation                      ? 
_diffrn_radiation.diffrn_id                        1 
_diffrn_radiation.filter_edge                      ? 
_diffrn_radiation.inhomogeneity                    ? 
_diffrn_radiation.monochromator                    ? 
_diffrn_radiation.polarisn_norm                    ? 
_diffrn_radiation.polarisn_ratio                   ? 
_diffrn_radiation.probe                            ? 
_diffrn_radiation.type                             ? 
_diffrn_radiation.xray_symbol                      ? 
_diffrn_radiation.wavelength_id                    1 
_diffrn_radiation.pdbx_monochromatic_or_laue_m_l   M 
_diffrn_radiation.pdbx_wavelength_list             ? 
_diffrn_radiation.pdbx_wavelength                  ? 
_diffrn_radiation.pdbx_diffrn_protocol             'SINGLE WAVELENGTH' 
_diffrn_radiation.pdbx_analyzer                    ? 
_diffrn_radiation.pdbx_scattering_type             x-ray 
# 
_diffrn_radiation_wavelength.id           1 
_diffrn_radiation_wavelength.wavelength   1.0000 
_diffrn_radiation_wavelength.wt           1.0 
# 
_diffrn_source.current                     ? 
_diffrn_source.details                     ? 
_diffrn_source.diffrn_id                   1 
_diffrn_source.power                       ? 
_diffrn_source.size                        ? 
_diffrn_source.source                      SYNCHROTRON 
_diffrn_source.target                      ? 
_diffrn_source.type                        'SLS BEAMLINE X06DA' 
_diffrn_source.voltage                     ? 
_diffrn_source.take-off_angle              ? 
_diffrn_source.pdbx_wavelength_list        1.0000 
_diffrn_source.pdbx_wavelength             ? 
_diffrn_source.pdbx_synchrotron_beamline   X06DA 
_diffrn_source.pdbx_synchrotron_site       SLS 
# 
_reflns.B_iso_Wilson_estimate            ? 
_reflns.entry_id                         6ESS 
_reflns.data_reduction_details           ? 
_reflns.data_reduction_method            ? 
_reflns.d_resolution_high                1.91 
_reflns.d_resolution_low                 46.3 
_reflns.details                          ? 
_reflns.limit_h_max                      ? 
_reflns.limit_h_min                      ? 
_reflns.limit_k_max                      ? 
_reflns.limit_k_min                      ? 
_reflns.limit_l_max                      ? 
_reflns.limit_l_min                      ? 
_reflns.number_all                       ? 
_reflns.number_obs                       12759 
_reflns.observed_criterion               ? 
_reflns.observed_criterion_F_max         ? 
_reflns.observed_criterion_F_min         ? 
_reflns.observed_criterion_I_max         ? 
_reflns.observed_criterion_I_min         ? 
_reflns.observed_criterion_sigma_F       ? 
_reflns.observed_criterion_sigma_I       ? 
_reflns.percent_possible_obs             99.6 
_reflns.R_free_details                   ? 
_reflns.Rmerge_F_all                     ? 
_reflns.Rmerge_F_obs                     ? 
_reflns.Friedel_coverage                 ? 
_reflns.number_gt                        ? 
_reflns.threshold_expression             ? 
_reflns.pdbx_redundancy                  11.2 
_reflns.pdbx_Rmerge_I_obs                0.082 
_reflns.pdbx_Rmerge_I_all                ? 
_reflns.pdbx_Rsym_value                  ? 
_reflns.pdbx_netI_over_av_sigmaI         ? 
_reflns.pdbx_netI_over_sigmaI            10.2 
_reflns.pdbx_res_netI_over_av_sigmaI_2   ? 
_reflns.pdbx_res_netI_over_sigmaI_2      ? 
_reflns.pdbx_chi_squared                 ? 
_reflns.pdbx_scaling_rejects             ? 
_reflns.pdbx_d_res_high_opt              ? 
_reflns.pdbx_d_res_low_opt               ? 
_reflns.pdbx_d_res_opt_method            ? 
_reflns.phase_calculation_details        ? 
_reflns.pdbx_Rrim_I_all                  ? 
_reflns.pdbx_Rpim_I_all                  ? 
_reflns.pdbx_d_opt                       ? 
_reflns.pdbx_number_measured_all         ? 
_reflns.pdbx_diffrn_id                   1 
_reflns.pdbx_ordinal                     1 
_reflns.pdbx_CC_half                     ? 
_reflns.pdbx_R_split                     ? 
# 
_reflns_shell.d_res_high                  1.78 
_reflns_shell.d_res_low                   1.81 
_reflns_shell.meanI_over_sigI_all         ? 
_reflns_shell.meanI_over_sigI_obs         1.6 
_reflns_shell.number_measured_all         ? 
_reflns_shell.number_measured_obs         ? 
_reflns_shell.number_possible             ? 
_reflns_shell.number_unique_all           ? 
_reflns_shell.number_unique_obs           824 
_reflns_shell.percent_possible_all        98.0 
_reflns_shell.percent_possible_obs        ? 
_reflns_shell.Rmerge_F_all                ? 
_reflns_shell.Rmerge_F_obs                ? 
_reflns_shell.Rmerge_I_all                ? 
_reflns_shell.Rmerge_I_obs                2.44 
_reflns_shell.meanI_over_sigI_gt          ? 
_reflns_shell.meanI_over_uI_all           ? 
_reflns_shell.meanI_over_uI_gt            ? 
_reflns_shell.number_measured_gt          ? 
_reflns_shell.number_unique_gt            ? 
_reflns_shell.percent_possible_gt         ? 
_reflns_shell.Rmerge_F_gt                 ? 
_reflns_shell.Rmerge_I_gt                 ? 
_reflns_shell.pdbx_redundancy             ? 
_reflns_shell.pdbx_Rsym_value             ? 
_reflns_shell.pdbx_chi_squared            ? 
_reflns_shell.pdbx_netI_over_sigmaI_all   ? 
_reflns_shell.pdbx_netI_over_sigmaI_obs   ? 
_reflns_shell.pdbx_Rrim_I_all             ? 
_reflns_shell.pdbx_Rpim_I_all             ? 
_reflns_shell.pdbx_rejects                ? 
_reflns_shell.pdbx_ordinal                1 
_reflns_shell.pdbx_diffrn_id              1 
_reflns_shell.pdbx_CC_half                0.686 
_reflns_shell.pdbx_R_split                ? 
# 
_refine.aniso_B[1][1]                            0.07 
_refine.aniso_B[1][2]                            0.00 
_refine.aniso_B[1][3]                            0.00 
_refine.aniso_B[2][2]                            0.07 
_refine.aniso_B[2][3]                            0.00 
_refine.aniso_B[3][3]                            -0.14 
_refine.B_iso_max                                ? 
_refine.B_iso_mean                               32.164 
_refine.B_iso_min                                ? 
_refine.correlation_coeff_Fo_to_Fc               0.891 
_refine.correlation_coeff_Fo_to_Fc_free          0.876 
_refine.details                                  'HYDROGENS HAVE BEEN ADDED IN THE RIDING POSITIONS' 
_refine.diff_density_max                         ? 
_refine.diff_density_max_esd                     ? 
_refine.diff_density_min                         ? 
_refine.diff_density_min_esd                     ? 
_refine.diff_density_rms                         ? 
_refine.diff_density_rms_esd                     ? 
_refine.entry_id                                 6ESS 
_refine.pdbx_refine_id                           'X-RAY DIFFRACTION' 
_refine.ls_abs_structure_details                 ? 
_refine.ls_abs_structure_Flack                   ? 
_refine.ls_abs_structure_Flack_esd               ? 
_refine.ls_abs_structure_Rogers                  ? 
_refine.ls_abs_structure_Rogers_esd              ? 
_refine.ls_d_res_high                            1.91 
_refine.ls_d_res_low                             46.3 
_refine.ls_extinction_coef                       ? 
_refine.ls_extinction_coef_esd                   ? 
_refine.ls_extinction_expression                 ? 
_refine.ls_extinction_method                     ? 
_refine.ls_goodness_of_fit_all                   ? 
_refine.ls_goodness_of_fit_all_esd               ? 
_refine.ls_goodness_of_fit_obs                   ? 
_refine.ls_goodness_of_fit_obs_esd               ? 
_refine.ls_hydrogen_treatment                    ? 
_refine.ls_matrix_type                           ? 
_refine.ls_number_constraints                    ? 
_refine.ls_number_parameters                     ? 
_refine.ls_number_reflns_all                     ? 
_refine.ls_number_reflns_obs                     11512 
_refine.ls_number_reflns_R_free                  627 
_refine.ls_number_reflns_R_work                  ? 
_refine.ls_number_restraints                     ? 
_refine.ls_percent_reflns_obs                    94.90 
_refine.ls_percent_reflns_R_free                 5.2 
_refine.ls_R_factor_all                          ? 
_refine.ls_R_factor_obs                          0.27806 
_refine.ls_R_factor_R_free                       0.32697 
_refine.ls_R_factor_R_free_error                 ? 
_refine.ls_R_factor_R_free_error_details         ? 
_refine.ls_R_factor_R_work                       0.27550 
_refine.ls_R_Fsqd_factor_obs                     ? 
_refine.ls_R_I_factor_obs                        ? 
_refine.ls_redundancy_reflns_all                 ? 
_refine.ls_redundancy_reflns_obs                 ? 
_refine.ls_restrained_S_all                      ? 
_refine.ls_restrained_S_obs                      ? 
_refine.ls_shift_over_esd_max                    ? 
_refine.ls_shift_over_esd_mean                   ? 
_refine.ls_structure_factor_coef                 ? 
_refine.ls_weighting_details                     ? 
_refine.ls_weighting_scheme                      ? 
_refine.ls_wR_factor_all                         ? 
_refine.ls_wR_factor_obs                         ? 
_refine.ls_wR_factor_R_free                      ? 
_refine.ls_wR_factor_R_work                      ? 
_refine.occupancy_max                            ? 
_refine.occupancy_min                            ? 
_refine.solvent_model_details                    ? 
_refine.solvent_model_param_bsol                 ? 
_refine.solvent_model_param_ksol                 ? 
_refine.ls_R_factor_gt                           ? 
_refine.ls_goodness_of_fit_gt                    ? 
_refine.ls_goodness_of_fit_ref                   ? 
_refine.ls_shift_over_su_max                     ? 
_refine.ls_shift_over_su_max_lt                  ? 
_refine.ls_shift_over_su_mean                    ? 
_refine.ls_shift_over_su_mean_lt                 ? 
_refine.pdbx_ls_sigma_I                          ? 
_refine.pdbx_ls_sigma_F                          ? 
_refine.pdbx_ls_sigma_Fsqd                       ? 
_refine.pdbx_data_cutoff_high_absF               ? 
_refine.pdbx_data_cutoff_high_rms_absF           ? 
_refine.pdbx_data_cutoff_low_absF                ? 
_refine.pdbx_isotropic_thermal_model             ? 
_refine.pdbx_ls_cross_valid_method               THROUGHOUT 
_refine.pdbx_method_to_determine_struct          ? 
_refine.pdbx_starting_model                      ? 
_refine.pdbx_stereochemistry_target_values       ? 
_refine.pdbx_R_Free_selection_details            RANDOM 
_refine.pdbx_stereochem_target_val_spec_case     ? 
_refine.pdbx_overall_ESU_R                       0.197 
_refine.pdbx_overall_ESU_R_Free                  0.190 
_refine.pdbx_solvent_vdw_probe_radii             1.20 
_refine.pdbx_solvent_ion_probe_radii             0.80 
_refine.pdbx_solvent_shrinkage_radii             0.80 
_refine.pdbx_real_space_R                        ? 
_refine.pdbx_density_correlation                 ? 
_refine.pdbx_pd_number_of_powder_patterns        ? 
_refine.pdbx_pd_number_of_points                 ? 
_refine.pdbx_pd_meas_number_of_points            ? 
_refine.pdbx_pd_proc_ls_prof_R_factor            ? 
_refine.pdbx_pd_proc_ls_prof_wR_factor           ? 
_refine.pdbx_pd_Marquardt_correlation_coeff      ? 
_refine.pdbx_pd_Fsqrd_R_factor                   ? 
_refine.pdbx_pd_ls_matrix_band_width             ? 
_refine.pdbx_overall_phase_error                 ? 
_refine.pdbx_overall_SU_R_free_Cruickshank_DPI   ? 
_refine.pdbx_overall_SU_R_free_Blow_DPI          ? 
_refine.pdbx_overall_SU_R_Blow_DPI               ? 
_refine.pdbx_TLS_residual_ADP_flag               ? 
_refine.pdbx_diffrn_id                           1 
_refine.overall_SU_B                             7.825 
_refine.overall_SU_ML                            0.192 
_refine.overall_SU_R_Cruickshank_DPI             ? 
_refine.overall_SU_R_free                        ? 
_refine.overall_FOM_free_R_set                   ? 
_refine.overall_FOM_work_R_set                   ? 
_refine.pdbx_average_fsc_overall                 ? 
_refine.pdbx_average_fsc_work                    ? 
_refine.pdbx_average_fsc_free                    ? 
# 
_refine_hist.pdbx_refine_id                   'X-RAY DIFFRACTION' 
_refine_hist.cycle_id                         1 
_refine_hist.pdbx_number_atoms_protein        909 
_refine_hist.pdbx_number_atoms_nucleic_acid   0 
_refine_hist.pdbx_number_atoms_ligand         43 
_refine_hist.number_atoms_solvent             19 
_refine_hist.number_atoms_total               971 
_refine_hist.d_res_high                       1.91 
_refine_hist.d_res_low                        46.3 
# 
loop_
_refine_ls_restr.pdbx_refine_id 
_refine_ls_restr.criterion 
_refine_ls_restr.dev_ideal 
_refine_ls_restr.dev_ideal_target 
_refine_ls_restr.number 
_refine_ls_restr.rejects 
_refine_ls_restr.type 
_refine_ls_restr.weight 
_refine_ls_restr.pdbx_restraint_function 
'X-RAY DIFFRACTION' ? 0.019  0.020  1000 ? r_bond_refined_d             ? ? 
'X-RAY DIFFRACTION' ? 0.002  0.020  818  ? r_bond_other_d               ? ? 
'X-RAY DIFFRACTION' ? 2.628  1.969  1404 ? r_angle_refined_deg          ? ? 
'X-RAY DIFFRACTION' ? 1.054  3.000  1884 ? r_angle_other_deg            ? ? 
'X-RAY DIFFRACTION' ? 7.907  5.000  125  ? r_dihedral_angle_1_deg       ? ? 
'X-RAY DIFFRACTION' ? 29.452 23.500 40   ? r_dihedral_angle_2_deg       ? ? 
'X-RAY DIFFRACTION' ? 17.012 15.000 127  ? r_dihedral_angle_3_deg       ? ? 
'X-RAY DIFFRACTION' ? 22.532 15.000 5    ? r_dihedral_angle_4_deg       ? ? 
'X-RAY DIFFRACTION' ? 0.112  0.200  145  ? r_chiral_restr               ? ? 
'X-RAY DIFFRACTION' ? 0.008  0.020  1138 ? r_gen_planes_refined         ? ? 
'X-RAY DIFFRACTION' ? 0.002  0.020  217  ? r_gen_planes_other           ? ? 
'X-RAY DIFFRACTION' ? ?      ?      ?    ? r_nbd_refined                ? ? 
'X-RAY DIFFRACTION' ? ?      ?      ?    ? r_nbd_other                  ? ? 
'X-RAY DIFFRACTION' ? ?      ?      ?    ? r_nbtor_refined              ? ? 
'X-RAY DIFFRACTION' ? ?      ?      ?    ? r_nbtor_other                ? ? 
'X-RAY DIFFRACTION' ? ?      ?      ?    ? r_xyhbond_nbd_refined        ? ? 
'X-RAY DIFFRACTION' ? ?      ?      ?    ? r_xyhbond_nbd_other          ? ? 
'X-RAY DIFFRACTION' ? ?      ?      ?    ? r_metal_ion_refined          ? ? 
'X-RAY DIFFRACTION' ? ?      ?      ?    ? r_metal_ion_other            ? ? 
'X-RAY DIFFRACTION' ? ?      ?      ?    ? r_symmetry_vdw_refined       ? ? 
'X-RAY DIFFRACTION' ? ?      ?      ?    ? r_symmetry_vdw_other         ? ? 
'X-RAY DIFFRACTION' ? ?      ?      ?    ? r_symmetry_hbond_refined     ? ? 
'X-RAY DIFFRACTION' ? ?      ?      ?    ? r_symmetry_hbond_other       ? ? 
'X-RAY DIFFRACTION' ? ?      ?      ?    ? r_symmetry_metal_ion_refined ? ? 
'X-RAY DIFFRACTION' ? ?      ?      ?    ? r_symmetry_metal_ion_other   ? ? 
'X-RAY DIFFRACTION' ? 3.139  3.203  497  ? r_mcbond_it                  ? ? 
'X-RAY DIFFRACTION' ? 3.122  3.198  496  ? r_mcbond_other               ? ? 
'X-RAY DIFFRACTION' ? 4.881  4.784  623  ? r_mcangle_it                 ? ? 
'X-RAY DIFFRACTION' ? 4.878  4.789  624  ? r_mcangle_other              ? ? 
'X-RAY DIFFRACTION' ? 3.920  3.485  502  ? r_scbond_it                  ? ? 
'X-RAY DIFFRACTION' ? 2.748  3.248  455  ? r_scbond_other               ? ? 
'X-RAY DIFFRACTION' ? ?      ?      ?    ? r_scangle_it                 ? ? 
'X-RAY DIFFRACTION' ? 4.313  4.794  684  ? r_scangle_other              ? ? 
'X-RAY DIFFRACTION' ? 7.918  37.111 1106 ? r_long_range_B_refined       ? ? 
'X-RAY DIFFRACTION' ? 7.367  36.340 1061 ? r_long_range_B_other         ? ? 
'X-RAY DIFFRACTION' ? ?      ?      ?    ? r_rigid_bond_restr           ? ? 
'X-RAY DIFFRACTION' ? ?      ?      ?    ? r_sphericity_free            ? ? 
'X-RAY DIFFRACTION' ? ?      ?      ?    ? r_sphericity_bonded          ? ? 
# 
_refine_ls_shell.pdbx_refine_id                   'X-RAY DIFFRACTION' 
_refine_ls_shell.d_res_high                       1.911 
_refine_ls_shell.d_res_low                        1.961 
_refine_ls_shell.number_reflns_all                ? 
_refine_ls_shell.number_reflns_obs                ? 
_refine_ls_shell.number_reflns_R_free             45 
_refine_ls_shell.number_reflns_R_work             704 
_refine_ls_shell.percent_reflns_obs               82.22 
_refine_ls_shell.percent_reflns_R_free            ? 
_refine_ls_shell.R_factor_all                     ? 
_refine_ls_shell.R_factor_obs                     ? 
_refine_ls_shell.R_factor_R_free                  0.679 
_refine_ls_shell.R_factor_R_free_error            ? 
_refine_ls_shell.R_factor_R_work                  0.656 
_refine_ls_shell.redundancy_reflns_all            ? 
_refine_ls_shell.redundancy_reflns_obs            ? 
_refine_ls_shell.wR_factor_all                    ? 
_refine_ls_shell.wR_factor_obs                    ? 
_refine_ls_shell.wR_factor_R_free                 ? 
_refine_ls_shell.wR_factor_R_work                 ? 
_refine_ls_shell.pdbx_total_number_of_bins_used   20 
_refine_ls_shell.pdbx_phase_error                 ? 
_refine_ls_shell.pdbx_fsc_work                    ? 
_refine_ls_shell.pdbx_fsc_free                    ? 
# 
_struct.entry_id                     6ESS 
_struct.title                        'Artificial imine reductase mutant S112A-N118P-K121A-S122M' 
_struct.pdbx_model_details           ? 
_struct.pdbx_formula_weight          ? 
_struct.pdbx_formula_weight_method   ? 
_struct.pdbx_model_type_details      ? 
_struct.pdbx_CASP_flag               N 
# 
_struct_keywords.entry_id        6ESS 
_struct_keywords.text            'streptavidin, beta-barrel, biotin-binding protein' 
_struct_keywords.pdbx_keywords   'biotin-binding protein' 
# 
loop_
_struct_asym.id 
_struct_asym.pdbx_blank_PDB_chainid_flag 
_struct_asym.pdbx_modified 
_struct_asym.entity_id 
_struct_asym.details 
A N N 1 ? 
B N N 2 ? 
C N N 3 ? 
D N N 3 ? 
E N N 3 ? 
F N N 4 ? 
# 
_struct_ref.id                         1 
_struct_ref.db_name                    UNP 
_struct_ref.db_code                    SAV_STRAV 
_struct_ref.pdbx_db_accession          P22629 
_struct_ref.pdbx_db_isoform            ? 
_struct_ref.entity_id                  1 
_struct_ref.pdbx_seq_one_letter_code   
;EAGITGTWYNQLGSTFIVTAGADGALTGTYESAVGNAESRYVLTGRYDSAPATDGSGTALGWTVAWKNNYRNAHSATTWS
GQYVGGAEARINTQWLLTSGTTEANAWKSTLVGHDTFTKVKPSAASIDAAKKAGVNNGNPLDAVQQ
;
_struct_ref.pdbx_align_begin           38 
# 
_struct_ref_seq.align_id                      1 
_struct_ref_seq.ref_id                        1 
_struct_ref_seq.pdbx_PDB_id_code              6ESS 
_struct_ref_seq.pdbx_strand_id                A 
_struct_ref_seq.seq_align_beg                 14 
_struct_ref_seq.pdbx_seq_align_beg_ins_code   ? 
_struct_ref_seq.seq_align_end                 159 
_struct_ref_seq.pdbx_seq_align_end_ins_code   ? 
_struct_ref_seq.pdbx_db_accession             P22629 
_struct_ref_seq.db_align_beg                  38 
_struct_ref_seq.pdbx_db_align_beg_ins_code    ? 
_struct_ref_seq.db_align_end                  183 
_struct_ref_seq.pdbx_db_align_end_ins_code    ? 
_struct_ref_seq.pdbx_auth_seq_align_beg       14 
_struct_ref_seq.pdbx_auth_seq_align_end       159 
# 
loop_
_struct_ref_seq_dif.align_id 
_struct_ref_seq_dif.pdbx_pdb_id_code 
_struct_ref_seq_dif.mon_id 
_struct_ref_seq_dif.pdbx_pdb_strand_id 
_struct_ref_seq_dif.seq_num 
_struct_ref_seq_dif.pdbx_pdb_ins_code 
_struct_ref_seq_dif.pdbx_seq_db_name 
_struct_ref_seq_dif.pdbx_seq_db_accession_code 
_struct_ref_seq_dif.db_mon_id 
_struct_ref_seq_dif.pdbx_seq_db_seq_num 
_struct_ref_seq_dif.details 
_struct_ref_seq_dif.pdbx_auth_seq_num 
_struct_ref_seq_dif.pdbx_ordinal 
1 6ESS MET A 1   ? UNP P22629 ?   ?   'initiating methionine' 1   1  
1 6ESS ALA A 2   ? UNP P22629 ?   ?   'expression tag'        2   2  
1 6ESS SER A 3   ? UNP P22629 ?   ?   'expression tag'        3   3  
1 6ESS MET A 4   ? UNP P22629 ?   ?   'expression tag'        4   4  
1 6ESS THR A 5   ? UNP P22629 ?   ?   'expression tag'        5   5  
1 6ESS GLY A 6   ? UNP P22629 ?   ?   'expression tag'        6   6  
1 6ESS GLY A 7   ? UNP P22629 ?   ?   'expression tag'        7   7  
1 6ESS GLN A 8   ? UNP P22629 ?   ?   'expression tag'        8   8  
1 6ESS GLN A 9   ? UNP P22629 ?   ?   'expression tag'        9   9  
1 6ESS MET A 10  ? UNP P22629 ?   ?   'expression tag'        10  10 
1 6ESS GLY A 11  ? UNP P22629 ?   ?   'expression tag'        11  11 
1 6ESS ARG A 12  ? UNP P22629 ?   ?   'expression tag'        12  12 
1 6ESS ASP A 13  ? UNP P22629 ?   ?   'expression tag'        13  13 
1 6ESS ALA A 112 ? UNP P22629 SER 136 'engineered mutation'   112 14 
1 6ESS PRO A 118 ? UNP P22629 ASN 142 'engineered mutation'   118 15 
1 6ESS ALA A 121 ? UNP P22629 LYS 145 'engineered mutation'   121 16 
1 6ESS MET A 122 ? UNP P22629 SER 146 'engineered mutation'   122 17 
# 
_pdbx_struct_assembly.id                   1 
_pdbx_struct_assembly.details              author_and_software_defined_assembly 
_pdbx_struct_assembly.method_details       PISA 
_pdbx_struct_assembly.oligomeric_details   tetrameric 
_pdbx_struct_assembly.oligomeric_count     4 
# 
loop_
_pdbx_struct_assembly_prop.biol_id 
_pdbx_struct_assembly_prop.type 
_pdbx_struct_assembly_prop.value 
_pdbx_struct_assembly_prop.details 
1 'ABSA (A^2)' 11890 ? 
1 MORE         -140  ? 
1 'SSA (A^2)'  17750 ? 
# 
_pdbx_struct_assembly_gen.assembly_id       1 
_pdbx_struct_assembly_gen.oper_expression   1,2,3,4 
_pdbx_struct_assembly_gen.asym_id_list      A,B,C,D,E,F 
# 
_pdbx_struct_assembly_auth_evidence.id                     1 
_pdbx_struct_assembly_auth_evidence.assembly_id            1 
_pdbx_struct_assembly_auth_evidence.experimental_support   'mass spectrometry' 
_pdbx_struct_assembly_auth_evidence.details                ? 
# 
loop_
_pdbx_struct_oper_list.id 
_pdbx_struct_oper_list.type 
_pdbx_struct_oper_list.name 
_pdbx_struct_oper_list.symmetry_operation 
_pdbx_struct_oper_list.matrix[1][1] 
_pdbx_struct_oper_list.matrix[1][2] 
_pdbx_struct_oper_list.matrix[1][3] 
_pdbx_struct_oper_list.vector[1] 
_pdbx_struct_oper_list.matrix[2][1] 
_pdbx_struct_oper_list.matrix[2][2] 
_pdbx_struct_oper_list.matrix[2][3] 
_pdbx_struct_oper_list.vector[2] 
_pdbx_struct_oper_list.matrix[3][1] 
_pdbx_struct_oper_list.matrix[3][2] 
_pdbx_struct_oper_list.matrix[3][3] 
_pdbx_struct_oper_list.vector[3] 
1 'identity operation'         1_555  x,y,z        1.0000000000  0.0000000000  0.0000000000  0.0000000000   0.0000000000  1.0000000000  0.0000000000  0.0000000000  0.0000000000  0.0000000000  1.0000000000  0.0000000000  
2 'crystal symmetry operation' 8_665  -y+1,-x+1,-z 0.3080364369  -0.0651236164 0.9491430177  -16.4260921117 -0.0651236164 -0.9967576703 -0.0472552783 -1.1834637983 0.9491430177  -0.0472552783 -0.3112787666 22.5559848776 
3 'crystal symmetry operation' 10_665 -x+1,-y+1,z  -0.9873852343 -0.1558271799 -0.0280764882 -28.2885830364 -0.1558271799 0.9248958306  0.3468221340  -4.6287807849 -0.0280764882 0.3468221340  -0.9375105963 12.9801136540 
4 'crystal symmetry operation' 15_555 y,x,-z       -0.3206512026 0.2209507963  -0.9210665296 -12.5185792456 0.2209507963  -0.9281381603 -0.2995668557 4.6591849016  -0.9210665296 -0.2995668557 0.2487893629  -8.1156256377 
# 
loop_
_struct_conf.conf_type_id 
_struct_conf.id 
_struct_conf.pdbx_PDB_helix_id 
_struct_conf.beg_label_comp_id 
_struct_conf.beg_label_asym_id 
_struct_conf.beg_label_seq_id 
_struct_conf.pdbx_beg_PDB_ins_code 
_struct_conf.end_label_comp_id 
_struct_conf.end_label_asym_id 
_struct_conf.end_label_seq_id 
_struct_conf.pdbx_end_PDB_ins_code 
_struct_conf.beg_auth_comp_id 
_struct_conf.beg_auth_asym_id 
_struct_conf.beg_auth_seq_id 
_struct_conf.end_auth_comp_id 
_struct_conf.end_auth_asym_id 
_struct_conf.end_auth_seq_id 
_struct_conf.pdbx_PDB_helix_class 
_struct_conf.details 
_struct_conf.pdbx_PDB_helix_length 
HELX_P HELX_P1 AA1 ASP A 13  ? THR A 18  ? ASP A 13  THR A 18  1 ? 6 
HELX_P HELX_P2 AA2 ALA A 117 ? ALA A 121 ? ALA A 117 ALA A 121 5 ? 5 
# 
_struct_conf_type.id          HELX_P 
_struct_conf_type.criteria    ? 
_struct_conf_type.reference   ? 
# 
loop_
_struct_conn.id 
_struct_conn.conn_type_id 
_struct_conn.pdbx_leaving_atom_flag 
_struct_conn.pdbx_PDB_id 
_struct_conn.ptnr1_label_asym_id 
_struct_conn.ptnr1_label_comp_id 
_struct_conn.ptnr1_label_seq_id 
_struct_conn.ptnr1_label_atom_id 
_struct_conn.pdbx_ptnr1_label_alt_id 
_struct_conn.pdbx_ptnr1_PDB_ins_code 
_struct_conn.pdbx_ptnr1_standard_comp_id 
_struct_conn.ptnr1_symmetry 
_struct_conn.ptnr2_label_asym_id 
_struct_conn.ptnr2_label_comp_id 
_struct_conn.ptnr2_label_seq_id 
_struct_conn.ptnr2_label_atom_id 
_struct_conn.pdbx_ptnr2_label_alt_id 
_struct_conn.pdbx_ptnr2_PDB_ins_code 
_struct_conn.ptnr1_auth_asym_id 
_struct_conn.ptnr1_auth_comp_id 
_struct_conn.ptnr1_auth_seq_id 
_struct_conn.ptnr2_auth_asym_id 
_struct_conn.ptnr2_auth_comp_id 
_struct_conn.ptnr2_auth_seq_id 
_struct_conn.ptnr2_symmetry 
_struct_conn.pdbx_ptnr3_label_atom_id 
_struct_conn.pdbx_ptnr3_label_seq_id 
_struct_conn.pdbx_ptnr3_label_comp_id 
_struct_conn.pdbx_ptnr3_label_asym_id 
_struct_conn.pdbx_ptnr3_label_alt_id 
_struct_conn.pdbx_ptnr3_PDB_ins_code 
_struct_conn.details 
_struct_conn.pdbx_dist_value 
_struct_conn.pdbx_value_order 
_struct_conn.pdbx_role 
metalc1 metalc ? ? C IR . IR ? ? ? 1_555 F HOH . O ? ? A IR 401 A HOH 514 1_555 ? ? ? ? ? ? ? 2.060 ? ? 
metalc2 metalc ? ? E IR . IR ? ? ? 1_555 F HOH . O ? ? A IR 403 A HOH 509 1_555 ? ? ? ? ? ? ? 2.302 ? ? 
# 
_struct_conn_type.id          metalc 
_struct_conn_type.criteria    ? 
_struct_conn_type.reference   ? 
# 
_struct_sheet.id               AA1 
_struct_sheet.type             ? 
_struct_sheet.number_strands   9 
_struct_sheet.details          ? 
# 
loop_
_struct_sheet_order.sheet_id 
_struct_sheet_order.range_id_1 
_struct_sheet_order.range_id_2 
_struct_sheet_order.offset 
_struct_sheet_order.sense 
AA1 1 2 ? anti-parallel 
AA1 2 3 ? anti-parallel 
AA1 3 4 ? anti-parallel 
AA1 4 5 ? anti-parallel 
AA1 5 6 ? anti-parallel 
AA1 6 7 ? anti-parallel 
AA1 7 8 ? anti-parallel 
AA1 8 9 ? anti-parallel 
# 
loop_
_struct_sheet_range.sheet_id 
_struct_sheet_range.id 
_struct_sheet_range.beg_label_comp_id 
_struct_sheet_range.beg_label_asym_id 
_struct_sheet_range.beg_label_seq_id 
_struct_sheet_range.pdbx_beg_PDB_ins_code 
_struct_sheet_range.end_label_comp_id 
_struct_sheet_range.end_label_asym_id 
_struct_sheet_range.end_label_seq_id 
_struct_sheet_range.pdbx_end_PDB_ins_code 
_struct_sheet_range.beg_auth_comp_id 
_struct_sheet_range.beg_auth_asym_id 
_struct_sheet_range.beg_auth_seq_id 
_struct_sheet_range.end_auth_comp_id 
_struct_sheet_range.end_auth_asym_id 
_struct_sheet_range.end_auth_seq_id 
AA1 1 GLY A 19  ? ASN A 23  ? GLY A 19  ASN A 23  
AA1 2 THR A 28  ? ALA A 33  ? THR A 28  ALA A 33  
AA1 3 ALA A 38  ? GLU A 44  ? ALA A 38  GLU A 44  
AA1 4 TYR A 54  ? TYR A 60  ? TYR A 54  TYR A 60  
AA1 5 THR A 71  ? LYS A 80  ? THR A 71  LYS A 80  
AA1 6 ASN A 85  ? VAL A 97  ? ASN A 85  VAL A 97  
AA1 7 ARG A 103 ? ALA A 112 ? ARG A 103 ALA A 112 
AA1 8 THR A 123 ? THR A 131 ? THR A 123 THR A 131 
AA1 9 GLY A 19  ? ASN A 23  ? GLY A 19  ASN A 23  
# 
loop_
_pdbx_struct_sheet_hbond.sheet_id 
_pdbx_struct_sheet_hbond.range_id_1 
_pdbx_struct_sheet_hbond.range_id_2 
_pdbx_struct_sheet_hbond.range_1_label_atom_id 
_pdbx_struct_sheet_hbond.range_1_label_comp_id 
_pdbx_struct_sheet_hbond.range_1_label_asym_id 
_pdbx_struct_sheet_hbond.range_1_label_seq_id 
_pdbx_struct_sheet_hbond.range_1_PDB_ins_code 
_pdbx_struct_sheet_hbond.range_1_auth_atom_id 
_pdbx_struct_sheet_hbond.range_1_auth_comp_id 
_pdbx_struct_sheet_hbond.range_1_auth_asym_id 
_pdbx_struct_sheet_hbond.range_1_auth_seq_id 
_pdbx_struct_sheet_hbond.range_2_label_atom_id 
_pdbx_struct_sheet_hbond.range_2_label_comp_id 
_pdbx_struct_sheet_hbond.range_2_label_asym_id 
_pdbx_struct_sheet_hbond.range_2_label_seq_id 
_pdbx_struct_sheet_hbond.range_2_PDB_ins_code 
_pdbx_struct_sheet_hbond.range_2_auth_atom_id 
_pdbx_struct_sheet_hbond.range_2_auth_comp_id 
_pdbx_struct_sheet_hbond.range_2_auth_asym_id 
_pdbx_struct_sheet_hbond.range_2_auth_seq_id 
AA1 1 2 N TRP A 21  ? N TRP A 21  O PHE A 29  ? O PHE A 29  
AA1 2 3 N THR A 32  ? N THR A 32  O THR A 40  ? O THR A 40  
AA1 3 4 N LEU A 39  ? N LEU A 39  O GLY A 58  ? O GLY A 58  
AA1 4 5 N ARG A 59  ? N ARG A 59  O GLY A 74  ? O GLY A 74  
AA1 5 6 N TRP A 79  ? N TRP A 79  O SER A 88  ? O SER A 88  
AA1 6 7 N VAL A 97  ? N VAL A 97  O ARG A 103 ? O ARG A 103 
AA1 7 8 N TRP A 108 ? N TRP A 108 O GLY A 126 ? O GLY A 126 
AA1 8 9 O THR A 131 ? O THR A 131 N TYR A 22  ? N TYR A 22  
# 
loop_
_struct_site.id 
_struct_site.pdbx_evidence_code 
_struct_site.pdbx_auth_asym_id 
_struct_site.pdbx_auth_comp_id 
_struct_site.pdbx_auth_seq_id 
_struct_site.pdbx_auth_ins_code 
_struct_site.pdbx_num_residues 
_struct_site.details 
AC1 Software A 4IR 400 ? 19 'binding site for residue 4IR A 400' 
AC2 Software A IR  401 ? 2  'binding site for residue IR A 401'  
AC3 Software A IR  402 ? 2  'binding site for residue IR A 402'  
AC4 Software A IR  403 ? 2  'binding site for residue IR A 403'  
# 
loop_
_struct_site_gen.id 
_struct_site_gen.site_id 
_struct_site_gen.pdbx_num_res 
_struct_site_gen.label_comp_id 
_struct_site_gen.label_asym_id 
_struct_site_gen.label_seq_id 
_struct_site_gen.pdbx_auth_ins_code 
_struct_site_gen.auth_comp_id 
_struct_site_gen.auth_asym_id 
_struct_site_gen.auth_seq_id 
_struct_site_gen.label_atom_id 
_struct_site_gen.label_alt_id 
_struct_site_gen.symmetry 
_struct_site_gen.details 
1  AC1 19 ASN A 23  ? ASN A 23  . ? 1_555  ? 
2  AC1 19 LEU A 25  ? LEU A 25  . ? 1_555  ? 
3  AC1 19 SER A 27  ? SER A 27  . ? 1_555  ? 
4  AC1 19 TYR A 43  ? TYR A 43  . ? 1_555  ? 
5  AC1 19 SER A 45  ? SER A 45  . ? 1_555  ? 
6  AC1 19 VAL A 47  ? VAL A 47  . ? 1_555  ? 
7  AC1 19 GLY A 48  ? GLY A 48  . ? 1_555  ? 
8  AC1 19 ASN A 49  ? ASN A 49  . ? 1_555  ? 
9  AC1 19 TRP A 79  ? TRP A 79  . ? 1_555  ? 
10 AC1 19 ALA A 86  ? ALA A 86  . ? 1_555  ? 
11 AC1 19 SER A 88  ? SER A 88  . ? 1_555  ? 
12 AC1 19 THR A 90  ? THR A 90  . ? 1_555  ? 
13 AC1 19 TRP A 92  ? TRP A 92  . ? 1_555  ? 
14 AC1 19 TRP A 108 ? TRP A 108 . ? 1_555  ? 
15 AC1 19 THR A 114 ? THR A 114 . ? 1_555  ? 
16 AC1 19 PRO A 118 ? PRO A 118 . ? 1_555  ? 
17 AC1 19 TRP A 120 ? TRP A 120 . ? 10_665 ? 
18 AC1 19 ALA A 121 ? ALA A 121 . ? 1_555  ? 
19 AC1 19 ASP A 128 ? ASP A 128 . ? 1_555  ? 
20 AC2 2  HIS A 87  ? HIS A 87  . ? 1_555  ? 
21 AC2 2  HOH F .   ? HOH A 514 . ? 1_555  ? 
22 AC3 2  HIS A 127 ? HIS A 127 . ? 1_555  ? 
23 AC3 2  HOH F .   ? HOH A 509 . ? 1_555  ? 
24 AC4 2  HIS A 127 ? HIS A 127 . ? 1_555  ? 
25 AC4 2  HOH F .   ? HOH A 509 . ? 1_555  ? 
# 
_pdbx_validate_rmsd_angle.id                         1 
_pdbx_validate_rmsd_angle.PDB_model_num              1 
_pdbx_validate_rmsd_angle.auth_atom_id_1             NE 
_pdbx_validate_rmsd_angle.auth_asym_id_1             A 
_pdbx_validate_rmsd_angle.auth_comp_id_1             ARG 
_pdbx_validate_rmsd_angle.auth_seq_id_1              103 
_pdbx_validate_rmsd_angle.PDB_ins_code_1             ? 
_pdbx_validate_rmsd_angle.label_alt_id_1             ? 
_pdbx_validate_rmsd_angle.auth_atom_id_2             CZ 
_pdbx_validate_rmsd_angle.auth_asym_id_2             A 
_pdbx_validate_rmsd_angle.auth_comp_id_2             ARG 
_pdbx_validate_rmsd_angle.auth_seq_id_2              103 
_pdbx_validate_rmsd_angle.PDB_ins_code_2             ? 
_pdbx_validate_rmsd_angle.label_alt_id_2             ? 
_pdbx_validate_rmsd_angle.auth_atom_id_3             NH2 
_pdbx_validate_rmsd_angle.auth_asym_id_3             A 
_pdbx_validate_rmsd_angle.auth_comp_id_3             ARG 
_pdbx_validate_rmsd_angle.auth_seq_id_3              103 
_pdbx_validate_rmsd_angle.PDB_ins_code_3             ? 
_pdbx_validate_rmsd_angle.label_alt_id_3             ? 
_pdbx_validate_rmsd_angle.angle_value                123.31 
_pdbx_validate_rmsd_angle.angle_target_value         120.30 
_pdbx_validate_rmsd_angle.angle_deviation            3.01 
_pdbx_validate_rmsd_angle.angle_standard_deviation   0.50 
_pdbx_validate_rmsd_angle.linker_flag                N 
# 
loop_
_pdbx_validate_torsion.id 
_pdbx_validate_torsion.PDB_model_num 
_pdbx_validate_torsion.auth_comp_id 
_pdbx_validate_torsion.auth_asym_id 
_pdbx_validate_torsion.auth_seq_id 
_pdbx_validate_torsion.PDB_ins_code 
_pdbx_validate_torsion.label_alt_id 
_pdbx_validate_torsion.phi 
_pdbx_validate_torsion.psi 
1 1 SER A 52  ? ? 63.83   -161.12 
2 1 SER A 52  ? ? 63.83   -160.88 
3 1 ASP A 61  ? ? -67.67  97.33   
4 1 ASP A 67  ? ? -59.23  33.55   
5 1 TRP A 79  ? ? -79.57  45.76   
6 1 GLU A 101 ? ? -109.04 71.69   
# 
_pdbx_struct_special_symmetry.id              1 
_pdbx_struct_special_symmetry.PDB_model_num   1 
_pdbx_struct_special_symmetry.auth_asym_id    A 
_pdbx_struct_special_symmetry.auth_comp_id    HOH 
_pdbx_struct_special_symmetry.auth_seq_id     515 
_pdbx_struct_special_symmetry.PDB_ins_code    ? 
_pdbx_struct_special_symmetry.label_asym_id   F 
_pdbx_struct_special_symmetry.label_comp_id   HOH 
_pdbx_struct_special_symmetry.label_seq_id    . 
# 
loop_
_pdbx_unobs_or_zero_occ_residues.id 
_pdbx_unobs_or_zero_occ_residues.PDB_model_num 
_pdbx_unobs_or_zero_occ_residues.polymer_flag 
_pdbx_unobs_or_zero_occ_residues.occupancy_flag 
_pdbx_unobs_or_zero_occ_residues.auth_asym_id 
_pdbx_unobs_or_zero_occ_residues.auth_comp_id 
_pdbx_unobs_or_zero_occ_residues.auth_seq_id 
_pdbx_unobs_or_zero_occ_residues.PDB_ins_code 
_pdbx_unobs_or_zero_occ_residues.label_asym_id 
_pdbx_unobs_or_zero_occ_residues.label_comp_id 
_pdbx_unobs_or_zero_occ_residues.label_seq_id 
1  1 Y 1 A MET 1   ? A MET 1   
2  1 Y 1 A ALA 2   ? A ALA 2   
3  1 Y 1 A SER 3   ? A SER 3   
4  1 Y 1 A MET 4   ? A MET 4   
5  1 Y 1 A THR 5   ? A THR 5   
6  1 Y 1 A GLY 6   ? A GLY 6   
7  1 Y 1 A GLY 7   ? A GLY 7   
8  1 Y 1 A GLN 8   ? A GLN 8   
9  1 Y 1 A GLN 9   ? A GLN 9   
10 1 Y 1 A MET 10  ? A MET 10  
11 1 Y 1 A GLY 11  ? A GLY 11  
12 1 Y 1 A ARG 12  ? A ARG 12  
13 1 Y 1 A PRO 135 ? A PRO 135 
14 1 Y 1 A SER 136 ? A SER 136 
15 1 Y 1 A ALA 137 ? A ALA 137 
16 1 Y 1 A ALA 138 ? A ALA 138 
17 1 Y 1 A SER 139 ? A SER 139 
18 1 Y 1 A ILE 140 ? A ILE 140 
19 1 Y 1 A ASP 141 ? A ASP 141 
20 1 Y 1 A ALA 142 ? A ALA 142 
21 1 Y 1 A ALA 143 ? A ALA 143 
22 1 Y 1 A LYS 144 ? A LYS 144 
23 1 Y 1 A LYS 145 ? A LYS 145 
24 1 Y 1 A ALA 146 ? A ALA 146 
25 1 Y 1 A GLY 147 ? A GLY 147 
26 1 Y 1 A VAL 148 ? A VAL 148 
27 1 Y 1 A ASN 149 ? A ASN 149 
28 1 Y 1 A ASN 150 ? A ASN 150 
29 1 Y 1 A GLY 151 ? A GLY 151 
30 1 Y 1 A ASN 152 ? A ASN 152 
31 1 Y 1 A PRO 153 ? A PRO 153 
32 1 Y 1 A LEU 154 ? A LEU 154 
33 1 Y 1 A ASP 155 ? A ASP 155 
34 1 Y 1 A ALA 156 ? A ALA 156 
35 1 Y 1 A VAL 157 ? A VAL 157 
36 1 Y 1 A GLN 158 ? A GLN 158 
37 1 Y 1 A GLN 159 ? A GLN 159 
# 
loop_
_chem_comp_atom.comp_id 
_chem_comp_atom.atom_id 
_chem_comp_atom.type_symbol 
_chem_comp_atom.pdbx_aromatic_flag 
_chem_comp_atom.pdbx_stereo_config 
_chem_comp_atom.pdbx_ordinal 
4IR CL1  CL N N 1   
4IR IR1  IR N N 2   
4IR C1   C  N N 3   
4IR N1   N  N N 4   
4IR O1   O  N N 5   
4IR S1   S  N N 6   
4IR C2   C  N R 7   
4IR N2   N  N N 8   
4IR O2   O  N N 9   
4IR S2   S  N N 10  
4IR C3   C  N N 11  
4IR N3   N  N N 12  
4IR O3   O  N N 13  
4IR C4   C  N S 14  
4IR N4   N  N N 15  
4IR O4   O  N N 16  
4IR C5   C  N S 17  
4IR N5   N  N N 18  
4IR C6   C  N N 19  
4IR C7   C  N N 20  
4IR C8   C  N N 21  
4IR C9   C  N N 22  
4IR C10  C  N N 23  
4IR C11  C  Y N 24  
4IR C12  C  Y N 25  
4IR C13  C  Y N 26  
4IR C14  C  Y N 27  
4IR C15  C  Y N 28  
4IR C16  C  Y N 29  
4IR C17  C  N N 30  
4IR C18  C  N N 31  
4IR C19  C  N N 32  
4IR C20  C  N N 33  
4IR C21  C  N N 34  
4IR C22  C  N N 35  
4IR C23  C  N N 36  
4IR C24  C  N N 37  
4IR C25  C  N N 38  
4IR C26  C  N N 39  
4IR C27  C  N N 40  
4IR C28  C  N N 41  
4IR HN1  H  N N 42  
4IR H2   H  N N 43  
4IR HN2  H  N N 44  
4IR H3   H  N N 45  
4IR H3A  H  N N 46  
4IR HN3  H  N N 47  
4IR H4   H  N N 48  
4IR HN4  H  N N 49  
4IR H5   H  N N 50  
4IR HN5  H  N N 51  
4IR HN5A H  N N 52  
4IR H6   H  N N 53  
4IR H6A  H  N N 54  
4IR H7   H  N N 55  
4IR H7A  H  N N 56  
4IR H8   H  N N 57  
4IR H8A  H  N N 58  
4IR H9   H  N N 59  
4IR H9A  H  N N 60  
4IR H12  H  N N 61  
4IR H13  H  N N 62  
4IR H14  H  N N 63  
4IR H15  H  N N 64  
4IR H18  H  N N 65  
4IR H19  H  N N 66  
4IR H20  H  N N 67  
4IR H22  H  N N 68  
4IR H22A H  N N 69  
4IR H22B H  N N 70  
4IR H23  H  N N 71  
4IR H23A H  N N 72  
4IR H23B H  N N 73  
4IR H24  H  N N 74  
4IR H24A H  N N 75  
4IR H24B H  N N 76  
4IR H25  H  N N 77  
4IR H25A H  N N 78  
4IR H25B H  N N 79  
4IR H26  H  N N 80  
4IR H26A H  N N 81  
4IR H26B H  N N 82  
4IR H27  H  N N 83  
4IR H27A H  N N 84  
4IR H28  H  N N 85  
4IR H28A H  N N 86  
ALA N    N  N N 87  
ALA CA   C  N S 88  
ALA C    C  N N 89  
ALA O    O  N N 90  
ALA CB   C  N N 91  
ALA OXT  O  N N 92  
ALA H    H  N N 93  
ALA H2   H  N N 94  
ALA HA   H  N N 95  
ALA HB1  H  N N 96  
ALA HB2  H  N N 97  
ALA HB3  H  N N 98  
ALA HXT  H  N N 99  
ARG N    N  N N 100 
ARG CA   C  N S 101 
ARG C    C  N N 102 
ARG O    O  N N 103 
ARG CB   C  N N 104 
ARG CG   C  N N 105 
ARG CD   C  N N 106 
ARG NE   N  N N 107 
ARG CZ   C  N N 108 
ARG NH1  N  N N 109 
ARG NH2  N  N N 110 
ARG OXT  O  N N 111 
ARG H    H  N N 112 
ARG H2   H  N N 113 
ARG HA   H  N N 114 
ARG HB2  H  N N 115 
ARG HB3  H  N N 116 
ARG HG2  H  N N 117 
ARG HG3  H  N N 118 
ARG HD2  H  N N 119 
ARG HD3  H  N N 120 
ARG HE   H  N N 121 
ARG HH11 H  N N 122 
ARG HH12 H  N N 123 
ARG HH21 H  N N 124 
ARG HH22 H  N N 125 
ARG HXT  H  N N 126 
ASN N    N  N N 127 
ASN CA   C  N S 128 
ASN C    C  N N 129 
ASN O    O  N N 130 
ASN CB   C  N N 131 
ASN CG   C  N N 132 
ASN OD1  O  N N 133 
ASN ND2  N  N N 134 
ASN OXT  O  N N 135 
ASN H    H  N N 136 
ASN H2   H  N N 137 
ASN HA   H  N N 138 
ASN HB2  H  N N 139 
ASN HB3  H  N N 140 
ASN HD21 H  N N 141 
ASN HD22 H  N N 142 
ASN HXT  H  N N 143 
ASP N    N  N N 144 
ASP CA   C  N S 145 
ASP C    C  N N 146 
ASP O    O  N N 147 
ASP CB   C  N N 148 
ASP CG   C  N N 149 
ASP OD1  O  N N 150 
ASP OD2  O  N N 151 
ASP OXT  O  N N 152 
ASP H    H  N N 153 
ASP H2   H  N N 154 
ASP HA   H  N N 155 
ASP HB2  H  N N 156 
ASP HB3  H  N N 157 
ASP HD2  H  N N 158 
ASP HXT  H  N N 159 
GLN N    N  N N 160 
GLN CA   C  N S 161 
GLN C    C  N N 162 
GLN O    O  N N 163 
GLN CB   C  N N 164 
GLN CG   C  N N 165 
GLN CD   C  N N 166 
GLN OE1  O  N N 167 
GLN NE2  N  N N 168 
GLN OXT  O  N N 169 
GLN H    H  N N 170 
GLN H2   H  N N 171 
GLN HA   H  N N 172 
GLN HB2  H  N N 173 
GLN HB3  H  N N 174 
GLN HG2  H  N N 175 
GLN HG3  H  N N 176 
GLN HE21 H  N N 177 
GLN HE22 H  N N 178 
GLN HXT  H  N N 179 
GLU N    N  N N 180 
GLU CA   C  N S 181 
GLU C    C  N N 182 
GLU O    O  N N 183 
GLU CB   C  N N 184 
GLU CG   C  N N 185 
GLU CD   C  N N 186 
GLU OE1  O  N N 187 
GLU OE2  O  N N 188 
GLU OXT  O  N N 189 
GLU H    H  N N 190 
GLU H2   H  N N 191 
GLU HA   H  N N 192 
GLU HB2  H  N N 193 
GLU HB3  H  N N 194 
GLU HG2  H  N N 195 
GLU HG3  H  N N 196 
GLU HE2  H  N N 197 
GLU HXT  H  N N 198 
GLY N    N  N N 199 
GLY CA   C  N N 200 
GLY C    C  N N 201 
GLY O    O  N N 202 
GLY OXT  O  N N 203 
GLY H    H  N N 204 
GLY H2   H  N N 205 
GLY HA2  H  N N 206 
GLY HA3  H  N N 207 
GLY HXT  H  N N 208 
HIS N    N  N N 209 
HIS CA   C  N S 210 
HIS C    C  N N 211 
HIS O    O  N N 212 
HIS CB   C  N N 213 
HIS CG   C  Y N 214 
HIS ND1  N  Y N 215 
HIS CD2  C  Y N 216 
HIS CE1  C  Y N 217 
HIS NE2  N  Y N 218 
HIS OXT  O  N N 219 
HIS H    H  N N 220 
HIS H2   H  N N 221 
HIS HA   H  N N 222 
HIS HB2  H  N N 223 
HIS HB3  H  N N 224 
HIS HD1  H  N N 225 
HIS HD2  H  N N 226 
HIS HE1  H  N N 227 
HIS HE2  H  N N 228 
HIS HXT  H  N N 229 
HOH O    O  N N 230 
HOH H1   H  N N 231 
HOH H2   H  N N 232 
ILE N    N  N N 233 
ILE CA   C  N S 234 
ILE C    C  N N 235 
ILE O    O  N N 236 
ILE CB   C  N S 237 
ILE CG1  C  N N 238 
ILE CG2  C  N N 239 
ILE CD1  C  N N 240 
ILE OXT  O  N N 241 
ILE H    H  N N 242 
ILE H2   H  N N 243 
ILE HA   H  N N 244 
ILE HB   H  N N 245 
ILE HG12 H  N N 246 
ILE HG13 H  N N 247 
ILE HG21 H  N N 248 
ILE HG22 H  N N 249 
ILE HG23 H  N N 250 
ILE HD11 H  N N 251 
ILE HD12 H  N N 252 
ILE HD13 H  N N 253 
ILE HXT  H  N N 254 
IR  IR   IR N N 255 
LEU N    N  N N 256 
LEU CA   C  N S 257 
LEU C    C  N N 258 
LEU O    O  N N 259 
LEU CB   C  N N 260 
LEU CG   C  N N 261 
LEU CD1  C  N N 262 
LEU CD2  C  N N 263 
LEU OXT  O  N N 264 
LEU H    H  N N 265 
LEU H2   H  N N 266 
LEU HA   H  N N 267 
LEU HB2  H  N N 268 
LEU HB3  H  N N 269 
LEU HG   H  N N 270 
LEU HD11 H  N N 271 
LEU HD12 H  N N 272 
LEU HD13 H  N N 273 
LEU HD21 H  N N 274 
LEU HD22 H  N N 275 
LEU HD23 H  N N 276 
LEU HXT  H  N N 277 
LYS N    N  N N 278 
LYS CA   C  N S 279 
LYS C    C  N N 280 
LYS O    O  N N 281 
LYS CB   C  N N 282 
LYS CG   C  N N 283 
LYS CD   C  N N 284 
LYS CE   C  N N 285 
LYS NZ   N  N N 286 
LYS OXT  O  N N 287 
LYS H    H  N N 288 
LYS H2   H  N N 289 
LYS HA   H  N N 290 
LYS HB2  H  N N 291 
LYS HB3  H  N N 292 
LYS HG2  H  N N 293 
LYS HG3  H  N N 294 
LYS HD2  H  N N 295 
LYS HD3  H  N N 296 
LYS HE2  H  N N 297 
LYS HE3  H  N N 298 
LYS HZ1  H  N N 299 
LYS HZ2  H  N N 300 
LYS HZ3  H  N N 301 
LYS HXT  H  N N 302 
MET N    N  N N 303 
MET CA   C  N S 304 
MET C    C  N N 305 
MET O    O  N N 306 
MET CB   C  N N 307 
MET CG   C  N N 308 
MET SD   S  N N 309 
MET CE   C  N N 310 
MET OXT  O  N N 311 
MET H    H  N N 312 
MET H2   H  N N 313 
MET HA   H  N N 314 
MET HB2  H  N N 315 
MET HB3  H  N N 316 
MET HG2  H  N N 317 
MET HG3  H  N N 318 
MET HE1  H  N N 319 
MET HE2  H  N N 320 
MET HE3  H  N N 321 
MET HXT  H  N N 322 
PHE N    N  N N 323 
PHE CA   C  N S 324 
PHE C    C  N N 325 
PHE O    O  N N 326 
PHE CB   C  N N 327 
PHE CG   C  Y N 328 
PHE CD1  C  Y N 329 
PHE CD2  C  Y N 330 
PHE CE1  C  Y N 331 
PHE CE2  C  Y N 332 
PHE CZ   C  Y N 333 
PHE OXT  O  N N 334 
PHE H    H  N N 335 
PHE H2   H  N N 336 
PHE HA   H  N N 337 
PHE HB2  H  N N 338 
PHE HB3  H  N N 339 
PHE HD1  H  N N 340 
PHE HD2  H  N N 341 
PHE HE1  H  N N 342 
PHE HE2  H  N N 343 
PHE HZ   H  N N 344 
PHE HXT  H  N N 345 
PRO N    N  N N 346 
PRO CA   C  N S 347 
PRO C    C  N N 348 
PRO O    O  N N 349 
PRO CB   C  N N 350 
PRO CG   C  N N 351 
PRO CD   C  N N 352 
PRO OXT  O  N N 353 
PRO H    H  N N 354 
PRO HA   H  N N 355 
PRO HB2  H  N N 356 
PRO HB3  H  N N 357 
PRO HG2  H  N N 358 
PRO HG3  H  N N 359 
PRO HD2  H  N N 360 
PRO HD3  H  N N 361 
PRO HXT  H  N N 362 
SER N    N  N N 363 
SER CA   C  N S 364 
SER C    C  N N 365 
SER O    O  N N 366 
SER CB   C  N N 367 
SER OG   O  N N 368 
SER OXT  O  N N 369 
SER H    H  N N 370 
SER H2   H  N N 371 
SER HA   H  N N 372 
SER HB2  H  N N 373 
SER HB3  H  N N 374 
SER HG   H  N N 375 
SER HXT  H  N N 376 
THR N    N  N N 377 
THR CA   C  N S 378 
THR C    C  N N 379 
THR O    O  N N 380 
THR CB   C  N R 381 
THR OG1  O  N N 382 
THR CG2  C  N N 383 
THR OXT  O  N N 384 
THR H    H  N N 385 
THR H2   H  N N 386 
THR HA   H  N N 387 
THR HB   H  N N 388 
THR HG1  H  N N 389 
THR HG21 H  N N 390 
THR HG22 H  N N 391 
THR HG23 H  N N 392 
THR HXT  H  N N 393 
TRP N    N  N N 394 
TRP CA   C  N S 395 
TRP C    C  N N 396 
TRP O    O  N N 397 
TRP CB   C  N N 398 
TRP CG   C  Y N 399 
TRP CD1  C  Y N 400 
TRP CD2  C  Y N 401 
TRP NE1  N  Y N 402 
TRP CE2  C  Y N 403 
TRP CE3  C  Y N 404 
TRP CZ2  C  Y N 405 
TRP CZ3  C  Y N 406 
TRP CH2  C  Y N 407 
TRP OXT  O  N N 408 
TRP H    H  N N 409 
TRP H2   H  N N 410 
TRP HA   H  N N 411 
TRP HB2  H  N N 412 
TRP HB3  H  N N 413 
TRP HD1  H  N N 414 
TRP HE1  H  N N 415 
TRP HE3  H  N N 416 
TRP HZ2  H  N N 417 
TRP HZ3  H  N N 418 
TRP HH2  H  N N 419 
TRP HXT  H  N N 420 
TYR N    N  N N 421 
TYR CA   C  N S 422 
TYR C    C  N N 423 
TYR O    O  N N 424 
TYR CB   C  N N 425 
TYR CG   C  Y N 426 
TYR CD1  C  Y N 427 
TYR CD2  C  Y N 428 
TYR CE1  C  Y N 429 
TYR CE2  C  Y N 430 
TYR CZ   C  Y N 431 
TYR OH   O  N N 432 
TYR OXT  O  N N 433 
TYR H    H  N N 434 
TYR H2   H  N N 435 
TYR HA   H  N N 436 
TYR HB2  H  N N 437 
TYR HB3  H  N N 438 
TYR HD1  H  N N 439 
TYR HD2  H  N N 440 
TYR HE1  H  N N 441 
TYR HE2  H  N N 442 
TYR HH   H  N N 443 
TYR HXT  H  N N 444 
VAL N    N  N N 445 
VAL CA   C  N S 446 
VAL C    C  N N 447 
VAL O    O  N N 448 
VAL CB   C  N N 449 
VAL CG1  C  N N 450 
VAL CG2  C  N N 451 
VAL OXT  O  N N 452 
VAL H    H  N N 453 
VAL H2   H  N N 454 
VAL HA   H  N N 455 
VAL HB   H  N N 456 
VAL HG11 H  N N 457 
VAL HG12 H  N N 458 
VAL HG13 H  N N 459 
VAL HG21 H  N N 460 
VAL HG22 H  N N 461 
VAL HG23 H  N N 462 
VAL HXT  H  N N 463 
# 
loop_
_chem_comp_bond.comp_id 
_chem_comp_bond.atom_id_1 
_chem_comp_bond.atom_id_2 
_chem_comp_bond.value_order 
_chem_comp_bond.pdbx_aromatic_flag 
_chem_comp_bond.pdbx_stereo_config 
_chem_comp_bond.pdbx_ordinal 
4IR C1  N1   sing N N 1   
4IR C1  O1   doub N N 2   
4IR C1  N2   sing N N 3   
4IR N1  C2   sing N N 4   
4IR N1  HN1  sing N N 5   
4IR S1  C3   sing N N 6   
4IR S1  C5   sing N N 7   
4IR C2  C3   sing N N 8   
4IR C2  C4   sing N N 9   
4IR C2  H2   sing N N 10  
4IR N2  C4   sing N N 11  
4IR N2  HN2  sing N N 12  
4IR O2  C10  doub N N 13  
4IR S2  O3   doub N N 14  
4IR S2  N4   sing N N 15  
4IR S2  O4   doub N N 16  
4IR S2  C16  sing N N 17  
4IR C3  H3   sing N N 18  
4IR C3  H3A  sing N N 19  
4IR N3  C10  sing N N 20  
4IR N3  C11  sing N N 21  
4IR N3  HN3  sing N N 22  
4IR C4  C5   sing N N 23  
4IR C4  H4   sing N N 24  
4IR N4  C27  sing N N 25  
4IR N4  HN4  sing N N 26  
4IR C5  C6   sing N N 27  
4IR C5  H5   sing N N 28  
4IR N5  C28  sing N N 29  
4IR N5  HN5  sing N N 30  
4IR N5  HN5A sing N N 31  
4IR C6  C7   sing N N 32  
4IR C6  H6   sing N N 33  
4IR C6  H6A  sing N N 34  
4IR C7  C8   sing N N 35  
4IR C7  H7   sing N N 36  
4IR C7  H7A  sing N N 37  
4IR C8  C9   sing N N 38  
4IR C8  H8   sing N N 39  
4IR C8  H8A  sing N N 40  
4IR C9  C10  sing N N 41  
4IR C9  H9   sing N N 42  
4IR C9  H9A  sing N N 43  
4IR C11 C12  doub Y N 44  
4IR C11 C14  sing Y N 45  
4IR C12 C13  sing Y N 46  
4IR C12 H12  sing N N 47  
4IR C13 C16  doub Y N 48  
4IR C13 H13  sing N N 49  
4IR C14 C15  doub Y N 50  
4IR C14 H14  sing N N 51  
4IR C15 C16  sing Y N 52  
4IR C15 H15  sing N N 53  
4IR C17 C18  sing N N 54  
4IR C17 C21  doub N N 55  
4IR C17 C22  sing N N 56  
4IR C18 C19  sing N N 57  
4IR C18 C23  sing N N 58  
4IR C18 H18  sing N N 59  
4IR C19 C20  sing N N 60  
4IR C19 C24  sing N N 61  
4IR C19 H19  sing N N 62  
4IR C20 C21  sing N N 63  
4IR C20 C25  sing N N 64  
4IR C20 H20  sing N N 65  
4IR C21 C26  sing N N 66  
4IR C22 H22  sing N N 67  
4IR C22 H22A sing N N 68  
4IR C22 H22B sing N N 69  
4IR C23 H23  sing N N 70  
4IR C23 H23A sing N N 71  
4IR C23 H23B sing N N 72  
4IR C24 H24  sing N N 73  
4IR C24 H24A sing N N 74  
4IR C24 H24B sing N N 75  
4IR C25 H25  sing N N 76  
4IR C25 H25A sing N N 77  
4IR C25 H25B sing N N 78  
4IR C26 H26  sing N N 79  
4IR C26 H26A sing N N 80  
4IR C26 H26B sing N N 81  
4IR C27 C28  sing N N 82  
4IR C27 H27  sing N N 83  
4IR C27 H27A sing N N 84  
4IR C28 H28  sing N N 85  
4IR C28 H28A sing N N 86  
4IR IR1 CL1  sing N N 87  
4IR IR1 N4   sing N N 88  
4IR IR1 N5   sing N N 89  
4IR IR1 C21  sing N N 90  
4IR IR1 C17  sing N N 91  
4IR IR1 C18  sing N N 92  
4IR IR1 C19  sing N N 93  
4IR IR1 C20  sing N N 94  
ALA N   CA   sing N N 95  
ALA N   H    sing N N 96  
ALA N   H2   sing N N 97  
ALA CA  C    sing N N 98  
ALA CA  CB   sing N N 99  
ALA CA  HA   sing N N 100 
ALA C   O    doub N N 101 
ALA C   OXT  sing N N 102 
ALA CB  HB1  sing N N 103 
ALA CB  HB2  sing N N 104 
ALA CB  HB3  sing N N 105 
ALA OXT HXT  sing N N 106 
ARG N   CA   sing N N 107 
ARG N   H    sing N N 108 
ARG N   H2   sing N N 109 
ARG CA  C    sing N N 110 
ARG CA  CB   sing N N 111 
ARG CA  HA   sing N N 112 
ARG C   O    doub N N 113 
ARG C   OXT  sing N N 114 
ARG CB  CG   sing N N 115 
ARG CB  HB2  sing N N 116 
ARG CB  HB3  sing N N 117 
ARG CG  CD   sing N N 118 
ARG CG  HG2  sing N N 119 
ARG CG  HG3  sing N N 120 
ARG CD  NE   sing N N 121 
ARG CD  HD2  sing N N 122 
ARG CD  HD3  sing N N 123 
ARG NE  CZ   sing N N 124 
ARG NE  HE   sing N N 125 
ARG CZ  NH1  sing N N 126 
ARG CZ  NH2  doub N N 127 
ARG NH1 HH11 sing N N 128 
ARG NH1 HH12 sing N N 129 
ARG NH2 HH21 sing N N 130 
ARG NH2 HH22 sing N N 131 
ARG OXT HXT  sing N N 132 
ASN N   CA   sing N N 133 
ASN N   H    sing N N 134 
ASN N   H2   sing N N 135 
ASN CA  C    sing N N 136 
ASN CA  CB   sing N N 137 
ASN CA  HA   sing N N 138 
ASN C   O    doub N N 139 
ASN C   OXT  sing N N 140 
ASN CB  CG   sing N N 141 
ASN CB  HB2  sing N N 142 
ASN CB  HB3  sing N N 143 
ASN CG  OD1  doub N N 144 
ASN CG  ND2  sing N N 145 
ASN ND2 HD21 sing N N 146 
ASN ND2 HD22 sing N N 147 
ASN OXT HXT  sing N N 148 
ASP N   CA   sing N N 149 
ASP N   H    sing N N 150 
ASP N   H2   sing N N 151 
ASP CA  C    sing N N 152 
ASP CA  CB   sing N N 153 
ASP CA  HA   sing N N 154 
ASP C   O    doub N N 155 
ASP C   OXT  sing N N 156 
ASP CB  CG   sing N N 157 
ASP CB  HB2  sing N N 158 
ASP CB  HB3  sing N N 159 
ASP CG  OD1  doub N N 160 
ASP CG  OD2  sing N N 161 
ASP OD2 HD2  sing N N 162 
ASP OXT HXT  sing N N 163 
GLN N   CA   sing N N 164 
GLN N   H    sing N N 165 
GLN N   H2   sing N N 166 
GLN CA  C    sing N N 167 
GLN CA  CB   sing N N 168 
GLN CA  HA   sing N N 169 
GLN C   O    doub N N 170 
GLN C   OXT  sing N N 171 
GLN CB  CG   sing N N 172 
GLN CB  HB2  sing N N 173 
GLN CB  HB3  sing N N 174 
GLN CG  CD   sing N N 175 
GLN CG  HG2  sing N N 176 
GLN CG  HG3  sing N N 177 
GLN CD  OE1  doub N N 178 
GLN CD  NE2  sing N N 179 
GLN NE2 HE21 sing N N 180 
GLN NE2 HE22 sing N N 181 
GLN OXT HXT  sing N N 182 
GLU N   CA   sing N N 183 
GLU N   H    sing N N 184 
GLU N   H2   sing N N 185 
GLU CA  C    sing N N 186 
GLU CA  CB   sing N N 187 
GLU CA  HA   sing N N 188 
GLU C   O    doub N N 189 
GLU C   OXT  sing N N 190 
GLU CB  CG   sing N N 191 
GLU CB  HB2  sing N N 192 
GLU CB  HB3  sing N N 193 
GLU CG  CD   sing N N 194 
GLU CG  HG2  sing N N 195 
GLU CG  HG3  sing N N 196 
GLU CD  OE1  doub N N 197 
GLU CD  OE2  sing N N 198 
GLU OE2 HE2  sing N N 199 
GLU OXT HXT  sing N N 200 
GLY N   CA   sing N N 201 
GLY N   H    sing N N 202 
GLY N   H2   sing N N 203 
GLY CA  C    sing N N 204 
GLY CA  HA2  sing N N 205 
GLY CA  HA3  sing N N 206 
GLY C   O    doub N N 207 
GLY C   OXT  sing N N 208 
GLY OXT HXT  sing N N 209 
HIS N   CA   sing N N 210 
HIS N   H    sing N N 211 
HIS N   H2   sing N N 212 
HIS CA  C    sing N N 213 
HIS CA  CB   sing N N 214 
HIS CA  HA   sing N N 215 
HIS C   O    doub N N 216 
HIS C   OXT  sing N N 217 
HIS CB  CG   sing N N 218 
HIS CB  HB2  sing N N 219 
HIS CB  HB3  sing N N 220 
HIS CG  ND1  sing Y N 221 
HIS CG  CD2  doub Y N 222 
HIS ND1 CE1  doub Y N 223 
HIS ND1 HD1  sing N N 224 
HIS CD2 NE2  sing Y N 225 
HIS CD2 HD2  sing N N 226 
HIS CE1 NE2  sing Y N 227 
HIS CE1 HE1  sing N N 228 
HIS NE2 HE2  sing N N 229 
HIS OXT HXT  sing N N 230 
HOH O   H1   sing N N 231 
HOH O   H2   sing N N 232 
ILE N   CA   sing N N 233 
ILE N   H    sing N N 234 
ILE N   H2   sing N N 235 
ILE CA  C    sing N N 236 
ILE CA  CB   sing N N 237 
ILE CA  HA   sing N N 238 
ILE C   O    doub N N 239 
ILE C   OXT  sing N N 240 
ILE CB  CG1  sing N N 241 
ILE CB  CG2  sing N N 242 
ILE CB  HB   sing N N 243 
ILE CG1 CD1  sing N N 244 
ILE CG1 HG12 sing N N 245 
ILE CG1 HG13 sing N N 246 
ILE CG2 HG21 sing N N 247 
ILE CG2 HG22 sing N N 248 
ILE CG2 HG23 sing N N 249 
ILE CD1 HD11 sing N N 250 
ILE CD1 HD12 sing N N 251 
ILE CD1 HD13 sing N N 252 
ILE OXT HXT  sing N N 253 
LEU N   CA   sing N N 254 
LEU N   H    sing N N 255 
LEU N   H2   sing N N 256 
LEU CA  C    sing N N 257 
LEU CA  CB   sing N N 258 
LEU CA  HA   sing N N 259 
LEU C   O    doub N N 260 
LEU C   OXT  sing N N 261 
LEU CB  CG   sing N N 262 
LEU CB  HB2  sing N N 263 
LEU CB  HB3  sing N N 264 
LEU CG  CD1  sing N N 265 
LEU CG  CD2  sing N N 266 
LEU CG  HG   sing N N 267 
LEU CD1 HD11 sing N N 268 
LEU CD1 HD12 sing N N 269 
LEU CD1 HD13 sing N N 270 
LEU CD2 HD21 sing N N 271 
LEU CD2 HD22 sing N N 272 
LEU CD2 HD23 sing N N 273 
LEU OXT HXT  sing N N 274 
LYS N   CA   sing N N 275 
LYS N   H    sing N N 276 
LYS N   H2   sing N N 277 
LYS CA  C    sing N N 278 
LYS CA  CB   sing N N 279 
LYS CA  HA   sing N N 280 
LYS C   O    doub N N 281 
LYS C   OXT  sing N N 282 
LYS CB  CG   sing N N 283 
LYS CB  HB2  sing N N 284 
LYS CB  HB3  sing N N 285 
LYS CG  CD   sing N N 286 
LYS CG  HG2  sing N N 287 
LYS CG  HG3  sing N N 288 
LYS CD  CE   sing N N 289 
LYS CD  HD2  sing N N 290 
LYS CD  HD3  sing N N 291 
LYS CE  NZ   sing N N 292 
LYS CE  HE2  sing N N 293 
LYS CE  HE3  sing N N 294 
LYS NZ  HZ1  sing N N 295 
LYS NZ  HZ2  sing N N 296 
LYS NZ  HZ3  sing N N 297 
LYS OXT HXT  sing N N 298 
MET N   CA   sing N N 299 
MET N   H    sing N N 300 
MET N   H2   sing N N 301 
MET CA  C    sing N N 302 
MET CA  CB   sing N N 303 
MET CA  HA   sing N N 304 
MET C   O    doub N N 305 
MET C   OXT  sing N N 306 
MET CB  CG   sing N N 307 
MET CB  HB2  sing N N 308 
MET CB  HB3  sing N N 309 
MET CG  SD   sing N N 310 
MET CG  HG2  sing N N 311 
MET CG  HG3  sing N N 312 
MET SD  CE   sing N N 313 
MET CE  HE1  sing N N 314 
MET CE  HE2  sing N N 315 
MET CE  HE3  sing N N 316 
MET OXT HXT  sing N N 317 
PHE N   CA   sing N N 318 
PHE N   H    sing N N 319 
PHE N   H2   sing N N 320 
PHE CA  C    sing N N 321 
PHE CA  CB   sing N N 322 
PHE CA  HA   sing N N 323 
PHE C   O    doub N N 324 
PHE C   OXT  sing N N 325 
PHE CB  CG   sing N N 326 
PHE CB  HB2  sing N N 327 
PHE CB  HB3  sing N N 328 
PHE CG  CD1  doub Y N 329 
PHE CG  CD2  sing Y N 330 
PHE CD1 CE1  sing Y N 331 
PHE CD1 HD1  sing N N 332 
PHE CD2 CE2  doub Y N 333 
PHE CD2 HD2  sing N N 334 
PHE CE1 CZ   doub Y N 335 
PHE CE1 HE1  sing N N 336 
PHE CE2 CZ   sing Y N 337 
PHE CE2 HE2  sing N N 338 
PHE CZ  HZ   sing N N 339 
PHE OXT HXT  sing N N 340 
PRO N   CA   sing N N 341 
PRO N   CD   sing N N 342 
PRO N   H    sing N N 343 
PRO CA  C    sing N N 344 
PRO CA  CB   sing N N 345 
PRO CA  HA   sing N N 346 
PRO C   O    doub N N 347 
PRO C   OXT  sing N N 348 
PRO CB  CG   sing N N 349 
PRO CB  HB2  sing N N 350 
PRO CB  HB3  sing N N 351 
PRO CG  CD   sing N N 352 
PRO CG  HG2  sing N N 353 
PRO CG  HG3  sing N N 354 
PRO CD  HD2  sing N N 355 
PRO CD  HD3  sing N N 356 
PRO OXT HXT  sing N N 357 
SER N   CA   sing N N 358 
SER N   H    sing N N 359 
SER N   H2   sing N N 360 
SER CA  C    sing N N 361 
SER CA  CB   sing N N 362 
SER CA  HA   sing N N 363 
SER C   O    doub N N 364 
SER C   OXT  sing N N 365 
SER CB  OG   sing N N 366 
SER CB  HB2  sing N N 367 
SER CB  HB3  sing N N 368 
SER OG  HG   sing N N 369 
SER OXT HXT  sing N N 370 
THR N   CA   sing N N 371 
THR N   H    sing N N 372 
THR N   H2   sing N N 373 
THR CA  C    sing N N 374 
THR CA  CB   sing N N 375 
THR CA  HA   sing N N 376 
THR C   O    doub N N 377 
THR C   OXT  sing N N 378 
THR CB  OG1  sing N N 379 
THR CB  CG2  sing N N 380 
THR CB  HB   sing N N 381 
THR OG1 HG1  sing N N 382 
THR CG2 HG21 sing N N 383 
THR CG2 HG22 sing N N 384 
THR CG2 HG23 sing N N 385 
THR OXT HXT  sing N N 386 
TRP N   CA   sing N N 387 
TRP N   H    sing N N 388 
TRP N   H2   sing N N 389 
TRP CA  C    sing N N 390 
TRP CA  CB   sing N N 391 
TRP CA  HA   sing N N 392 
TRP C   O    doub N N 393 
TRP C   OXT  sing N N 394 
TRP CB  CG   sing N N 395 
TRP CB  HB2  sing N N 396 
TRP CB  HB3  sing N N 397 
TRP CG  CD1  doub Y N 398 
TRP CG  CD2  sing Y N 399 
TRP CD1 NE1  sing Y N 400 
TRP CD1 HD1  sing N N 401 
TRP CD2 CE2  doub Y N 402 
TRP CD2 CE3  sing Y N 403 
TRP NE1 CE2  sing Y N 404 
TRP NE1 HE1  sing N N 405 
TRP CE2 CZ2  sing Y N 406 
TRP CE3 CZ3  doub Y N 407 
TRP CE3 HE3  sing N N 408 
TRP CZ2 CH2  doub Y N 409 
TRP CZ2 HZ2  sing N N 410 
TRP CZ3 CH2  sing Y N 411 
TRP CZ3 HZ3  sing N N 412 
TRP CH2 HH2  sing N N 413 
TRP OXT HXT  sing N N 414 
TYR N   CA   sing N N 415 
TYR N   H    sing N N 416 
TYR N   H2   sing N N 417 
TYR CA  C    sing N N 418 
TYR CA  CB   sing N N 419 
TYR CA  HA   sing N N 420 
TYR C   O    doub N N 421 
TYR C   OXT  sing N N 422 
TYR CB  CG   sing N N 423 
TYR CB  HB2  sing N N 424 
TYR CB  HB3  sing N N 425 
TYR CG  CD1  doub Y N 426 
TYR CG  CD2  sing Y N 427 
TYR CD1 CE1  sing Y N 428 
TYR CD1 HD1  sing N N 429 
TYR CD2 CE2  doub Y N 430 
TYR CD2 HD2  sing N N 431 
TYR CE1 CZ   doub Y N 432 
TYR CE1 HE1  sing N N 433 
TYR CE2 CZ   sing Y N 434 
TYR CE2 HE2  sing N N 435 
TYR CZ  OH   sing N N 436 
TYR OH  HH   sing N N 437 
TYR OXT HXT  sing N N 438 
VAL N   CA   sing N N 439 
VAL N   H    sing N N 440 
VAL N   H2   sing N N 441 
VAL CA  C    sing N N 442 
VAL CA  CB   sing N N 443 
VAL CA  HA   sing N N 444 
VAL C   O    doub N N 445 
VAL C   OXT  sing N N 446 
VAL CB  CG1  sing N N 447 
VAL CB  CG2  sing N N 448 
VAL CB  HB   sing N N 449 
VAL CG1 HG11 sing N N 450 
VAL CG1 HG12 sing N N 451 
VAL CG1 HG13 sing N N 452 
VAL CG2 HG21 sing N N 453 
VAL CG2 HG22 sing N N 454 
VAL CG2 HG23 sing N N 455 
VAL OXT HXT  sing N N 456 
# 
_atom_sites.entry_id                    6ESS 
_atom_sites.fract_transf_matrix[1][1]   -0.01694183 
_atom_sites.fract_transf_matrix[1][2]   -0.00181761 
_atom_sites.fract_transf_matrix[1][3]   0.00247595 
_atom_sites.fract_transf_matrix[2][1]   0.00275030 
_atom_sites.fract_transf_matrix[2][2]   -0.00279803 
_atom_sites.fract_transf_matrix[2][3]   0.01676504 
_atom_sites.fract_transf_matrix[3][1]   -0.00042902 
_atom_sites.fract_transf_matrix[3][2]   0.00529960 
_atom_sites.fract_transf_matrix[3][3]   0.00095487 
_atom_sites.fract_transf_vector[1]      0.240096 
_atom_sites.fract_transf_vector[2]      0.423621 
_atom_sites.fract_transf_vector[3]      -0.011157 
# 
loop_
_atom_type.symbol 
C  
IR 
N  
O  
S  
# 
loop_
_atom_site.group_PDB 
_atom_site.id 
_atom_site.type_symbol 
_atom_site.label_atom_id 
_atom_site.label_alt_id 
_atom_site.label_comp_id 
_atom_site.label_asym_id 
_atom_site.label_entity_id 
_atom_site.label_seq_id 
_atom_site.pdbx_PDB_ins_code 
_atom_site.Cartn_x 
_atom_site.Cartn_y 
_atom_site.Cartn_z 
_atom_site.occupancy 
_atom_site.B_iso_or_equiv 
_atom_site.pdbx_formal_charge 
_atom_site.auth_seq_id 
_atom_site.auth_comp_id 
_atom_site.auth_asym_id 
_atom_site.auth_atom_id 
_atom_site.pdbx_PDB_model_num 
ATOM   1   N  N   . ASP A 1 13  ? 8.869   15.648  1.131   1.00 61.23  ? 13  ASP A N   1 
ATOM   2   C  CA  . ASP A 1 13  ? 7.786   14.618  1.215   1.00 64.21  ? 13  ASP A CA  1 
ATOM   3   C  C   . ASP A 1 13  ? 7.948   13.525  0.181   1.00 65.12  ? 13  ASP A C   1 
ATOM   4   O  O   . ASP A 1 13  ? 7.802   12.340  0.492   1.00 57.80  ? 13  ASP A O   1 
ATOM   5   C  CB  . ASP A 1 13  ? 6.405   15.254  1.114   1.00 70.31  ? 13  ASP A CB  1 
ATOM   6   C  CG  . ASP A 1 13  ? 5.739   15.395  2.475   1.00 72.66  ? 13  ASP A CG  1 
ATOM   7   O  OD1 . ASP A 1 13  ? 6.161   16.243  3.300   1.00 73.04  ? 13  ASP A OD1 1 
ATOM   8   O  OD2 . ASP A 1 13  ? 4.795   14.634  2.717   1.00 77.04  ? 13  ASP A OD2 1 
ATOM   9   N  N   . GLU A 1 14  ? 8.215   13.957  -1.051  1.00 66.56  ? 14  GLU A N   1 
ATOM   10  C  CA  . GLU A 1 14  ? 8.727   13.114  -2.133  1.00 63.21  ? 14  GLU A CA  1 
ATOM   11  C  C   . GLU A 1 14  ? 10.041  12.386  -1.725  1.00 62.09  ? 14  GLU A C   1 
ATOM   12  O  O   . GLU A 1 14  ? 10.200  11.168  -1.957  1.00 50.97  ? 14  GLU A O   1 
ATOM   13  C  CB  . GLU A 1 14  ? 8.937   13.991  -3.387  1.00 63.65  ? 14  GLU A CB  1 
ATOM   14  C  CG  . GLU A 1 14  ? 9.419   13.255  -4.631  1.00 66.04  ? 14  GLU A CG  1 
ATOM   15  C  CD  . GLU A 1 14  ? 9.644   14.165  -5.833  1.00 66.70  ? 14  GLU A CD  1 
ATOM   16  O  OE1 . GLU A 1 14  ? 10.220  13.673  -6.841  1.00 57.85  ? 14  GLU A OE1 1 
ATOM   17  O  OE2 . GLU A 1 14  ? 9.248   15.359  -5.775  1.00 67.20  ? 14  GLU A OE2 1 
ATOM   18  N  N   . ALA A 1 15  ? 10.976  13.142  -1.134  1.00 60.97  ? 15  ALA A N   1 
ATOM   19  C  CA  . ALA A 1 15  ? 12.206  12.563  -0.565  1.00 57.22  ? 15  ALA A CA  1 
ATOM   20  C  C   . ALA A 1 15  ? 11.828  11.505  0.486   1.00 53.29  ? 15  ALA A C   1 
ATOM   21  O  O   . ALA A 1 15  ? 12.271  10.357  0.379   1.00 67.25  ? 15  ALA A O   1 
ATOM   22  C  CB  . ALA A 1 15  ? 13.079  13.651  0.055   1.00 56.55  ? 15  ALA A CB  1 
ATOM   23  N  N   . GLY A 1 16  ? 10.951  11.878  1.430   1.00 43.27  ? 16  GLY A N   1 
ATOM   24  C  CA  . GLY A 1 16  ? 10.552  11.022  2.534   1.00 38.09  ? 16  GLY A CA  1 
ATOM   25  C  C   . GLY A 1 16  ? 9.799   9.750   2.195   1.00 35.46  ? 16  GLY A C   1 
ATOM   26  O  O   . GLY A 1 16  ? 9.997   8.724   2.863   1.00 36.29  ? 16  GLY A O   1 
ATOM   27  N  N   . ILE A 1 17  ? 8.937   9.793   1.169   1.00 31.04  ? 17  ILE A N   1 
ATOM   28  C  CA  . ILE A 1 17  ? 8.107   8.641   0.828   1.00 30.90  ? 17  ILE A CA  1 
ATOM   29  C  C   . ILE A 1 17  ? 8.864   7.544   0.081   1.00 28.96  ? 17  ILE A C   1 
ATOM   30  O  O   . ILE A 1 17  ? 8.738   6.383   0.407   1.00 25.35  ? 17  ILE A O   1 
ATOM   31  C  CB  . ILE A 1 17  ? 6.832   9.058   0.077   1.00 31.82  ? 17  ILE A CB  1 
ATOM   32  C  CG1 . ILE A 1 17  ? 5.935   9.869   1.002   1.00 30.45  ? 17  ILE A CG1 1 
ATOM   33  C  CG2 . ILE A 1 17  ? 6.043   7.845   -0.430  1.00 33.05  ? 17  ILE A CG2 1 
ATOM   34  C  CD1 . ILE A 1 17  ? 4.737   10.444  0.291   1.00 30.71  ? 17  ILE A CD1 1 
ATOM   35  N  N   . THR A 1 18  ? 9.641   7.962   -0.910  1.00 32.36  ? 18  THR A N   1 
ATOM   36  C  CA  . THR A 1 18  ? 10.359  7.077   -1.797  1.00 31.03  ? 18  THR A CA  1 
ATOM   37  C  C   . THR A 1 18  ? 11.306  6.197   -0.994  1.00 31.27  ? 18  THR A C   1 
ATOM   38  O  O   . THR A 1 18  ? 12.028  6.707   -0.162  1.00 27.57  ? 18  THR A O   1 
ATOM   39  C  CB  . THR A 1 18  ? 11.152  7.892   -2.815  1.00 30.91  ? 18  THR A CB  1 
ATOM   40  O  OG1 . THR A 1 18  ? 10.235  8.537   -3.684  1.00 28.13  ? 18  THR A OG1 1 
ATOM   41  C  CG2 . THR A 1 18  ? 12.063  6.987   -3.659  1.00 32.97  ? 18  THR A CG2 1 
ATOM   42  N  N   . GLY A 1 19  ? 11.275  4.884   -1.235  1.00 30.05  ? 19  GLY A N   1 
ATOM   43  C  CA  . GLY A 1 19  ? 12.073  3.950   -0.472  1.00 27.41  ? 19  GLY A CA  1 
ATOM   44  C  C   . GLY A 1 19  ? 11.420  2.627   -0.248  1.00 28.63  ? 19  GLY A C   1 
ATOM   45  O  O   . GLY A 1 19  ? 10.443  2.275   -0.917  1.00 29.69  ? 19  GLY A O   1 
ATOM   46  N  N   . THR A 1 20  ? 11.953  1.891   0.719   1.00 29.84  ? 20  THR A N   1 
ATOM   47  C  CA  . THR A 1 20  ? 11.485  0.574   1.075   1.00 27.00  ? 20  THR A CA  1 
ATOM   48  C  C   . THR A 1 20  ? 10.904  0.666   2.481   1.00 28.35  ? 20  THR A C   1 
ATOM   49  O  O   . THR A 1 20  ? 11.523  1.252   3.394   1.00 28.39  ? 20  THR A O   1 
ATOM   50  C  CB  . THR A 1 20  ? 12.645  -0.438  1.081   1.00 29.17  ? 20  THR A CB  1 
ATOM   51  O  OG1 . THR A 1 20  ? 13.291  -0.438  -0.187  1.00 30.98  ? 20  THR A OG1 1 
ATOM   52  C  CG2 . THR A 1 20  ? 12.165  -1.783  1.356   1.00 27.79  ? 20  THR A CG2 1 
ATOM   53  N  N   . TRP A 1 21  ? 9.689   0.128   2.636   1.00 26.09  ? 21  TRP A N   1 
ATOM   54  C  CA  . TRP A 1 21  ? 9.006   0.122   3.916   1.00 24.21  ? 21  TRP A CA  1 
ATOM   55  C  C   . TRP A 1 21  ? 8.536   -1.228  4.234   1.00 24.01  ? 21  TRP A C   1 
ATOM   56  O  O   . TRP A 1 21  ? 8.393   -2.052  3.354   1.00 23.45  ? 21  TRP A O   1 
ATOM   57  C  CB  . TRP A 1 21  ? 7.817   1.029   3.936   1.00 25.13  ? 21  TRP A CB  1 
ATOM   58  C  CG  . TRP A 1 21  ? 8.044   2.385   3.507   1.00 22.55  ? 21  TRP A CG  1 
ATOM   59  C  CD1 . TRP A 1 21  ? 8.295   2.803   2.238   1.00 22.93  ? 21  TRP A CD1 1 
ATOM   60  C  CD2 . TRP A 1 21  ? 7.951   3.548   4.305   1.00 20.58  ? 21  TRP A CD2 1 
ATOM   61  N  NE1 . TRP A 1 21  ? 8.420   4.162   2.203   1.00 20.77  ? 21  TRP A NE1 1 
ATOM   62  C  CE2 . TRP A 1 21  ? 8.202   4.650   3.465   1.00 21.91  ? 21  TRP A CE2 1 
ATOM   63  C  CE3 . TRP A 1 21  ? 7.712   3.769   5.651   1.00 21.60  ? 21  TRP A CE3 1 
ATOM   64  C  CZ2 . TRP A 1 21  ? 8.189   5.986   3.929   1.00 24.54  ? 21  TRP A CZ2 1 
ATOM   65  C  CZ3 . TRP A 1 21  ? 7.714   5.119   6.132   1.00 23.30  ? 21  TRP A CZ3 1 
ATOM   66  C  CH2 . TRP A 1 21  ? 7.951   6.199   5.269   1.00 23.60  ? 21  TRP A CH2 1 
ATOM   67  N  N   . TYR A 1 22  ? 8.322   -1.443  5.531   1.00 24.20  ? 22  TYR A N   1 
ATOM   68  C  CA  . TYR A 1 22  ? 7.930   -2.723  6.070   1.00 24.76  ? 22  TYR A CA  1 
ATOM   69  C  C   . TYR A 1 22  ? 6.724   -2.548  6.987   1.00 24.47  ? 22  TYR A C   1 
ATOM   70  O  O   . TYR A 1 22  ? 6.610   -1.548  7.755   1.00 27.94  ? 22  TYR A O   1 
ATOM   71  C  CB  . TYR A 1 22  ? 9.104   -3.368  6.832   1.00 24.66  ? 22  TYR A CB  1 
ATOM   72  C  CG  . TYR A 1 22  ? 10.398  -3.392  6.039   1.00 24.96  ? 22  TYR A CG  1 
ATOM   73  C  CD1 . TYR A 1 22  ? 10.707  -4.428  5.149   1.00 24.77  ? 22  TYR A CD1 1 
ATOM   74  C  CD2 . TYR A 1 22  ? 11.307  -2.349  6.157   1.00 26.67  ? 22  TYR A CD2 1 
ATOM   75  C  CE1 . TYR A 1 22  ? 11.894  -4.398  4.417   1.00 24.68  ? 22  TYR A CE1 1 
ATOM   76  C  CE2 . TYR A 1 22  ? 12.472  -2.329  5.465   1.00 27.53  ? 22  TYR A CE2 1 
ATOM   77  C  CZ  . TYR A 1 22  ? 12.762  -3.342  4.594   1.00 27.82  ? 22  TYR A CZ  1 
ATOM   78  O  OH  . TYR A 1 22  ? 13.939  -3.222  3.906   1.00 28.42  ? 22  TYR A OH  1 
ATOM   79  N  N   . ASN A 1 23  ? 5.801   -3.478  6.917   1.00 21.35  ? 23  ASN A N   1 
ATOM   80  C  CA  . ASN A 1 23  ? 4.644   -3.401  7.819   1.00 23.16  ? 23  ASN A CA  1 
ATOM   81  C  C   . ASN A 1 23  ? 4.824   -4.385  8.956   1.00 25.49  ? 23  ASN A C   1 
ATOM   82  O  O   . ASN A 1 23  ? 5.781   -5.124  8.972   1.00 26.67  ? 23  ASN A O   1 
ATOM   83  C  CB  . ASN A 1 23  ? 3.302   -3.529  7.076   1.00 20.88  ? 23  ASN A CB  1 
ATOM   84  C  CG  . ASN A 1 23  ? 3.001   -4.945  6.592   1.00 19.34  ? 23  ASN A CG  1 
ATOM   85  O  OD1 . ASN A 1 23  ? 3.708   -5.901  6.905   1.00 21.16  ? 23  ASN A OD1 1 
ATOM   86  N  ND2 . ASN A 1 23  ? 1.939   -5.072  5.812   1.00 18.13  ? 23  ASN A ND2 1 
ATOM   87  N  N   . GLN A 1 24  ? 3.908   -4.369  9.913   1.00 27.97  ? 24  GLN A N   1 
ATOM   88  C  CA  . GLN A 1 24  ? 3.966   -5.236  11.090  1.00 29.07  ? 24  GLN A CA  1 
ATOM   89  C  C   . GLN A 1 24  ? 3.958   -6.741  10.775  1.00 28.90  ? 24  GLN A C   1 
ATOM   90  O  O   . GLN A 1 24  ? 4.316   -7.552  11.610  1.00 23.69  ? 24  GLN A O   1 
ATOM   91  C  CB  . GLN A 1 24  ? 2.830   -4.897  12.063  1.00 27.72  ? 24  GLN A CB  1 
ATOM   92  C  CG  . GLN A 1 24  ? 1.403   -5.325  11.680  1.00 28.31  ? 24  GLN A CG  1 
ATOM   93  C  CD  . GLN A 1 24  ? 0.820   -4.619  10.446  1.00 30.84  ? 24  GLN A CD  1 
ATOM   94  O  OE1 . GLN A 1 24  ? 1.367   -3.652  9.963   1.00 32.03  ? 24  GLN A OE1 1 
ATOM   95  N  NE2 . GLN A 1 24  ? -0.298  -5.116  9.940   1.00 30.81  ? 24  GLN A NE2 1 
ATOM   96  N  N   . LEU A 1 25  ? 3.559   -7.101  9.574   1.00 31.20  ? 25  LEU A N   1 
ATOM   97  C  CA  . LEU A 1 25  ? 3.510   -8.516  9.194   1.00 30.12  ? 25  LEU A CA  1 
ATOM   98  C  C   . LEU A 1 25  ? 4.817   -8.943  8.508   1.00 29.51  ? 25  LEU A C   1 
ATOM   99  O  O   . LEU A 1 25  ? 4.938   -10.090 8.095   1.00 29.45  ? 25  LEU A O   1 
ATOM   100 C  CB  . LEU A 1 25  ? 2.349   -8.760  8.216   1.00 27.71  ? 25  LEU A CB  1 
ATOM   101 C  CG  . LEU A 1 25  ? 0.901   -8.525  8.630   1.00 27.97  ? 25  LEU A CG  1 
ATOM   102 C  CD1 . LEU A 1 25  ? 0.006   -8.484  7.388   1.00 27.47  ? 25  LEU A CD1 1 
ATOM   103 C  CD2 . LEU A 1 25  ? 0.412   -9.608  9.578   1.00 28.06  ? 25  LEU A CD2 1 
ATOM   104 N  N   . GLY A 1 26  ? 5.775   -8.046  8.373   1.00 24.74  ? 26  GLY A N   1 
ATOM   105 C  CA  . GLY A 1 26  ? 6.938   -8.331  7.608   1.00 26.17  ? 26  GLY A CA  1 
ATOM   106 C  C   . GLY A 1 26  ? 6.809   -8.183  6.103   1.00 28.48  ? 26  GLY A C   1 
ATOM   107 O  O   . GLY A 1 26  ? 7.684   -8.643  5.376   1.00 29.69  ? 26  GLY A O   1 
ATOM   108 N  N   . SER A 1 27  ? 5.747   -7.561  5.598   1.00 26.77  ? 27  SER A N   1 
ATOM   109 C  CA  . SER A 1 27  ? 5.652   -7.258  4.170   1.00 24.66  ? 27  SER A CA  1 
ATOM   110 C  C   . SER A 1 27  ? 6.502   -6.100  3.748   1.00 22.97  ? 27  SER A C   1 
ATOM   111 O  O   . SER A 1 27  ? 6.795   -5.229  4.524   1.00 27.78  ? 27  SER A O   1 
ATOM   112 C  CB  . SER A 1 27  ? 4.184   -6.981  3.770   1.00 25.66  ? 27  SER A CB  1 
ATOM   113 O  OG  . SER A 1 27  ? 3.427   -8.173  3.829   1.00 24.55  ? 27  SER A OG  1 
ATOM   114 N  N   . THR A 1 28  ? 6.831   -6.078  2.473   1.00 25.26  ? 28  THR A N   1 
ATOM   115 C  CA  . THR A 1 28  ? 7.778   -5.161  1.864   1.00 25.49  ? 28  THR A CA  1 
ATOM   116 C  C   . THR A 1 28  ? 7.114   -4.297  0.790   1.00 25.12  ? 28  THR A C   1 
ATOM   117 O  O   . THR A 1 28  ? 6.691   -4.807  -0.200  1.00 25.48  ? 28  THR A O   1 
ATOM   118 C  CB  . THR A 1 28  ? 8.947   -5.995  1.264   1.00 27.03  ? 28  THR A CB  1 
ATOM   119 O  OG1 . THR A 1 28  ? 9.577   -6.650  2.330   1.00 24.74  ? 28  THR A OG1 1 
ATOM   120 C  CG2 . THR A 1 28  ? 9.975   -5.172  0.574   1.00 29.33  ? 28  THR A CG2 1 
ATOM   121 N  N   . PHE A 1 29  ? 7.066   -2.980  1.010   1.00 24.33  ? 29  PHE A N   1 
ATOM   122 C  CA  . PHE A 1 29  ? 6.363   -1.998  0.175   1.00 24.87  ? 29  PHE A CA  1 
ATOM   123 C  C   . PHE A 1 29  ? 7.497   -1.157  -0.379  1.00 28.86  ? 29  PHE A C   1 
ATOM   124 O  O   . PHE A 1 29  ? 8.181   -0.452  0.391   1.00 30.53  ? 29  PHE A O   1 
ATOM   125 C  CB  . PHE A 1 29  ? 5.394   -1.194  1.078   1.00 22.53  ? 29  PHE A CB  1 
ATOM   126 C  CG  . PHE A 1 29  ? 4.774   0.032   0.480   1.00 20.02  ? 29  PHE A CG  1 
ATOM   127 C  CD1 . PHE A 1 29  ? 4.275   0.058   -0.799  1.00 21.23  ? 29  PHE A CD1 1 
ATOM   128 C  CD2 . PHE A 1 29  ? 4.623   1.158   1.247   1.00 20.72  ? 29  PHE A CD2 1 
ATOM   129 C  CE1 . PHE A 1 29  ? 3.675   1.186   -1.329  1.00 20.57  ? 29  PHE A CE1 1 
ATOM   130 C  CE2 . PHE A 1 29  ? 4.056   2.332   0.710   1.00 21.16  ? 29  PHE A CE2 1 
ATOM   131 C  CZ  . PHE A 1 29  ? 3.545   2.331   -0.564  1.00 19.89  ? 29  PHE A CZ  1 
ATOM   132 N  N   . ILE A 1 30  ? 7.759   -1.287  -1.682  1.00 27.80  ? 30  ILE A N   1 
ATOM   133 C  CA  . ILE A 1 30  ? 8.790   -0.488  -2.330  1.00 29.68  ? 30  ILE A CA  1 
ATOM   134 C  C   . ILE A 1 30  ? 8.156   0.560   -3.235  1.00 29.14  ? 30  ILE A C   1 
ATOM   135 O  O   . ILE A 1 30  ? 7.466   0.199   -4.183  1.00 27.45  ? 30  ILE A O   1 
ATOM   136 C  CB  . ILE A 1 30  ? 9.747   -1.376  -3.166  1.00 33.16  ? 30  ILE A CB  1 
ATOM   137 C  CG1 . ILE A 1 30  ? 10.536  -2.338  -2.265  1.00 35.32  ? 30  ILE A CG1 1 
ATOM   138 C  CG2 . ILE A 1 30  ? 10.714  -0.523  -3.973  1.00 33.06  ? 30  ILE A CG2 1 
ATOM   139 C  CD1 . ILE A 1 30  ? 11.199  -3.460  -3.027  1.00 33.31  ? 30  ILE A CD1 1 
ATOM   140 N  N   . VAL A 1 31  ? 8.438   1.838   -2.997  1.00 29.99  ? 31  VAL A N   1 
ATOM   141 C  CA  . VAL A 1 31  ? 7.694   2.906   -3.681  1.00 30.33  ? 31  VAL A CA  1 
ATOM   142 C  C   . VAL A 1 31  ? 8.542   4.058   -4.141  1.00 28.88  ? 31  VAL A C   1 
ATOM   143 O  O   . VAL A 1 31  ? 9.494   4.455   -3.491  1.00 31.10  ? 31  VAL A O   1 
ATOM   144 C  CB  . VAL A 1 31  ? 6.510   3.402   -2.787  1.00 29.72  ? 31  VAL A CB  1 
ATOM   145 C  CG1 . VAL A 1 31  ? 6.971   4.133   -1.541  1.00 31.49  ? 31  VAL A CG1 1 
ATOM   146 C  CG2 . VAL A 1 31  ? 5.535   4.256   -3.537  1.00 30.91  ? 31  VAL A CG2 1 
ATOM   147 N  N   . THR A 1 32  ? 8.155   4.617   -5.281  1.00 31.58  ? 32  THR A N   1 
ATOM   148 C  CA  . THR A 1 32  ? 8.676   5.872   -5.743  1.00 30.63  ? 32  THR A CA  1 
ATOM   149 C  C   . THR A 1 32  ? 7.513   6.853   -5.788  1.00 29.53  ? 32  THR A C   1 
ATOM   150 O  O   . THR A 1 32  ? 6.450   6.557   -6.339  1.00 26.30  ? 32  THR A O   1 
ATOM   151 C  CB  . THR A 1 32  ? 9.362   5.671   -7.121  1.00 33.31  ? 32  THR A CB  1 
ATOM   152 O  OG1 . THR A 1 32  ? 10.308  4.608   -6.994  1.00 37.22  ? 32  THR A OG1 1 
ATOM   153 C  CG2 . THR A 1 32  ? 10.113  6.881   -7.564  1.00 32.82  ? 32  THR A CG2 1 
ATOM   154 N  N   . ALA A 1 33  ? 7.730   8.024   -5.188  1.00 28.70  ? 33  ALA A N   1 
ATOM   155 C  CA  . ALA A 1 33  ? 6.831   9.147   -5.319  1.00 28.49  ? 33  ALA A CA  1 
ATOM   156 C  C   . ALA A 1 33  ? 7.339   10.093  -6.403  1.00 30.64  ? 33  ALA A C   1 
ATOM   157 O  O   . ALA A 1 33  ? 8.371   10.734  -6.225  1.00 32.14  ? 33  ALA A O   1 
ATOM   158 C  CB  . ALA A 1 33  ? 6.697   9.886   -4.011  1.00 27.16  ? 33  ALA A CB  1 
ATOM   159 N  N   . GLY A 1 34  ? 6.630   10.136  -7.533  1.00 30.53  ? 34  GLY A N   1 
ATOM   160 C  CA  . GLY A 1 34  ? 6.795   11.149  -8.555  1.00 29.40  ? 34  GLY A CA  1 
ATOM   161 C  C   . GLY A 1 34  ? 6.388   12.505  -8.023  1.00 33.49  ? 34  GLY A C   1 
ATOM   162 O  O   . GLY A 1 34  ? 5.551   12.615  -7.123  1.00 34.29  ? 34  GLY A O   1 
ATOM   163 N  N   . ALA A 1 35  ? 7.023   13.538  -8.554  1.00 40.46  ? 35  ALA A N   1 
ATOM   164 C  CA  . ALA A 1 35  ? 6.747   14.965  -8.178  1.00 40.61  ? 35  ALA A CA  1 
ATOM   165 C  C   . ALA A 1 35  ? 5.285   15.444  -8.437  1.00 40.91  ? 35  ALA A C   1 
ATOM   166 O  O   . ALA A 1 35  ? 4.761   16.341  -7.745  1.00 45.36  ? 35  ALA A O   1 
ATOM   167 C  CB  . ALA A 1 35  ? 7.724   15.875  -8.925  1.00 39.57  ? 35  ALA A CB  1 
ATOM   168 N  N   . ASP A 1 36  ? 4.671   14.832  -9.443  1.00 37.63  ? 36  ASP A N   1 
ATOM   169 C  CA  . ASP A 1 36  ? 3.279   15.019  -9.842  1.00 38.94  ? 36  ASP A CA  1 
ATOM   170 C  C   . ASP A 1 36  ? 2.223   14.247  -8.992  1.00 38.45  ? 36  ASP A C   1 
ATOM   171 O  O   . ASP A 1 36  ? 1.099   14.059  -9.476  1.00 42.07  ? 36  ASP A O   1 
ATOM   172 C  CB  . ASP A 1 36  ? 3.170   14.528  -11.300 1.00 43.32  ? 36  ASP A CB  1 
ATOM   173 C  CG  . ASP A 1 36  ? 3.387   12.963  -11.441 1.00 48.38  ? 36  ASP A CG  1 
ATOM   174 O  OD1 . ASP A 1 36  ? 4.128   12.351  -10.623 1.00 48.27  ? 36  ASP A OD1 1 
ATOM   175 O  OD2 . ASP A 1 36  ? 2.794   12.335  -12.356 1.00 50.92  ? 36  ASP A OD2 1 
ATOM   176 N  N   . GLY A 1 37  ? 2.563   13.745  -7.789  1.00 32.33  ? 37  GLY A N   1 
ATOM   177 C  CA  . GLY A 1 37  ? 1.604   12.993  -6.958  1.00 31.02  ? 37  GLY A CA  1 
ATOM   178 C  C   . GLY A 1 37  ? 1.506   11.491  -7.245  1.00 27.65  ? 37  GLY A C   1 
ATOM   179 O  O   . GLY A 1 37  ? 0.705   10.786  -6.615  1.00 26.86  ? 37  GLY A O   1 
ATOM   180 N  N   . ALA A 1 38  ? 2.326   10.985  -8.161  1.00 27.40  ? 38  ALA A N   1 
ATOM   181 C  CA  . ALA A 1 38  ? 2.308   9.509   -8.514  1.00 27.98  ? 38  ALA A CA  1 
ATOM   182 C  C   . ALA A 1 38  ? 2.984   8.591   -7.490  1.00 27.32  ? 38  ALA A C   1 
ATOM   183 O  O   . ALA A 1 38  ? 4.040   8.911   -6.948  1.00 26.35  ? 38  ALA A O   1 
ATOM   184 C  CB  . ALA A 1 38  ? 2.970   9.251   -9.860  1.00 25.83  ? 38  ALA A CB  1 
ATOM   185 N  N   . LEU A 1 39  ? 2.428   7.411   -7.318  1.00 24.65  ? 39  LEU A N   1 
ATOM   186 C  CA  . LEU A 1 39  ? 3.106   6.390   -6.559  1.00 24.63  ? 39  LEU A CA  1 
ATOM   187 C  C   . LEU A 1 39  ? 3.198   5.193   -7.434  1.00 22.14  ? 39  LEU A C   1 
ATOM   188 O  O   . LEU A 1 39  ? 2.215   4.792   -7.968  1.00 24.12  ? 39  LEU A O   1 
ATOM   189 C  CB  . LEU A 1 39  ? 2.329   6.037   -5.281  1.00 24.12  ? 39  LEU A CB  1 
ATOM   190 C  CG  . LEU A 1 39  ? 2.132   7.157   -4.277  1.00 24.95  ? 39  LEU A CG  1 
ATOM   191 C  CD1 . LEU A 1 39  ? 1.381   6.576   -3.084  1.00 26.84  ? 39  LEU A CD1 1 
ATOM   192 C  CD2 . LEU A 1 39  ? 3.465   7.697   -3.821  1.00 25.53  ? 39  LEU A CD2 1 
ATOM   193 N  N   A THR A 1 40  ? 4.406   4.658   -7.593  0.50 22.91  ? 40  THR A N   1 
ATOM   194 N  N   B THR A 1 40  ? 4.369   4.596   -7.515  0.50 22.11  ? 40  THR A N   1 
ATOM   195 C  CA  A THR A 1 40  ? 4.698   3.481   -8.415  0.50 23.33  ? 40  THR A CA  1 
ATOM   196 C  CA  B THR A 1 40  ? 4.596   3.413   -8.306  0.50 22.13  ? 40  THR A CA  1 
ATOM   197 C  C   A THR A 1 40  ? 5.679   2.621   -7.614  0.50 22.94  ? 40  THR A C   1 
ATOM   198 C  C   B THR A 1 40  ? 5.540   2.586   -7.467  0.50 22.16  ? 40  THR A C   1 
ATOM   199 O  O   A THR A 1 40  ? 6.524   3.194   -6.904  0.50 21.81  ? 40  THR A O   1 
ATOM   200 O  O   B THR A 1 40  ? 6.182   3.136   -6.567  0.50 21.51  ? 40  THR A O   1 
ATOM   201 C  CB  A THR A 1 40  ? 5.415   3.844   -9.750  0.50 23.85  ? 40  THR A CB  1 
ATOM   202 C  CB  B THR A 1 40  ? 5.333   3.754   -9.602  0.50 22.03  ? 40  THR A CB  1 
ATOM   203 O  OG1 A THR A 1 40  ? 4.776   4.948   -10.397 0.50 23.96  ? 40  THR A OG1 1 
ATOM   204 O  OG1 B THR A 1 40  ? 6.408   4.623   -9.262  0.50 19.87  ? 40  THR A OG1 1 
ATOM   205 C  CG2 A THR A 1 40  ? 5.418   2.653   -10.702 0.50 23.49  ? 40  THR A CG2 1 
ATOM   206 C  CG2 B THR A 1 40  ? 4.409   4.425   -10.622 0.50 22.04  ? 40  THR A CG2 1 
ATOM   207 N  N   . GLY A 1 41  ? 5.595   1.285   -7.762  1.00 20.78  ? 41  GLY A N   1 
ATOM   208 C  CA  . GLY A 1 41  ? 6.554   0.385   -7.211  1.00 18.87  ? 41  GLY A CA  1 
ATOM   209 C  C   . GLY A 1 41  ? 6.084   -1.078  -7.112  1.00 20.85  ? 41  GLY A C   1 
ATOM   210 O  O   . GLY A 1 41  ? 5.366   -1.593  -7.976  1.00 20.86  ? 41  GLY A O   1 
ATOM   211 N  N   . THR A 1 42  ? 6.498   -1.776  -6.057  1.00 20.54  ? 42  THR A N   1 
ATOM   212 C  CA  . THR A 1 42  ? 6.160   -3.184  -5.918  1.00 24.12  ? 42  THR A CA  1 
ATOM   213 C  C   . THR A 1 42  ? 5.767   -3.478  -4.475  1.00 23.72  ? 42  THR A C   1 
ATOM   214 O  O   . THR A 1 42  ? 6.197   -2.750  -3.555  1.00 24.94  ? 42  THR A O   1 
ATOM   215 C  CB  . THR A 1 42  ? 7.267   -4.218  -6.381  1.00 22.69  ? 42  THR A CB  1 
ATOM   216 O  OG1 . THR A 1 42  ? 8.434   -4.153  -5.552  1.00 20.15  ? 42  THR A OG1 1 
ATOM   217 C  CG2 . THR A 1 42  ? 7.640   -4.074  -7.860  1.00 23.41  ? 42  THR A CG2 1 
ATOM   218 N  N   . TYR A 1 43  ? 4.954   -4.525  -4.305  1.00 20.60  ? 43  TYR A N   1 
ATOM   219 C  CA  . TYR A 1 43  ? 4.573   -4.996  -2.981  1.00 22.67  ? 43  TYR A CA  1 
ATOM   220 C  C   . TYR A 1 43  ? 4.819   -6.493  -2.869  1.00 23.67  ? 43  TYR A C   1 
ATOM   221 O  O   . TYR A 1 43  ? 4.540   -7.214  -3.801  1.00 22.88  ? 43  TYR A O   1 
ATOM   222 C  CB  . TYR A 1 43  ? 3.054   -4.766  -2.770  1.00 24.69  ? 43  TYR A CB  1 
ATOM   223 C  CG  . TYR A 1 43  ? 2.629   -4.661  -1.295  1.00 22.69  ? 43  TYR A CG  1 
ATOM   224 C  CD1 . TYR A 1 43  ? 2.289   -5.790  -0.578  1.00 21.26  ? 43  TYR A CD1 1 
ATOM   225 C  CD2 . TYR A 1 43  ? 2.564   -3.425  -0.639  1.00 20.49  ? 43  TYR A CD2 1 
ATOM   226 C  CE1 . TYR A 1 43  ? 1.936   -5.698  0.760   1.00 22.01  ? 43  TYR A CE1 1 
ATOM   227 C  CE2 . TYR A 1 43  ? 2.201   -3.335  0.694   1.00 21.12  ? 43  TYR A CE2 1 
ATOM   228 C  CZ  . TYR A 1 43  ? 1.887   -4.478  1.385   1.00 21.66  ? 43  TYR A CZ  1 
ATOM   229 O  OH  . TYR A 1 43  ? 1.497   -4.449  2.685   1.00 18.90  ? 43  TYR A OH  1 
ATOM   230 N  N   . GLU A 1 44  ? 5.310   -6.946  -1.713  1.00 25.95  ? 44  GLU A N   1 
ATOM   231 C  CA  . GLU A 1 44  ? 5.445   -8.363  -1.422  1.00 24.63  ? 44  GLU A CA  1 
ATOM   232 C  C   . GLU A 1 44  ? 4.819   -8.650  -0.061  1.00 24.31  ? 44  GLU A C   1 
ATOM   233 O  O   . GLU A 1 44  ? 5.291   -8.183  0.977   1.00 24.13  ? 44  GLU A O   1 
ATOM   234 C  CB  . GLU A 1 44  ? 6.942   -8.688  -1.382  1.00 29.42  ? 44  GLU A CB  1 
ATOM   235 C  CG  . GLU A 1 44  ? 7.323   -10.062 -0.807  1.00 30.71  ? 44  GLU A CG  1 
ATOM   236 C  CD  . GLU A 1 44  ? 8.728   -10.512 -1.194  1.00 33.88  ? 44  GLU A CD  1 
ATOM   237 O  OE1 . GLU A 1 44  ? 8.992   -11.732 -1.148  1.00 34.39  ? 44  GLU A OE1 1 
ATOM   238 O  OE2 . GLU A 1 44  ? 9.552   -9.654  -1.569  1.00 31.93  ? 44  GLU A OE2 1 
ATOM   239 N  N   . SER A 1 45  ? 3.723   -9.403  -0.073  1.00 25.69  ? 45  SER A N   1 
ATOM   240 C  CA  . SER A 1 45  ? 3.048   -9.806  1.142   1.00 22.86  ? 45  SER A CA  1 
ATOM   241 C  C   . SER A 1 45  ? 3.707   -10.996 1.818   1.00 24.06  ? 45  SER A C   1 
ATOM   242 O  O   . SER A 1 45  ? 3.886   -12.037 1.196   1.00 24.29  ? 45  SER A O   1 
ATOM   243 C  CB  . SER A 1 45  ? 1.548   -10.141 0.871   1.00 21.36  ? 45  SER A CB  1 
ATOM   244 O  OG  . SER A 1 45  ? 0.884   -10.504 2.070   1.00 21.09  ? 45  SER A OG  1 
ATOM   245 N  N   . ALA A 1 46  ? 3.971   -10.863 3.120   1.00 23.23  ? 46  ALA A N   1 
ATOM   246 C  CA  . ALA A 1 46  ? 4.373   -11.983 3.914   1.00 23.78  ? 46  ALA A CA  1 
ATOM   247 C  C   . ALA A 1 46  ? 3.221   -12.958 4.248   1.00 24.63  ? 46  ALA A C   1 
ATOM   248 O  O   . ALA A 1 46  ? 3.460   -13.919 4.911   1.00 23.87  ? 46  ALA A O   1 
ATOM   249 C  CB  . ALA A 1 46  ? 4.985   -11.470 5.196   1.00 24.46  ? 46  ALA A CB  1 
ATOM   250 N  N   . VAL A 1 47  ? 1.979   -12.650 3.904   1.00 23.76  ? 47  VAL A N   1 
ATOM   251 C  CA  . VAL A 1 47  ? 0.873   -13.486 4.289   1.00 22.73  ? 47  VAL A CA  1 
ATOM   252 C  C   . VAL A 1 47  ? -0.051  -13.578 3.115   1.00 23.44  ? 47  VAL A C   1 
ATOM   253 O  O   . VAL A 1 47  ? 0.075   -12.870 2.128   1.00 22.03  ? 47  VAL A O   1 
ATOM   254 C  CB  . VAL A 1 47  ? 0.081   -12.985 5.515   1.00 22.33  ? 47  VAL A CB  1 
ATOM   255 C  CG1 . VAL A 1 47  ? 0.880   -13.131 6.808   1.00 22.17  ? 47  VAL A CG1 1 
ATOM   256 C  CG2 . VAL A 1 47  ? -0.395  -11.519 5.351   1.00 23.42  ? 47  VAL A CG2 1 
ATOM   257 N  N   . GLY A 1 48  ? -0.923  -14.560 3.215   1.00 26.95  ? 48  GLY A N   1 
ATOM   258 C  CA  . GLY A 1 48  ? -1.978  -14.798 2.258   1.00 25.79  ? 48  GLY A CA  1 
ATOM   259 C  C   . GLY A 1 48  ? -1.564  -15.496 1.002   1.00 27.02  ? 48  GLY A C   1 
ATOM   260 O  O   . GLY A 1 48  ? -0.471  -16.020 0.881   1.00 24.53  ? 48  GLY A O   1 
ATOM   261 N  N   . ASN A 1 49  ? -2.484  -15.488 0.058   1.00 28.16  ? 49  ASN A N   1 
ATOM   262 C  CA  . ASN A 1 49  ? -2.277  -16.084 -1.209  1.00 27.09  ? 49  ASN A CA  1 
ATOM   263 C  C   . ASN A 1 49  ? -1.415  -15.269 -2.146  1.00 26.26  ? 49  ASN A C   1 
ATOM   264 O  O   . ASN A 1 49  ? -1.898  -14.707 -3.129  1.00 23.88  ? 49  ASN A O   1 
ATOM   265 C  CB  . ASN A 1 49  ? -3.597  -16.483 -1.824  1.00 27.99  ? 49  ASN A CB  1 
ATOM   266 C  CG  . ASN A 1 49  ? -3.402  -17.472 -2.938  1.00 27.45  ? 49  ASN A CG  1 
ATOM   267 O  OD1 . ASN A 1 49  ? -2.256  -17.908 -3.193  1.00 26.94  ? 49  ASN A OD1 1 
ATOM   268 N  ND2 . ASN A 1 49  ? -4.477  -17.765 -3.656  1.00 26.20  ? 49  ASN A ND2 1 
ATOM   269 N  N   . ALA A 1 50  ? -0.101  -15.321 -1.890  1.00 26.27  ? 50  ALA A N   1 
ATOM   270 C  CA  . ALA A 1 50  ? 0.818   -14.417 -2.551  1.00 28.60  ? 50  ALA A CA  1 
ATOM   271 C  C   . ALA A 1 50  ? 2.236   -14.885 -2.519  1.00 27.10  ? 50  ALA A C   1 
ATOM   272 O  O   . ALA A 1 50  ? 2.696   -15.412 -1.546  1.00 29.44  ? 50  ALA A O   1 
ATOM   273 C  CB  . ALA A 1 50  ? 0.744   -13.053 -1.867  1.00 28.12  ? 50  ALA A CB  1 
ATOM   274 N  N   . GLU A 1 51  ? 2.966   -14.612 -3.558  1.00 28.26  ? 51  GLU A N   1 
ATOM   275 C  CA  . GLU A 1 51  ? 4.384   -14.803 -3.496  1.00 29.30  ? 51  GLU A CA  1 
ATOM   276 C  C   . GLU A 1 51  ? 5.052   -13.895 -4.494  1.00 25.14  ? 51  GLU A C   1 
ATOM   277 O  O   . GLU A 1 51  ? 4.521   -13.584 -5.595  1.00 21.69  ? 51  GLU A O   1 
ATOM   278 C  CB  . GLU A 1 51  ? 4.795   -16.265 -3.795  1.00 38.25  ? 51  GLU A CB  1 
ATOM   279 C  CG  . GLU A 1 51  ? 4.602   -16.691 -5.239  1.00 40.55  ? 51  GLU A CG  1 
ATOM   280 C  CD  . GLU A 1 51  ? 5.244   -18.013 -5.566  1.00 43.55  ? 51  GLU A CD  1 
ATOM   281 O  OE1 . GLU A 1 51  ? 6.482   -18.084 -5.475  1.00 44.89  ? 51  GLU A OE1 1 
ATOM   282 O  OE2 . GLU A 1 51  ? 4.489   -18.949 -5.919  1.00 50.41  ? 51  GLU A OE2 1 
ATOM   283 N  N   . SER A 1 52  ? 6.228   -13.500 -4.072  1.00 23.91  ? 52  SER A N   1 
ATOM   284 C  CA  . SER A 1 52  ? 7.079   -12.588 -4.772  1.00 27.23  ? 52  SER A CA  1 
ATOM   285 C  C   . SER A 1 52  ? 6.429   -11.202 -4.889  1.00 26.58  ? 52  SER A C   1 
ATOM   286 O  O   . SER A 1 52  ? 5.526   -10.899 -4.130  1.00 30.78  ? 52  SER A O   1 
ATOM   287 C  CB  . SER A 1 52  ? 7.508   -13.224 -6.089  1.00 31.13  ? 52  SER A CB  1 
ATOM   288 O  OG  . SER A 1 52  ? 8.655   -12.531 -6.540  1.00 34.80  ? 52  SER A OG  1 
ATOM   289 N  N   A ARG A 1 53  ? 6.911   -10.382 -5.825  0.50 29.10  ? 53  ARG A N   1 
ATOM   290 N  N   B ARG A 1 53  ? 6.909   -10.386 -5.828  0.50 28.00  ? 53  ARG A N   1 
ATOM   291 C  CA  A ARG A 1 53  ? 6.474   -9.004  -6.012  0.50 29.16  ? 53  ARG A CA  1 
ATOM   292 C  CA  B ARG A 1 53  ? 6.477   -9.008  -6.021  0.50 27.41  ? 53  ARG A CA  1 
ATOM   293 C  C   A ARG A 1 53  ? 5.248   -8.886  -6.921  0.50 28.91  ? 53  ARG A C   1 
ATOM   294 C  C   B ARG A 1 53  ? 5.238   -8.894  -6.913  0.50 27.90  ? 53  ARG A C   1 
ATOM   295 O  O   A ARG A 1 53  ? 4.968   -9.774  -7.737  0.50 29.80  ? 53  ARG A O   1 
ATOM   296 O  O   B ARG A 1 53  ? 4.942   -9.794  -7.712  0.50 28.77  ? 53  ARG A O   1 
ATOM   297 C  CB  A ARG A 1 53  ? 7.653   -8.169  -6.548  0.50 30.64  ? 53  ARG A CB  1 
ATOM   298 C  CB  B ARG A 1 53  ? 7.647   -8.198  -6.608  0.50 27.44  ? 53  ARG A CB  1 
ATOM   299 C  CG  A ARG A 1 53  ? 8.711   -7.939  -5.471  0.50 31.88  ? 53  ARG A CG  1 
ATOM   300 C  CG  B ARG A 1 53  ? 8.828   -8.105  -5.643  0.50 27.28  ? 53  ARG A CG  1 
ATOM   301 C  CD  A ARG A 1 53  ? 10.058  -7.414  -5.952  0.50 34.69  ? 53  ARG A CD  1 
ATOM   302 C  CD  B ARG A 1 53  ? 10.120  -7.605  -6.277  0.50 28.43  ? 53  ARG A CD  1 
ATOM   303 N  NE  A ARG A 1 53  ? 10.886  -7.061  -4.795  0.50 38.24  ? 53  ARG A NE  1 
ATOM   304 N  NE  B ARG A 1 53  ? 10.814  -8.588  -7.102  0.50 29.01  ? 53  ARG A NE  1 
ATOM   305 C  CZ  A ARG A 1 53  ? 12.095  -6.512  -4.845  0.50 38.00  ? 53  ARG A CZ  1 
ATOM   306 C  CZ  B ARG A 1 53  ? 11.483  -8.253  -8.193  0.50 30.78  ? 53  ARG A CZ  1 
ATOM   307 N  NH1 A ARG A 1 53  ? 12.742  -6.245  -3.723  0.50 38.47  ? 53  ARG A NH1 1 
ATOM   308 N  NH1 B ARG A 1 53  ? 12.089  -9.173  -8.916  0.50 32.55  ? 53  ARG A NH1 1 
ATOM   309 N  NH2 A ARG A 1 53  ? 12.661  -6.236  -6.003  0.50 39.79  ? 53  ARG A NH2 1 
ATOM   310 N  NH2 B ARG A 1 53  ? 11.524  -6.981  -8.573  0.50 30.85  ? 53  ARG A NH2 1 
ATOM   311 N  N   . TYR A 1 54  ? 4.500   -7.796  -6.729  1.00 27.33  ? 54  TYR A N   1 
ATOM   312 C  CA  . TYR A 1 54  ? 3.314   -7.482  -7.498  1.00 25.43  ? 54  TYR A CA  1 
ATOM   313 C  C   . TYR A 1 54  ? 3.376   -6.000  -7.784  1.00 23.88  ? 54  TYR A C   1 
ATOM   314 O  O   . TYR A 1 54  ? 3.844   -5.204  -6.942  1.00 21.06  ? 54  TYR A O   1 
ATOM   315 C  CB  . TYR A 1 54  ? 2.010   -7.775  -6.677  1.00 27.41  ? 54  TYR A CB  1 
ATOM   316 C  CG  . TYR A 1 54  ? 1.790   -9.275  -6.349  1.00 25.73  ? 54  TYR A CG  1 
ATOM   317 C  CD1 . TYR A 1 54  ? 0.940   -10.055 -7.138  1.00 25.30  ? 54  TYR A CD1 1 
ATOM   318 C  CD2 . TYR A 1 54  ? 2.439   -9.895  -5.267  1.00 24.73  ? 54  TYR A CD2 1 
ATOM   319 C  CE1 . TYR A 1 54  ? 0.707   -11.386 -6.856  1.00 25.28  ? 54  TYR A CE1 1 
ATOM   320 C  CE2 . TYR A 1 54  ? 2.268   -11.265 -5.020  1.00 25.83  ? 54  TYR A CE2 1 
ATOM   321 C  CZ  . TYR A 1 54  ? 1.395   -12.001 -5.803  1.00 27.12  ? 54  TYR A CZ  1 
ATOM   322 O  OH  . TYR A 1 54  ? 1.195   -13.353 -5.587  1.00 27.78  ? 54  TYR A OH  1 
ATOM   323 N  N   . VAL A 1 55  ? 2.830   -5.612  -8.923  1.00 20.69  ? 55  VAL A N   1 
ATOM   324 C  CA  . VAL A 1 55  ? 2.828   -4.213  -9.288  1.00 23.77  ? 55  VAL A CA  1 
ATOM   325 C  C   . VAL A 1 55  ? 1.909   -3.429  -8.368  1.00 21.17  ? 55  VAL A C   1 
ATOM   326 O  O   . VAL A 1 55  ? 0.813   -3.896  -8.018  1.00 20.50  ? 55  VAL A O   1 
ATOM   327 C  CB  . VAL A 1 55  ? 2.365   -4.027  -10.775 1.00 26.03  ? 55  VAL A CB  1 
ATOM   328 C  CG1 . VAL A 1 55  ? 2.137   -2.522  -11.117 1.00 24.90  ? 55  VAL A CG1 1 
ATOM   329 C  CG2 . VAL A 1 55  ? 3.342   -4.754  -11.729 1.00 23.76  ? 55  VAL A CG2 1 
ATOM   330 N  N   . LEU A 1 56  ? 2.306   -2.198  -8.069  1.00 22.45  ? 56  LEU A N   1 
ATOM   331 C  CA  . LEU A 1 56  ? 1.430   -1.245  -7.397  1.00 21.14  ? 56  LEU A CA  1 
ATOM   332 C  C   . LEU A 1 56  ? 1.467   0.190   -7.962  1.00 22.43  ? 56  LEU A C   1 
ATOM   333 O  O   . LEU A 1 56  ? 2.498   0.726   -8.388  1.00 22.17  ? 56  LEU A O   1 
ATOM   334 C  CB  . LEU A 1 56  ? 1.755   -1.168  -5.891  1.00 22.06  ? 56  LEU A CB  1 
ATOM   335 C  CG  . LEU A 1 56  ? 2.934   -0.254  -5.532  1.00 21.09  ? 56  LEU A CG  1 
ATOM   336 C  CD1 . LEU A 1 56  ? 2.593   1.208   -5.283  1.00 20.10  ? 56  LEU A CD1 1 
ATOM   337 C  CD2 . LEU A 1 56  ? 3.591   -0.766  -4.239  1.00 23.04  ? 56  LEU A CD2 1 
ATOM   338 N  N   . THR A 1 57  ? 0.316   0.821   -7.865  1.00 20.51  ? 57  THR A N   1 
ATOM   339 C  CA  . THR A 1 57  ? 0.103   2.111   -8.426  1.00 22.80  ? 57  THR A CA  1 
ATOM   340 C  C   . THR A 1 57  ? -0.711  2.894   -7.399  1.00 20.63  ? 57  THR A C   1 
ATOM   341 O  O   . THR A 1 57  ? -1.553  2.321   -6.707  1.00 20.61  ? 57  THR A O   1 
ATOM   342 C  CB  . THR A 1 57  ? -0.540  1.899   -9.810  1.00 24.96  ? 57  THR A CB  1 
ATOM   343 O  OG1 . THR A 1 57  ? -0.213  2.992   -10.606 1.00 33.18  ? 57  THR A OG1 1 
ATOM   344 C  CG2 . THR A 1 57  ? -1.980  1.846   -9.782  1.00 26.47  ? 57  THR A CG2 1 
ATOM   345 N  N   . GLY A 1 58  ? -0.459  4.175   -7.245  1.00 19.38  ? 58  GLY A N   1 
ATOM   346 C  CA  . GLY A 1 58  ? -1.265  4.914   -6.263  1.00 18.29  ? 58  GLY A CA  1 
ATOM   347 C  C   . GLY A 1 58  ? -1.090  6.390   -6.386  1.00 17.98  ? 58  GLY A C   1 
ATOM   348 O  O   . GLY A 1 58  ? -0.536  6.862   -7.382  1.00 16.80  ? 58  GLY A O   1 
ATOM   349 N  N   . ARG A 1 59  ? -1.539  7.145   -5.381  1.00 19.76  ? 59  ARG A N   1 
ATOM   350 C  CA  . ARG A 1 59  ? -1.481  8.615   -5.489  1.00 22.45  ? 59  ARG A CA  1 
ATOM   351 C  C   . ARG A 1 59  ? -1.208  9.203   -4.121  1.00 23.12  ? 59  ARG A C   1 
ATOM   352 O  O   . ARG A 1 59  ? -1.646  8.638   -3.126  1.00 25.02  ? 59  ARG A O   1 
ATOM   353 C  CB  . ARG A 1 59  ? -2.795  9.210   -6.071  1.00 23.66  ? 59  ARG A CB  1 
ATOM   354 C  CG  . ARG A 1 59  ? -3.224  8.776   -7.493  1.00 23.55  ? 59  ARG A CG  1 
ATOM   355 C  CD  . ARG A 1 59  ? -2.333  9.280   -8.622  1.00 23.69  ? 59  ARG A CD  1 
ATOM   356 N  NE  . ARG A 1 59  ? -2.386  10.744  -8.618  1.00 23.50  ? 59  ARG A NE  1 
ATOM   357 C  CZ  . ARG A 1 59  ? -1.554  11.560  -9.258  1.00 25.18  ? 59  ARG A CZ  1 
ATOM   358 N  NH1 . ARG A 1 59  ? -0.623  11.093  -10.053 1.00 24.67  ? 59  ARG A NH1 1 
ATOM   359 N  NH2 . ARG A 1 59  ? -1.667  12.889  -9.080  1.00 24.55  ? 59  ARG A NH2 1 
ATOM   360 N  N   . TYR A 1 60  ? -0.531  10.345  -4.086  1.00 22.86  ? 60  TYR A N   1 
ATOM   361 C  CA  . TYR A 1 60  ? -0.361  11.106  -2.834  1.00 24.24  ? 60  TYR A CA  1 
ATOM   362 C  C   . TYR A 1 60  ? -0.529  12.623  -3.094  1.00 23.60  ? 60  TYR A C   1 
ATOM   363 O  O   . TYR A 1 60  ? -0.359  13.073  -4.207  1.00 23.66  ? 60  TYR A O   1 
ATOM   364 C  CB  . TYR A 1 60  ? 1.017   10.814  -2.244  1.00 25.02  ? 60  TYR A CB  1 
ATOM   365 C  CG  . TYR A 1 60  ? 2.204   11.498  -2.928  1.00 26.22  ? 60  TYR A CG  1 
ATOM   366 C  CD1 . TYR A 1 60  ? 2.729   10.986  -4.088  1.00 26.43  ? 60  TYR A CD1 1 
ATOM   367 C  CD2 . TYR A 1 60  ? 2.820   12.651  -2.372  1.00 28.64  ? 60  TYR A CD2 1 
ATOM   368 C  CE1 . TYR A 1 60  ? 3.836   11.536  -4.716  1.00 28.23  ? 60  TYR A CE1 1 
ATOM   369 C  CE2 . TYR A 1 60  ? 3.924   13.249  -3.011  1.00 29.78  ? 60  TYR A CE2 1 
ATOM   370 C  CZ  . TYR A 1 60  ? 4.435   12.698  -4.186  1.00 31.23  ? 60  TYR A CZ  1 
ATOM   371 O  OH  . TYR A 1 60  ? 5.549   13.244  -4.866  1.00 29.40  ? 60  TYR A OH  1 
ATOM   372 N  N   . ASP A 1 61  ? -0.931  13.349  -2.057  1.00 24.09  ? 61  ASP A N   1 
ATOM   373 C  CA  . ASP A 1 61  ? -0.972  14.809  -2.007  1.00 25.10  ? 61  ASP A CA  1 
ATOM   374 C  C   . ASP A 1 61  ? 0.450   15.356  -2.031  1.00 26.36  ? 61  ASP A C   1 
ATOM   375 O  O   . ASP A 1 61  ? 1.127   15.381  -1.007  1.00 28.14  ? 61  ASP A O   1 
ATOM   376 C  CB  . ASP A 1 61  ? -1.644  15.242  -0.699  1.00 26.61  ? 61  ASP A CB  1 
ATOM   377 C  CG  . ASP A 1 61  ? -1.775  16.789  -0.537  1.00 27.59  ? 61  ASP A CG  1 
ATOM   378 O  OD1 . ASP A 1 61  ? -1.513  17.516  -1.504  1.00 26.02  ? 61  ASP A OD1 1 
ATOM   379 O  OD2 . ASP A 1 61  ? -2.168  17.234  0.598   1.00 26.06  ? 61  ASP A OD2 1 
ATOM   380 N  N   . SER A 1 62  ? 0.891   15.742  -3.216  1.00 27.43  ? 62  SER A N   1 
ATOM   381 C  CA  . SER A 1 62  ? 2.186   16.362  -3.428  1.00 31.78  ? 62  SER A CA  1 
ATOM   382 C  C   . SER A 1 62  ? 2.326   17.850  -3.009  1.00 34.31  ? 62  SER A C   1 
ATOM   383 O  O   . SER A 1 62  ? 3.360   18.456  -3.291  1.00 36.49  ? 62  SER A O   1 
ATOM   384 C  CB  . SER A 1 62  ? 2.550   16.265  -4.915  1.00 34.21  ? 62  SER A CB  1 
ATOM   385 O  OG  . SER A 1 62  ? 1.427   16.528  -5.704  1.00 35.65  ? 62  SER A OG  1 
ATOM   386 N  N   . ALA A 1 63  ? 1.345   18.436  -2.342  1.00 32.40  ? 63  ALA A N   1 
ATOM   387 C  CA  . ALA A 1 63  ? 1.512   19.801  -1.808  1.00 39.01  ? 63  ALA A CA  1 
ATOM   388 C  C   . ALA A 1 63  ? 0.819   19.767  -0.480  1.00 42.87  ? 63  ALA A C   1 
ATOM   389 O  O   . ALA A 1 63  ? -0.216  20.404  -0.309  1.00 42.00  ? 63  ALA A O   1 
ATOM   390 C  CB  . ALA A 1 63  ? 0.878   20.861  -2.716  1.00 38.25  ? 63  ALA A CB  1 
ATOM   391 N  N   . PRO A 1 64  ? 1.351   18.967  0.447   1.00 50.29  ? 64  PRO A N   1 
ATOM   392 C  CA  . PRO A 1 64  ? 0.654   18.766  1.729   1.00 55.91  ? 64  PRO A CA  1 
ATOM   393 C  C   . PRO A 1 64  ? 0.629   20.024  2.597   1.00 60.18  ? 64  PRO A C   1 
ATOM   394 O  O   . PRO A 1 64  ? 1.534   20.857  2.473   1.00 66.44  ? 64  PRO A O   1 
ATOM   395 C  CB  . PRO A 1 64  ? 1.481   17.668  2.390   1.00 57.23  ? 64  PRO A CB  1 
ATOM   396 C  CG  . PRO A 1 64  ? 2.863   17.863  1.825   1.00 57.34  ? 64  PRO A CG  1 
ATOM   397 C  CD  . PRO A 1 64  ? 2.658   18.277  0.402   1.00 53.55  ? 64  PRO A CD  1 
ATOM   398 N  N   . ALA A 1 65  ? -0.393  20.156  3.456   1.00 67.61  ? 65  ALA A N   1 
ATOM   399 C  CA  . ALA A 1 65  ? -0.478  21.283  4.417   1.00 64.87  ? 65  ALA A CA  1 
ATOM   400 C  C   . ALA A 1 65  ? 0.833   21.356  5.202   1.00 71.00  ? 65  ALA A C   1 
ATOM   401 O  O   . ALA A 1 65  ? 1.285   20.358  5.763   1.00 75.22  ? 65  ALA A O   1 
ATOM   402 C  CB  . ALA A 1 65  ? -1.674  21.141  5.369   1.00 56.14  ? 65  ALA A CB  1 
ATOM   403 N  N   . THR A 1 66  ? 1.467   22.525  5.199   1.00 80.07  ? 66  THR A N   1 
ATOM   404 C  CA  . THR A 1 66  ? 2.752   22.707  5.883   1.00 81.79  ? 66  THR A CA  1 
ATOM   405 C  C   . THR A 1 66  ? 2.623   22.774  7.430   1.00 82.64  ? 66  THR A C   1 
ATOM   406 O  O   . THR A 1 66  ? 3.632   22.601  8.116   1.00 87.33  ? 66  THR A O   1 
ATOM   407 C  CB  . THR A 1 66  ? 3.524   23.923  5.312   1.00 81.42  ? 66  THR A CB  1 
ATOM   408 O  OG1 . THR A 1 66  ? 2.602   24.985  5.000   1.00 70.58  ? 66  THR A OG1 1 
ATOM   409 C  CG2 . THR A 1 66  ? 4.310   23.510  4.045   1.00 78.73  ? 66  THR A CG2 1 
ATOM   410 N  N   . ASP A 1 67  ? 1.399   22.952  7.965   1.00 74.12  ? 67  ASP A N   1 
ATOM   411 C  CA  . ASP A 1 67  ? 1.105   22.935  9.427   1.00 68.29  ? 67  ASP A CA  1 
ATOM   412 C  C   . ASP A 1 67  ? 1.458   21.638  10.196  1.00 68.75  ? 67  ASP A C   1 
ATOM   413 O  O   . ASP A 1 67  ? 0.752   21.287  11.147  1.00 60.70  ? 67  ASP A O   1 
ATOM   414 C  CB  . ASP A 1 67  ? -0.387  23.275  9.675   1.00 67.97  ? 67  ASP A CB  1 
ATOM   415 C  CG  . ASP A 1 67  ? -1.362  22.158  9.219   1.00 72.06  ? 67  ASP A CG  1 
ATOM   416 O  OD1 . ASP A 1 67  ? -0.979  21.209  8.496   1.00 72.98  ? 67  ASP A OD1 1 
ATOM   417 O  OD2 . ASP A 1 67  ? -2.546  22.231  9.584   1.00 72.35  ? 67  ASP A OD2 1 
ATOM   418 N  N   . GLY A 1 68  ? 2.534   20.943  9.792   1.00 73.38  ? 68  GLY A N   1 
ATOM   419 C  CA  . GLY A 1 68  ? 2.946   19.648  10.362  1.00 75.17  ? 68  GLY A CA  1 
ATOM   420 C  C   . GLY A 1 68  ? 1.935   18.508  10.275  1.00 75.96  ? 68  GLY A C   1 
ATOM   421 O  O   . GLY A 1 68  ? 2.003   17.567  11.072  1.00 71.49  ? 68  GLY A O   1 
ATOM   422 N  N   . SER A 1 69  ? 0.993   18.582  9.330   1.00 71.24  ? 69  SER A N   1 
ATOM   423 C  CA  . SER A 1 69  ? 0.041   17.486  9.124   1.00 65.29  ? 69  SER A CA  1 
ATOM   424 C  C   . SER A 1 69  ? 0.717   16.397  8.278   1.00 58.89  ? 69  SER A C   1 
ATOM   425 O  O   . SER A 1 69  ? 1.716   16.640  7.584   1.00 65.08  ? 69  SER A O   1 
ATOM   426 C  CB  . SER A 1 69  ? -1.265  17.949  8.451   1.00 61.36  ? 69  SER A CB  1 
ATOM   427 O  OG  . SER A 1 69  ? -2.231  18.381  9.391   1.00 59.38  ? 69  SER A OG  1 
ATOM   428 N  N   . GLY A 1 70  ? 0.172   15.191  8.374   1.00 46.56  ? 70  GLY A N   1 
ATOM   429 C  CA  . GLY A 1 70  ? 0.507   14.128  7.448   1.00 44.56  ? 70  GLY A CA  1 
ATOM   430 C  C   . GLY A 1 70  ? 0.054   14.347  6.014   1.00 35.66  ? 70  GLY A C   1 
ATOM   431 O  O   . GLY A 1 70  ? -0.753  15.213  5.701   1.00 36.28  ? 70  GLY A O   1 
ATOM   432 N  N   . THR A 1 71  ? 0.597   13.521  5.147   1.00 30.55  ? 71  THR A N   1 
ATOM   433 C  CA  . THR A 1 71  ? 0.378   13.597  3.750   1.00 29.39  ? 71  THR A CA  1 
ATOM   434 C  C   . THR A 1 71  ? -0.533  12.402  3.346   1.00 28.45  ? 71  THR A C   1 
ATOM   435 O  O   . THR A 1 71  ? -0.140  11.248  3.530   1.00 25.49  ? 71  THR A O   1 
ATOM   436 C  CB  . THR A 1 71  ? 1.725   13.482  3.008   1.00 30.42  ? 71  THR A CB  1 
ATOM   437 O  OG1 . THR A 1 71  ? 2.507   14.635  3.290   1.00 32.50  ? 71  THR A OG1 1 
ATOM   438 C  CG2 . THR A 1 71  ? 1.513   13.382  1.500   1.00 31.02  ? 71  THR A CG2 1 
ATOM   439 N  N   . ALA A 1 72  ? -1.672  12.704  2.720   1.00 25.45  ? 72  ALA A N   1 
ATOM   440 C  CA  . ALA A 1 72  ? -2.663  11.698  2.428   1.00 26.03  ? 72  ALA A CA  1 
ATOM   441 C  C   . ALA A 1 72  ? -2.233  10.931  1.194   1.00 27.72  ? 72  ALA A C   1 
ATOM   442 O  O   . ALA A 1 72  ? -1.531  11.495  0.303   1.00 25.68  ? 72  ALA A O   1 
ATOM   443 C  CB  . ALA A 1 72  ? -4.026  12.316  2.259   1.00 24.21  ? 72  ALA A CB  1 
ATOM   444 N  N   . LEU A 1 73  ? -2.578  9.629   1.185   1.00 26.48  ? 73  LEU A N   1 
ATOM   445 C  CA  . LEU A 1 73  ? -2.208  8.769   0.078   1.00 24.40  ? 73  LEU A CA  1 
ATOM   446 C  C   . LEU A 1 73  ? -2.954  7.456   -0.036  1.00 23.21  ? 73  LEU A C   1 
ATOM   447 O  O   . LEU A 1 73  ? -3.608  6.992   0.921   1.00 23.84  ? 73  LEU A O   1 
ATOM   448 C  CB  . LEU A 1 73  ? -0.672  8.513   0.096   1.00 27.59  ? 73  LEU A CB  1 
ATOM   449 C  CG  . LEU A 1 73  ? 0.049   7.418   0.901   1.00 27.81  ? 73  LEU A CG  1 
ATOM   450 C  CD1 . LEU A 1 73  ? 1.503   7.789   1.108   1.00 26.19  ? 73  LEU A CD1 1 
ATOM   451 C  CD2 . LEU A 1 73  ? -0.591  7.053   2.214   1.00 28.57  ? 73  LEU A CD2 1 
ATOM   452 N  N   . GLY A 1 74  ? -2.881  6.856   -1.227  1.00 22.07  ? 74  GLY A N   1 
ATOM   453 C  CA  . GLY A 1 74  ? -3.446  5.498   -1.400  1.00 21.82  ? 74  GLY A CA  1 
ATOM   454 C  C   . GLY A 1 74  ? -2.746  4.712   -2.408  1.00 18.36  ? 74  GLY A C   1 
ATOM   455 O  O   . GLY A 1 74  ? -2.113  5.265   -3.233  1.00 20.73  ? 74  GLY A O   1 
ATOM   456 N  N   . TRP A 1 75  ? -2.830  3.391   -2.346  1.00 19.11  ? 75  TRP A N   1 
ATOM   457 C  CA  . TRP A 1 75  ? -2.355  2.601   -3.482  1.00 17.93  ? 75  TRP A CA  1 
ATOM   458 C  C   . TRP A 1 75  ? -3.123  1.298   -3.544  1.00 18.45  ? 75  TRP A C   1 
ATOM   459 O  O   . TRP A 1 75  ? -3.806  0.944   -2.578  1.00 15.97  ? 75  TRP A O   1 
ATOM   460 C  CB  . TRP A 1 75  ? -0.809  2.392   -3.411  1.00 18.76  ? 75  TRP A CB  1 
ATOM   461 C  CG  . TRP A 1 75  ? -0.362  1.450   -2.351  1.00 17.86  ? 75  TRP A CG  1 
ATOM   462 C  CD1 . TRP A 1 75  ? -0.230  0.086   -2.486  1.00 17.06  ? 75  TRP A CD1 1 
ATOM   463 C  CD2 . TRP A 1 75  ? 0.000   1.763   -1.018  1.00 16.73  ? 75  TRP A CD2 1 
ATOM   464 N  NE1 . TRP A 1 75  ? 0.165   -0.438  -1.302  1.00 17.61  ? 75  TRP A NE1 1 
ATOM   465 C  CE2 . TRP A 1 75  ? 0.296   0.565   -0.380  1.00 16.68  ? 75  TRP A CE2 1 
ATOM   466 C  CE3 . TRP A 1 75  ? 0.024   2.943   -0.262  1.00 16.54  ? 75  TRP A CE3 1 
ATOM   467 C  CZ2 . TRP A 1 75  ? 0.667   0.500   0.968   1.00 16.66  ? 75  TRP A CZ2 1 
ATOM   468 C  CZ3 . TRP A 1 75  ? 0.413   2.859   1.095   1.00 17.26  ? 75  TRP A CZ3 1 
ATOM   469 C  CH2 . TRP A 1 75  ? 0.692   1.643   1.683   1.00 15.62  ? 75  TRP A CH2 1 
ATOM   470 N  N   . THR A 1 76  ? -2.994  0.636   -4.696  1.00 18.83  ? 76  THR A N   1 
ATOM   471 C  CA  . THR A 1 76  ? -3.646  -0.624  -4.993  1.00 20.05  ? 76  THR A CA  1 
ATOM   472 C  C   . THR A 1 76  ? -2.684  -1.647  -5.464  1.00 19.63  ? 76  THR A C   1 
ATOM   473 O  O   . THR A 1 76  ? -1.753  -1.341  -6.201  1.00 20.65  ? 76  THR A O   1 
ATOM   474 C  CB  . THR A 1 76  ? -4.660  -0.442  -6.137  1.00 21.04  ? 76  THR A CB  1 
ATOM   475 O  OG1 . THR A 1 76  ? -5.565  0.604   -5.791  1.00 22.22  ? 76  THR A OG1 1 
ATOM   476 C  CG2 . THR A 1 76  ? -5.429  -1.768  -6.424  1.00 21.02  ? 76  THR A CG2 1 
ATOM   477 N  N   . VAL A 1 77  ? -2.968  -2.884  -5.108  1.00 20.27  ? 77  VAL A N   1 
ATOM   478 C  CA  . VAL A 1 77  ? -2.289  -4.060  -5.650  1.00 21.31  ? 77  VAL A CA  1 
ATOM   479 C  C   . VAL A 1 77  ? -3.368  -5.043  -6.114  1.00 23.07  ? 77  VAL A C   1 
ATOM   480 O  O   . VAL A 1 77  ? -4.282  -5.355  -5.335  1.00 19.04  ? 77  VAL A O   1 
ATOM   481 C  CB  . VAL A 1 77  ? -1.360  -4.745  -4.603  1.00 23.34  ? 77  VAL A CB  1 
ATOM   482 C  CG1 . VAL A 1 77  ? -0.835  -6.085  -5.097  1.00 23.05  ? 77  VAL A CG1 1 
ATOM   483 C  CG2 . VAL A 1 77  ? -0.178  -3.850  -4.245  1.00 23.63  ? 77  VAL A CG2 1 
ATOM   484 N  N   . ALA A 1 78  ? -3.276  -5.471  -7.384  1.00 22.50  ? 78  ALA A N   1 
ATOM   485 C  CA  . ALA A 1 78  ? -3.994  -6.634  -7.897  1.00 22.28  ? 78  ALA A CA  1 
ATOM   486 C  C   . ALA A 1 78  ? -3.150  -7.880  -7.674  1.00 23.01  ? 78  ALA A C   1 
ATOM   487 O  O   . ALA A 1 78  ? -2.034  -7.960  -8.165  1.00 23.39  ? 78  ALA A O   1 
ATOM   488 C  CB  . ALA A 1 78  ? -4.319  -6.470  -9.390  1.00 21.86  ? 78  ALA A CB  1 
ATOM   489 N  N   . TRP A 1 79  ? -3.677  -8.858  -6.965  1.00 23.76  ? 79  TRP A N   1 
ATOM   490 C  CA  . TRP A 1 79  ? -2.878  -10.010 -6.510  1.00 26.35  ? 79  TRP A CA  1 
ATOM   491 C  C   . TRP A 1 79  ? -2.660  -11.063 -7.615  1.00 26.93  ? 79  TRP A C   1 
ATOM   492 O  O   . TRP A 1 79  ? -2.812  -12.262 -7.394  1.00 26.80  ? 79  TRP A O   1 
ATOM   493 C  CB  . TRP A 1 79  ? -3.474  -10.620 -5.210  1.00 25.20  ? 79  TRP A CB  1 
ATOM   494 C  CG  . TRP A 1 79  ? -3.452  -9.649  -4.101  1.00 24.58  ? 79  TRP A CG  1 
ATOM   495 C  CD1 . TRP A 1 79  ? -4.528  -8.932  -3.568  1.00 26.54  ? 79  TRP A CD1 1 
ATOM   496 C  CD2 . TRP A 1 79  ? -2.305  -9.223  -3.379  1.00 25.74  ? 79  TRP A CD2 1 
ATOM   497 N  NE1 . TRP A 1 79  ? -4.089  -8.090  -2.566  1.00 25.62  ? 79  TRP A NE1 1 
ATOM   498 C  CE2 . TRP A 1 79  ? -2.738  -8.241  -2.430  1.00 25.90  ? 79  TRP A CE2 1 
ATOM   499 C  CE3 . TRP A 1 79  ? -0.939  -9.517  -3.482  1.00 26.62  ? 79  TRP A CE3 1 
ATOM   500 C  CZ2 . TRP A 1 79  ? -1.872  -7.607  -1.579  1.00 26.41  ? 79  TRP A CZ2 1 
ATOM   501 C  CZ3 . TRP A 1 79  ? -0.069  -8.908  -2.623  1.00 25.73  ? 79  TRP A CZ3 1 
ATOM   502 C  CH2 . TRP A 1 79  ? -0.547  -7.950  -1.659  1.00 28.98  ? 79  TRP A CH2 1 
ATOM   503 N  N   . LYS A 1 80  ? -2.302  -10.572 -8.800  1.00 28.40  ? 80  LYS A N   1 
ATOM   504 C  CA  . LYS A 1 80  ? -1.917  -11.355 -9.941  1.00 29.96  ? 80  LYS A CA  1 
ATOM   505 C  C   . LYS A 1 80  ? -0.505  -10.936 -10.310 1.00 29.06  ? 80  LYS A C   1 
ATOM   506 O  O   . LYS A 1 80  ? -0.190  -9.727  -10.380 1.00 27.27  ? 80  LYS A O   1 
ATOM   507 C  CB  . LYS A 1 80  ? -2.841  -11.109 -11.133 1.00 31.41  ? 80  LYS A CB  1 
ATOM   508 C  CG  . LYS A 1 80  ? -2.357  -11.724 -12.448 1.00 33.09  ? 80  LYS A CG  1 
ATOM   509 C  CD  . LYS A 1 80  ? -3.306  -11.351 -13.592 1.00 37.51  ? 80  LYS A CD  1 
ATOM   510 C  CE  . LYS A 1 80  ? -2.774  -11.722 -14.979 1.00 39.72  ? 80  LYS A CE  1 
ATOM   511 N  NZ  . LYS A 1 80  ? -1.433  -11.111 -15.252 1.00 39.48  ? 80  LYS A NZ  1 
ATOM   512 N  N   . ASN A 1 81  ? 0.336   -11.946 -10.529 1.00 29.06  ? 81  ASN A N   1 
ATOM   513 C  CA  . ASN A 1 81  ? 1.684   -11.765 -11.124 1.00 28.88  ? 81  ASN A CA  1 
ATOM   514 C  C   . ASN A 1 81  ? 2.013   -13.067 -11.895 1.00 30.38  ? 81  ASN A C   1 
ATOM   515 O  O   . ASN A 1 81  ? 1.118   -13.837 -12.161 1.00 27.79  ? 81  ASN A O   1 
ATOM   516 C  CB  . ASN A 1 81  ? 2.726   -11.398 -10.032 1.00 28.58  ? 81  ASN A CB  1 
ATOM   517 C  CG  . ASN A 1 81  ? 2.999   -12.516 -9.025  1.00 26.29  ? 81  ASN A CG  1 
ATOM   518 O  OD1 . ASN A 1 81  ? 2.535   -13.636 -9.178  1.00 25.52  ? 81  ASN A OD1 1 
ATOM   519 N  ND2 . ASN A 1 81  ? 3.785   -12.202 -7.976  1.00 27.71  ? 81  ASN A ND2 1 
ATOM   520 N  N   . ASN A 1 82  ? 3.255   -13.311 -12.262 1.00 32.48  ? 82  ASN A N   1 
ATOM   521 C  CA  . ASN A 1 82  ? 3.568   -14.520 -13.050 1.00 36.94  ? 82  ASN A CA  1 
ATOM   522 C  C   . ASN A 1 82  ? 3.504   -15.825 -12.247 1.00 34.75  ? 82  ASN A C   1 
ATOM   523 O  O   . ASN A 1 82  ? 3.366   -16.846 -12.832 1.00 38.14  ? 82  ASN A O   1 
ATOM   524 C  CB  . ASN A 1 82  ? 4.923   -14.382 -13.789 1.00 37.58  ? 82  ASN A CB  1 
ATOM   525 C  CG  . ASN A 1 82  ? 4.872   -13.344 -14.906 1.00 42.43  ? 82  ASN A CG  1 
ATOM   526 O  OD1 . ASN A 1 82  ? 3.837   -13.194 -15.592 1.00 47.14  ? 82  ASN A OD1 1 
ATOM   527 N  ND2 . ASN A 1 82  ? 5.970   -12.605 -15.091 1.00 45.84  ? 82  ASN A ND2 1 
ATOM   528 N  N   . TYR A 1 83  ? 3.532   -15.774 -10.920 1.00 36.28  ? 83  TYR A N   1 
ATOM   529 C  CA  . TYR A 1 83  ? 3.431   -16.969 -10.104 1.00 32.92  ? 83  TYR A CA  1 
ATOM   530 C  C   . TYR A 1 83  ? 2.023   -17.350 -9.683  1.00 30.81  ? 83  TYR A C   1 
ATOM   531 O  O   . TYR A 1 83  ? 1.719   -18.522 -9.636  1.00 29.04  ? 83  TYR A O   1 
ATOM   532 C  CB  . TYR A 1 83  ? 4.259   -16.811 -8.835  1.00 36.93  ? 83  TYR A CB  1 
ATOM   533 C  CG  . TYR A 1 83  ? 5.714   -16.527 -9.079  1.00 39.96  ? 83  TYR A CG  1 
ATOM   534 C  CD1 . TYR A 1 83  ? 6.637   -17.573 -9.333  1.00 43.74  ? 83  TYR A CD1 1 
ATOM   535 C  CD2 . TYR A 1 83  ? 6.183   -15.218 -9.066  1.00 37.35  ? 83  TYR A CD2 1 
ATOM   536 C  CE1 . TYR A 1 83  ? 7.994   -17.302 -9.561  1.00 39.14  ? 83  TYR A CE1 1 
ATOM   537 C  CE2 . TYR A 1 83  ? 7.510   -14.934 -9.276  1.00 40.07  ? 83  TYR A CE2 1 
ATOM   538 C  CZ  . TYR A 1 83  ? 8.410   -15.958 -9.526  1.00 41.83  ? 83  TYR A CZ  1 
ATOM   539 O  OH  . TYR A 1 83  ? 9.710   -15.584 -9.747  1.00 45.55  ? 83  TYR A OH  1 
ATOM   540 N  N   . ARG A 1 84  ? 1.204   -16.401 -9.259  1.00 28.98  ? 84  ARG A N   1 
ATOM   541 C  CA  . ARG A 1 84  ? -0.169  -16.714 -8.796  1.00 29.39  ? 84  ARG A CA  1 
ATOM   542 C  C   . ARG A 1 84  ? -1.130  -15.622 -9.181  1.00 28.86  ? 84  ARG A C   1 
ATOM   543 O  O   . ARG A 1 84  ? -0.726  -14.482 -9.434  1.00 27.55  ? 84  ARG A O   1 
ATOM   544 C  CB  . ARG A 1 84  ? -0.352  -16.883 -7.252  1.00 34.09  ? 84  ARG A CB  1 
ATOM   545 C  CG  . ARG A 1 84  ? 0.828   -17.252 -6.362  1.00 36.09  ? 84  ARG A CG  1 
ATOM   546 C  CD  . ARG A 1 84  ? 0.505   -18.528 -5.612  1.00 39.83  ? 84  ARG A CD  1 
ATOM   547 N  NE  . ARG A 1 84  ? 1.611   -19.006 -4.774  1.00 38.16  ? 84  ARG A NE  1 
ATOM   548 C  CZ  . ARG A 1 84  ? 1.588   -19.093 -3.438  1.00 38.17  ? 84  ARG A CZ  1 
ATOM   549 N  NH1 . ARG A 1 84  ? 2.665   -19.557 -2.795  1.00 35.88  ? 84  ARG A NH1 1 
ATOM   550 N  NH2 . ARG A 1 84  ? 0.508   -18.738 -2.726  1.00 36.79  ? 84  ARG A NH2 1 
ATOM   551 N  N   . ASN A 1 85  ? -2.406  -16.007 -9.180  1.00 28.60  ? 85  ASN A N   1 
ATOM   552 C  CA  . ASN A 1 85  ? -3.539  -15.143 -9.246  1.00 27.66  ? 85  ASN A CA  1 
ATOM   553 C  C   . ASN A 1 85  ? -4.497  -15.458 -8.078  1.00 28.29  ? 85  ASN A C   1 
ATOM   554 O  O   . ASN A 1 85  ? -5.138  -16.487 -8.065  1.00 30.96  ? 85  ASN A O   1 
ATOM   555 C  CB  . ASN A 1 85  ? -4.254  -15.281 -10.570 1.00 26.91  ? 85  ASN A CB  1 
ATOM   556 C  CG  . ASN A 1 85  ? -5.191  -14.113 -10.835 1.00 28.68  ? 85  ASN A CG  1 
ATOM   557 O  OD1 . ASN A 1 85  ? -5.482  -13.321 -9.913  1.00 27.13  ? 85  ASN A OD1 1 
ATOM   558 N  ND2 . ASN A 1 85  ? -5.678  -13.993 -12.090 1.00 25.26  ? 85  ASN A ND2 1 
ATOM   559 N  N   . ALA A 1 86  ? -4.583  -14.561 -7.102  1.00 25.58  ? 86  ALA A N   1 
ATOM   560 C  CA  . ALA A 1 86  ? -5.518  -14.694 -5.987  1.00 24.64  ? 86  ALA A CA  1 
ATOM   561 C  C   . ALA A 1 86  ? -6.865  -14.021 -6.214  1.00 23.74  ? 86  ALA A C   1 
ATOM   562 O  O   . ALA A 1 86  ? -7.619  -13.819 -5.228  1.00 20.29  ? 86  ALA A O   1 
ATOM   563 C  CB  . ALA A 1 86  ? -4.888  -14.099 -4.717  1.00 25.65  ? 86  ALA A CB  1 
ATOM   564 N  N   . HIS A 1 87  ? -7.163  -13.660 -7.465  1.00 22.85  ? 87  HIS A N   1 
ATOM   565 C  CA  . HIS A 1 87  ? -8.446  -13.024 -7.829  1.00 25.16  ? 87  HIS A CA  1 
ATOM   566 C  C   . HIS A 1 87  ? -8.954  -11.990 -6.820  1.00 24.57  ? 87  HIS A C   1 
ATOM   567 O  O   . HIS A 1 87  ? -10.125 -12.065 -6.330  1.00 25.87  ? 87  HIS A O   1 
ATOM   568 C  CB  . HIS A 1 87  ? -9.502  -14.053 -8.141  1.00 25.61  ? 87  HIS A CB  1 
ATOM   569 C  CG  . HIS A 1 87  ? -9.115  -14.889 -9.305  1.00 28.13  ? 87  HIS A CG  1 
ATOM   570 N  ND1 . HIS A 1 87  ? -8.715  -14.326 -10.502 1.00 28.32  ? 87  HIS A ND1 1 
ATOM   571 C  CD2 . HIS A 1 87  ? -8.936  -16.220 -9.430  1.00 24.90  ? 87  HIS A CD2 1 
ATOM   572 C  CE1 . HIS A 1 87  ? -8.345  -15.285 -11.330 1.00 28.35  ? 87  HIS A CE1 1 
ATOM   573 N  NE2 . HIS A 1 87  ? -8.465  -16.431 -10.703 1.00 25.26  ? 87  HIS A NE2 1 
ATOM   574 N  N   . SER A 1 88  ? -8.055  -11.054 -6.533  1.00 19.12  ? 88  SER A N   1 
ATOM   575 C  CA  . SER A 1 88  ? -8.314  -10.104 -5.511  1.00 19.27  ? 88  SER A CA  1 
ATOM   576 C  C   . SER A 1 88  ? -7.428  -8.862  -5.646  1.00 20.53  ? 88  SER A C   1 
ATOM   577 O  O   . SER A 1 88  ? -6.462  -8.860  -6.404  1.00 22.31  ? 88  SER A O   1 
ATOM   578 C  CB  . SER A 1 88  ? -8.175  -10.791 -4.167  1.00 18.29  ? 88  SER A CB  1 
ATOM   579 O  OG  . SER A 1 88  ? -6.940  -11.467 -4.071  1.00 16.79  ? 88  SER A OG  1 
ATOM   580 N  N   . ALA A 1 89  ? -7.797  -7.792  -4.949  1.00 22.86  ? 89  ALA A N   1 
ATOM   581 C  CA  . ALA A 1 89  ? -7.015  -6.541  -4.937  1.00 22.40  ? 89  ALA A CA  1 
ATOM   582 C  C   . ALA A 1 89  ? -7.182  -5.855  -3.570  1.00 23.46  ? 89  ALA A C   1 
ATOM   583 O  O   . ALA A 1 89  ? -8.289  -5.914  -2.934  1.00 21.64  ? 89  ALA A O   1 
ATOM   584 C  CB  . ALA A 1 89  ? -7.417  -5.592  -6.058  1.00 23.01  ? 89  ALA A CB  1 
ATOM   585 N  N   . THR A 1 90  ? -6.063  -5.313  -3.079  1.00 19.99  ? 90  THR A N   1 
ATOM   586 C  CA  . THR A 1 90  ? -6.090  -4.542  -1.896  1.00 18.91  ? 90  THR A CA  1 
ATOM   587 C  C   . THR A 1 90  ? -5.817  -3.072  -2.195  1.00 17.72  ? 90  THR A C   1 
ATOM   588 O  O   . THR A 1 90  ? -4.943  -2.761  -2.958  1.00 19.43  ? 90  THR A O   1 
ATOM   589 C  CB  . THR A 1 90  ? -5.089  -5.083  -0.866  1.00 18.60  ? 90  THR A CB  1 
ATOM   590 O  OG1 . THR A 1 90  ? -5.433  -6.423  -0.550  1.00 18.60  ? 90  THR A OG1 1 
ATOM   591 C  CG2 . THR A 1 90  ? -5.167  -4.254  0.390   1.00 17.47  ? 90  THR A CG2 1 
ATOM   592 N  N   . THR A 1 91  ? -6.539  -2.172  -1.555  1.00 17.41  ? 91  THR A N   1 
ATOM   593 C  CA  . THR A 1 91  ? -6.235  -0.726  -1.575  1.00 17.50  ? 91  THR A CA  1 
ATOM   594 C  C   . THR A 1 91  ? -5.894  -0.311  -0.171  1.00 17.89  ? 91  THR A C   1 
ATOM   595 O  O   . THR A 1 91  ? -6.633  -0.617  0.747   1.00 20.36  ? 91  THR A O   1 
ATOM   596 C  CB  . THR A 1 91  ? -7.440  0.089   -2.028  1.00 18.11  ? 91  THR A CB  1 
ATOM   597 O  OG1 . THR A 1 91  ? -8.533  -0.166  -1.152  1.00 18.14  ? 91  THR A OG1 1 
ATOM   598 C  CG2 . THR A 1 91  ? -7.851  -0.272  -3.485  1.00 17.55  ? 91  THR A CG2 1 
ATOM   599 N  N   . TRP A 1 92  ? -4.800  0.407   0.015   1.00 18.40  ? 92  TRP A N   1 
ATOM   600 C  CA  . TRP A 1 92  ? -4.475  0.926   1.313   1.00 18.49  ? 92  TRP A CA  1 
ATOM   601 C  C   . TRP A 1 92  ? -4.746  2.414   1.238   1.00 19.28  ? 92  TRP A C   1 
ATOM   602 O  O   . TRP A 1 92  ? -4.316  3.084   0.295   1.00 18.96  ? 92  TRP A O   1 
ATOM   603 C  CB  . TRP A 1 92  ? -2.979  0.776   1.613   1.00 19.38  ? 92  TRP A CB  1 
ATOM   604 C  CG  . TRP A 1 92  ? -2.540  -0.552  1.965   1.00 20.77  ? 92  TRP A CG  1 
ATOM   605 C  CD1 . TRP A 1 92  ? -2.269  -0.992  3.219   1.00 21.33  ? 92  TRP A CD1 1 
ATOM   606 C  CD2 . TRP A 1 92  ? -2.272  -1.630  1.082   1.00 18.06  ? 92  TRP A CD2 1 
ATOM   607 N  NE1 . TRP A 1 92  ? -1.849  -2.264  3.171   1.00 22.03  ? 92  TRP A NE1 1 
ATOM   608 C  CE2 . TRP A 1 92  ? -1.834  -2.699  1.870   1.00 20.35  ? 92  TRP A CE2 1 
ATOM   609 C  CE3 . TRP A 1 92  ? -2.348  -1.789  -0.289  1.00 19.17  ? 92  TRP A CE3 1 
ATOM   610 C  CZ2 . TRP A 1 92  ? -1.479  -3.980  1.335   1.00 19.30  ? 92  TRP A CZ2 1 
ATOM   611 C  CZ3 . TRP A 1 92  ? -2.007  -3.034  -0.839  1.00 20.37  ? 92  TRP A CZ3 1 
ATOM   612 C  CH2 . TRP A 1 92  ? -1.588  -4.127  0.001   1.00 19.87  ? 92  TRP A CH2 1 
ATOM   613 N  N   . SER A 1 93  ? -5.347  2.959   2.283   1.00 20.44  ? 93  SER A N   1 
ATOM   614 C  CA  . SER A 1 93  ? -5.623  4.408   2.364   1.00 19.38  ? 93  SER A CA  1 
ATOM   615 C  C   . SER A 1 93  ? -5.039  4.915   3.664   1.00 20.66  ? 93  SER A C   1 
ATOM   616 O  O   . SER A 1 93  ? -5.239  4.309   4.694   1.00 21.60  ? 93  SER A O   1 
ATOM   617 C  CB  . SER A 1 93  ? -7.129  4.633   2.380   1.00 19.29  ? 93  SER A CB  1 
ATOM   618 O  OG  . SER A 1 93  ? -7.379  6.050   2.369   1.00 20.54  ? 93  SER A OG  1 
ATOM   619 N  N   . GLY A 1 94  ? -4.354  6.045   3.649   1.00 23.66  ? 94  GLY A N   1 
ATOM   620 C  CA  . GLY A 1 94  ? -3.741  6.495   4.877   1.00 21.92  ? 94  GLY A CA  1 
ATOM   621 C  C   . GLY A 1 94  ? -2.906  7.740   4.728   1.00 24.24  ? 94  GLY A C   1 
ATOM   622 O  O   . GLY A 1 94  ? -3.022  8.465   3.703   1.00 20.44  ? 94  GLY A O   1 
ATOM   623 N  N   . GLN A 1 95  ? -2.050  7.963   5.731   1.00 22.62  ? 95  GLN A N   1 
ATOM   624 C  CA  . GLN A 1 95  ? -1.121  9.048   5.655   1.00 27.96  ? 95  GLN A CA  1 
ATOM   625 C  C   . GLN A 1 95  ? 0.311   8.698   5.978   1.00 26.56  ? 95  GLN A C   1 
ATOM   626 O  O   . GLN A 1 95  ? 0.552   7.897   6.837   1.00 25.51  ? 95  GLN A O   1 
ATOM   627 C  CB  . GLN A 1 95  ? -1.605  10.222  6.501   1.00 29.85  ? 95  GLN A CB  1 
ATOM   628 C  CG  . GLN A 1 95  ? -1.895  9.959   7.957   1.00 31.80  ? 95  GLN A CG  1 
ATOM   629 C  CD  . GLN A 1 95  ? -2.569  11.175  8.593   1.00 36.90  ? 95  GLN A CD  1 
ATOM   630 O  OE1 . GLN A 1 95  ? -2.104  12.290  8.441   1.00 41.06  ? 95  GLN A OE1 1 
ATOM   631 N  NE2 . GLN A 1 95  ? -3.700  10.966  9.247   1.00 46.68  ? 95  GLN A NE2 1 
ATOM   632 N  N   . TYR A 1 96  ? 1.235   9.339   5.252   1.00 29.91  ? 96  TYR A N   1 
ATOM   633 C  CA  . TYR A 1 96  ? 2.682   9.452   5.598   1.00 29.56  ? 96  TYR A CA  1 
ATOM   634 C  C   . TYR A 1 96  ? 2.950   10.605  6.609   1.00 27.52  ? 96  TYR A C   1 
ATOM   635 O  O   . TYR A 1 96  ? 2.566   11.729  6.368   1.00 26.03  ? 96  TYR A O   1 
ATOM   636 C  CB  . TYR A 1 96  ? 3.543   9.615   4.298   1.00 27.02  ? 96  TYR A CB  1 
ATOM   637 C  CG  . TYR A 1 96  ? 4.945   10.135  4.526   1.00 27.89  ? 96  TYR A CG  1 
ATOM   638 C  CD1 . TYR A 1 96  ? 6.033   9.269   4.697   1.00 29.37  ? 96  TYR A CD1 1 
ATOM   639 C  CD2 . TYR A 1 96  ? 5.196   11.498  4.574   1.00 29.35  ? 96  TYR A CD2 1 
ATOM   640 C  CE1 . TYR A 1 96  ? 7.321   9.755   4.890   1.00 29.64  ? 96  TYR A CE1 1 
ATOM   641 C  CE2 . TYR A 1 96  ? 6.471   11.992  4.778   1.00 29.71  ? 96  TYR A CE2 1 
ATOM   642 C  CZ  . TYR A 1 96  ? 7.512   11.136  4.976   1.00 28.75  ? 96  TYR A CZ  1 
ATOM   643 O  OH  . TYR A 1 96  ? 8.734   11.683  5.171   1.00 30.07  ? 96  TYR A OH  1 
ATOM   644 N  N   . VAL A 1 97  ? 3.624   10.300  7.714   1.00 30.86  ? 97  VAL A N   1 
ATOM   645 C  CA  . VAL A 1 97  ? 4.103   11.284  8.687   1.00 32.99  ? 97  VAL A CA  1 
ATOM   646 C  C   . VAL A 1 97  ? 5.619   11.142  8.724   1.00 34.14  ? 97  VAL A C   1 
ATOM   647 O  O   . VAL A 1 97  ? 6.124   10.059  9.044   1.00 28.16  ? 97  VAL A O   1 
ATOM   648 C  CB  . VAL A 1 97  ? 3.580   10.979  10.107  1.00 36.43  ? 97  VAL A CB  1 
ATOM   649 C  CG1 . VAL A 1 97  ? 4.220   11.906  11.150  1.00 38.84  ? 97  VAL A CG1 1 
ATOM   650 C  CG2 . VAL A 1 97  ? 2.061   11.121  10.177  1.00 35.44  ? 97  VAL A CG2 1 
ATOM   651 N  N   . GLY A 1 98  ? 6.331   12.221  8.403   1.00 35.75  ? 98  GLY A N   1 
ATOM   652 C  CA  . GLY A 1 98  ? 7.813   12.265  8.452   1.00 36.23  ? 98  GLY A CA  1 
ATOM   653 C  C   . GLY A 1 98  ? 8.412   12.277  9.858   1.00 36.28  ? 98  GLY A C   1 
ATOM   654 O  O   . GLY A 1 98  ? 7.774   11.869  10.812  1.00 35.27  ? 98  GLY A O   1 
ATOM   655 N  N   . GLY A 1 99  ? 9.650   12.747  9.991   1.00 41.87  ? 99  GLY A N   1 
ATOM   656 C  CA  . GLY A 1 99  ? 10.377  12.712  11.285  1.00 39.76  ? 99  GLY A CA  1 
ATOM   657 C  C   . GLY A 1 99  ? 11.195  11.438  11.425  1.00 41.31  ? 99  GLY A C   1 
ATOM   658 O  O   . GLY A 1 99  ? 11.251  10.636  10.497  1.00 39.96  ? 99  GLY A O   1 
ATOM   659 N  N   . ALA A 1 100 ? 11.837  11.238  12.577  1.00 45.76  ? 100 ALA A N   1 
ATOM   660 C  CA  . ALA A 1 100 ? 12.914  10.222  12.701  1.00 44.14  ? 100 ALA A CA  1 
ATOM   661 C  C   . ALA A 1 100 ? 12.393  8.862   12.977  1.00 45.21  ? 100 ALA A C   1 
ATOM   662 O  O   . ALA A 1 100 ? 13.129  7.879   12.832  1.00 50.15  ? 100 ALA A O   1 
ATOM   663 C  CB  . ALA A 1 100 ? 13.909  10.610  13.772  1.00 47.67  ? 100 ALA A CB  1 
ATOM   664 N  N   . GLU A 1 101 ? 11.146  8.807   13.430  1.00 47.75  ? 101 GLU A N   1 
ATOM   665 C  CA  . GLU A 1 101 ? 10.335  7.611   13.319  1.00 50.99  ? 101 GLU A CA  1 
ATOM   666 C  C   . GLU A 1 101 ? 9.206   7.836   12.257  1.00 44.70  ? 101 GLU A C   1 
ATOM   667 O  O   . GLU A 1 101 ? 8.003   7.987   12.578  1.00 45.40  ? 101 GLU A O   1 
ATOM   668 C  CB  . GLU A 1 101 ? 9.761   7.278   14.679  1.00 59.52  ? 101 GLU A CB  1 
ATOM   669 C  CG  . GLU A 1 101 ? 10.754  6.702   15.663  1.00 63.68  ? 101 GLU A CG  1 
ATOM   670 C  CD  . GLU A 1 101 ? 10.119  5.558   16.455  1.00 74.79  ? 101 GLU A CD  1 
ATOM   671 O  OE1 . GLU A 1 101 ? 8.959   5.716   16.957  1.00 66.86  ? 101 GLU A OE1 1 
ATOM   672 O  OE2 . GLU A 1 101 ? 10.771  4.489   16.546  1.00 73.37  ? 101 GLU A OE2 1 
ATOM   673 N  N   . ALA A 1 102 ? 9.605   7.877   10.989  1.00 36.18  ? 102 ALA A N   1 
ATOM   674 C  CA  . ALA A 1 102 ? 8.656   8.117   9.885   1.00 32.38  ? 102 ALA A CA  1 
ATOM   675 C  C   . ALA A 1 102 ? 7.653   6.963   9.810   1.00 28.21  ? 102 ALA A C   1 
ATOM   676 O  O   . ALA A 1 102 ? 7.990   5.820   10.107  1.00 25.16  ? 102 ALA A O   1 
ATOM   677 C  CB  . ALA A 1 102 ? 9.375   8.304   8.555   1.00 31.94  ? 102 ALA A CB  1 
ATOM   678 N  N   . ARG A 1 103 ? 6.413   7.264   9.444   1.00 27.91  ? 103 ARG A N   1 
ATOM   679 C  CA  . ARG A 1 103 ? 5.366   6.230   9.412   1.00 29.39  ? 103 ARG A CA  1 
ATOM   680 C  C   . ARG A 1 103 ? 4.428   6.465   8.255   1.00 26.39  ? 103 ARG A C   1 
ATOM   681 O  O   . ARG A 1 103 ? 4.097   7.612   7.943   1.00 27.19  ? 103 ARG A O   1 
ATOM   682 C  CB  . ARG A 1 103 ? 4.559   6.216   10.726  1.00 34.40  ? 103 ARG A CB  1 
ATOM   683 C  CG  . ARG A 1 103 ? 5.337   5.632   11.888  1.00 41.41  ? 103 ARG A CG  1 
ATOM   684 C  CD  . ARG A 1 103 ? 4.509   5.074   13.036  1.00 49.66  ? 103 ARG A CD  1 
ATOM   685 N  NE  . ARG A 1 103 ? 5.022   3.790   13.556  1.00 52.26  ? 103 ARG A NE  1 
ATOM   686 C  CZ  . ARG A 1 103 ? 6.168   3.606   14.225  1.00 62.80  ? 103 ARG A CZ  1 
ATOM   687 N  NH1 . ARG A 1 103 ? 6.478   2.387   14.626  1.00 72.20  ? 103 ARG A NH1 1 
ATOM   688 N  NH2 . ARG A 1 103 ? 7.024   4.594   14.498  1.00 67.96  ? 103 ARG A NH2 1 
ATOM   689 N  N   . ILE A 1 104 ? 4.034   5.385   7.594   1.00 25.06  ? 104 ILE A N   1 
ATOM   690 C  CA  . ILE A 1 104 ? 2.769   5.362   6.849   1.00 21.99  ? 104 ILE A CA  1 
ATOM   691 C  C   . ILE A 1 104 ? 1.721   4.512   7.617   1.00 20.69  ? 104 ILE A C   1 
ATOM   692 O  O   . ILE A 1 104 ? 1.826   3.246   7.768   1.00 18.23  ? 104 ILE A O   1 
ATOM   693 C  CB  . ILE A 1 104 ? 2.970   4.861   5.420   1.00 23.00  ? 104 ILE A CB  1 
ATOM   694 C  CG1 . ILE A 1 104 ? 4.234   5.480   4.850   1.00 24.00  ? 104 ILE A CG1 1 
ATOM   695 C  CG2 . ILE A 1 104 ? 1.742   5.169   4.533   1.00 23.76  ? 104 ILE A CG2 1 
ATOM   696 C  CD1 . ILE A 1 104 ? 4.427   5.364   3.354   1.00 23.83  ? 104 ILE A CD1 1 
ATOM   697 N  N   . ASN A 1 105 ? 0.691   5.216   8.074   1.00 22.38  ? 105 ASN A N   1 
ATOM   698 C  CA  . ASN A 1 105 ? -0.455  4.601   8.743   1.00 23.58  ? 105 ASN A CA  1 
ATOM   699 C  C   . ASN A 1 105 ? -1.641  4.470   7.803   1.00 23.42  ? 105 ASN A C   1 
ATOM   700 O  O   . ASN A 1 105 ? -2.157  5.455   7.270   1.00 23.48  ? 105 ASN A O   1 
ATOM   701 C  CB  . ASN A 1 105 ? -0.836  5.415   9.950   1.00 27.86  ? 105 ASN A CB  1 
ATOM   702 C  CG  . ASN A 1 105 ? 0.205   5.337   11.065  1.00 30.89  ? 105 ASN A CG  1 
ATOM   703 O  OD1 . ASN A 1 105 ? 0.788   4.283   11.342  1.00 31.51  ? 105 ASN A OD1 1 
ATOM   704 N  ND2 . ASN A 1 105 ? 0.394   6.450   11.732  1.00 30.35  ? 105 ASN A ND2 1 
ATOM   705 N  N   . THR A 1 106 ? -2.053  3.229   7.581   1.00 22.26  ? 106 THR A N   1 
ATOM   706 C  CA  . THR A 1 106 ? -3.116  2.938   6.644   1.00 22.38  ? 106 THR A CA  1 
ATOM   707 C  C   . THR A 1 106 ? -4.260  2.080   7.207   1.00 21.46  ? 106 THR A C   1 
ATOM   708 O  O   . THR A 1 106 ? -4.114  1.434   8.229   1.00 22.19  ? 106 THR A O   1 
ATOM   709 C  CB  . THR A 1 106 ? -2.543  2.208   5.454   1.00 23.79  ? 106 THR A CB  1 
ATOM   710 O  OG1 . THR A 1 106 ? -2.111  0.889   5.860   1.00 21.72  ? 106 THR A OG1 1 
ATOM   711 C  CG2 . THR A 1 106 ? -1.369  3.064   4.829   1.00 25.06  ? 106 THR A CG2 1 
ATOM   712 N  N   . GLN A 1 107 ? -5.376  2.091   6.496   1.00 22.33  ? 107 GLN A N   1 
ATOM   713 C  CA  . GLN A 1 107 ? -6.423  1.102   6.622   1.00 22.23  ? 107 GLN A CA  1 
ATOM   714 C  C   . GLN A 1 107 ? -6.589  0.476   5.275   1.00 19.99  ? 107 GLN A C   1 
ATOM   715 O  O   . GLN A 1 107 ? -6.269  1.098   4.289   1.00 19.75  ? 107 GLN A O   1 
ATOM   716 C  CB  . GLN A 1 107 ? -7.710  1.739   7.070   1.00 26.63  ? 107 GLN A CB  1 
ATOM   717 C  CG  . GLN A 1 107 ? -7.551  2.330   8.457   1.00 30.09  ? 107 GLN A CG  1 
ATOM   718 C  CD  . GLN A 1 107 ? -8.667  1.953   9.382   1.00 32.05  ? 107 GLN A CD  1 
ATOM   719 O  OE1 . GLN A 1 107 ? -8.779  0.803   9.829   1.00 38.57  ? 107 GLN A OE1 1 
ATOM   720 N  NE2 . GLN A 1 107 ? -9.506  2.922   9.682   1.00 38.82  ? 107 GLN A NE2 1 
ATOM   721 N  N   . TRP A 1 108 ? -7.062  -0.753  5.192   1.00 19.33  ? 108 TRP A N   1 
ATOM   722 C  CA  . TRP A 1 108 ? -7.132  -1.388  3.849   1.00 20.10  ? 108 TRP A CA  1 
ATOM   723 C  C   . TRP A 1 108 ? -8.410  -2.202  3.594   1.00 19.17  ? 108 TRP A C   1 
ATOM   724 O  O   . TRP A 1 108 ? -8.986  -2.705  4.522   1.00 20.64  ? 108 TRP A O   1 
ATOM   725 C  CB  . TRP A 1 108 ? -5.886  -2.223  3.544   1.00 18.20  ? 108 TRP A CB  1 
ATOM   726 C  CG  . TRP A 1 108 ? -5.592  -3.297  4.481   1.00 19.17  ? 108 TRP A CG  1 
ATOM   727 C  CD1 . TRP A 1 108 ? -4.555  -3.313  5.414   1.00 17.74  ? 108 TRP A CD1 1 
ATOM   728 C  CD2 . TRP A 1 108 ? -6.246  -4.569  4.626   1.00 21.21  ? 108 TRP A CD2 1 
ATOM   729 N  NE1 . TRP A 1 108 ? -4.564  -4.460  6.126   1.00 15.63  ? 108 TRP A NE1 1 
ATOM   730 C  CE2 . TRP A 1 108 ? -5.575  -5.259  5.698   1.00 19.56  ? 108 TRP A CE2 1 
ATOM   731 C  CE3 . TRP A 1 108 ? -7.362  -5.184  4.025   1.00 20.81  ? 108 TRP A CE3 1 
ATOM   732 C  CZ2 . TRP A 1 108 ? -5.952  -6.531  6.124   1.00 20.03  ? 108 TRP A CZ2 1 
ATOM   733 C  CZ3 . TRP A 1 108 ? -7.723  -6.457  4.458   1.00 21.00  ? 108 TRP A CZ3 1 
ATOM   734 C  CH2 . TRP A 1 108 ? -7.026  -7.105  5.491   1.00 21.95  ? 108 TRP A CH2 1 
ATOM   735 N  N   . LEU A 1 109 ? -8.796  -2.302  2.330   1.00 18.63  ? 109 LEU A N   1 
ATOM   736 C  CA  . LEU A 1 109 ? -9.926  -3.027  1.902   1.00 18.88  ? 109 LEU A CA  1 
ATOM   737 C  C   . LEU A 1 109 ? -9.404  -3.978  0.899   1.00 19.71  ? 109 LEU A C   1 
ATOM   738 O  O   . LEU A 1 109 ? -8.781  -3.592  -0.084  1.00 22.66  ? 109 LEU A O   1 
ATOM   739 C  CB  . LEU A 1 109 ? -10.953 -2.105  1.259   1.00 20.16  ? 109 LEU A CB  1 
ATOM   740 C  CG  . LEU A 1 109 ? -11.630 -1.029  2.064   1.00 19.53  ? 109 LEU A CG  1 
ATOM   741 C  CD1 . LEU A 1 109 ? -12.547 -0.206  1.138   1.00 17.95  ? 109 LEU A CD1 1 
ATOM   742 C  CD2 . LEU A 1 109 ? -12.365 -1.660  3.224   1.00 19.92  ? 109 LEU A CD2 1 
ATOM   743 N  N   . LEU A 1 110 ? -9.619  -5.251  1.154   1.00 21.48  ? 110 LEU A N   1 
ATOM   744 C  CA  . LEU A 1 110 ? -9.290  -6.298  0.195   1.00 20.18  ? 110 LEU A CA  1 
ATOM   745 C  C   . LEU A 1 110 ? -10.598 -6.818  -0.393  1.00 21.09  ? 110 LEU A C   1 
ATOM   746 O  O   . LEU A 1 110 ? -11.416 -7.367  0.306   1.00 20.16  ? 110 LEU A O   1 
ATOM   747 C  CB  . LEU A 1 110 ? -8.477  -7.382  0.896   1.00 20.60  ? 110 LEU A CB  1 
ATOM   748 C  CG  . LEU A 1 110 ? -7.947  -8.546  0.067   1.00 23.22  ? 110 LEU A CG  1 
ATOM   749 C  CD1 . LEU A 1 110 ? -6.950  -9.359  0.897   1.00 25.02  ? 110 LEU A CD1 1 
ATOM   750 C  CD2 . LEU A 1 110 ? -9.078  -9.440  -0.439  1.00 23.31  ? 110 LEU A CD2 1 
ATOM   751 N  N   . THR A 1 111 ? -10.811 -6.665  -1.693  1.00 22.96  ? 111 THR A N   1 
ATOM   752 C  CA  . THR A 1 111 ? -12.008 -7.249  -2.310  1.00 24.17  ? 111 THR A CA  1 
ATOM   753 C  C   . THR A 1 111 ? -11.566 -8.493  -3.103  1.00 22.31  ? 111 THR A C   1 
ATOM   754 O  O   . THR A 1 111 ? -10.514 -8.496  -3.761  1.00 20.14  ? 111 THR A O   1 
ATOM   755 C  CB  . THR A 1 111 ? -12.729 -6.184  -3.182  1.00 24.36  ? 111 THR A CB  1 
ATOM   756 O  OG1 . THR A 1 111 ? -13.156 -5.120  -2.320  1.00 27.15  ? 111 THR A OG1 1 
ATOM   757 C  CG2 . THR A 1 111 ? -13.913 -6.784  -3.929  1.00 24.13  ? 111 THR A CG2 1 
ATOM   758 N  N   . ALA A 1 112 ? -12.325 -9.560  -2.992  1.00 22.58  ? 112 ALA A N   1 
ATOM   759 C  CA  . ALA A 1 112 ? -11.994 -10.825 -3.721  1.00 29.02  ? 112 ALA A CA  1 
ATOM   760 C  C   . ALA A 1 112 ? -13.067 -11.089 -4.752  1.00 33.28  ? 112 ALA A C   1 
ATOM   761 O  O   . ALA A 1 112 ? -14.226 -11.191 -4.399  1.00 37.20  ? 112 ALA A O   1 
ATOM   762 C  CB  . ALA A 1 112 ? -11.918 -11.988 -2.771  1.00 25.21  ? 112 ALA A CB  1 
ATOM   763 N  N   . GLY A 1 113 ? -12.683 -11.218 -6.016  1.00 37.91  ? 113 GLY A N   1 
ATOM   764 C  CA  . GLY A 1 113 ? -13.635 -11.564 -7.087  1.00 45.88  ? 113 GLY A CA  1 
ATOM   765 C  C   . GLY A 1 113 ? -14.474 -12.798 -6.772  1.00 49.46  ? 113 GLY A C   1 
ATOM   766 O  O   . GLY A 1 113 ? -13.914 -13.824 -6.383  1.00 56.74  ? 113 GLY A O   1 
ATOM   767 N  N   . THR A 1 114 ? -15.802 -12.679 -6.903  1.00 53.62  ? 114 THR A N   1 
ATOM   768 C  CA  . THR A 1 114 ? -16.772 -13.709 -6.470  1.00 58.72  ? 114 THR A CA  1 
ATOM   769 C  C   . THR A 1 114 ? -17.987 -13.762 -7.385  1.00 57.36  ? 114 THR A C   1 
ATOM   770 O  O   . THR A 1 114 ? -18.193 -12.898 -8.221  1.00 45.77  ? 114 THR A O   1 
ATOM   771 C  CB  . THR A 1 114 ? -17.366 -13.437 -5.046  1.00 65.00  ? 114 THR A CB  1 
ATOM   772 O  OG1 . THR A 1 114 ? -17.875 -12.090 -4.957  1.00 68.96  ? 114 THR A OG1 1 
ATOM   773 C  CG2 . THR A 1 114 ? -16.356 -13.702 -3.938  1.00 70.09  ? 114 THR A CG2 1 
ATOM   774 N  N   . THR A 1 115 ? -18.807 -14.782 -7.173  1.00 61.92  ? 115 THR A N   1 
ATOM   775 C  CA  . THR A 1 115 ? -20.151 -14.832 -7.727  1.00 66.23  ? 115 THR A CA  1 
ATOM   776 C  C   . THR A 1 115 ? -21.092 -13.971 -6.837  1.00 74.25  ? 115 THR A C   1 
ATOM   777 O  O   . THR A 1 115 ? -20.690 -13.435 -5.783  1.00 72.75  ? 115 THR A O   1 
ATOM   778 C  CB  . THR A 1 115 ? -20.608 -16.296 -7.832  1.00 64.66  ? 115 THR A CB  1 
ATOM   779 O  OG1 . THR A 1 115 ? -20.553 -16.892 -6.536  1.00 66.61  ? 115 THR A OG1 1 
ATOM   780 C  CG2 . THR A 1 115 ? -19.673 -17.088 -8.767  1.00 59.66  ? 115 THR A CG2 1 
ATOM   781 N  N   . GLU A 1 116 ? -22.341 -13.832 -7.263  1.00 81.04  ? 116 GLU A N   1 
ATOM   782 C  CA  . GLU A 1 116 ? -23.262 -12.833 -6.684  1.00 85.68  ? 116 GLU A CA  1 
ATOM   783 C  C   . GLU A 1 116 ? -24.100 -13.350 -5.497  1.00 85.04  ? 116 GLU A C   1 
ATOM   784 O  O   . GLU A 1 116 ? -24.933 -12.613 -4.959  1.00 86.45  ? 116 GLU A O   1 
ATOM   785 C  CB  . GLU A 1 116 ? -24.143 -12.242 -7.810  1.00 92.33  ? 116 GLU A CB  1 
ATOM   786 C  CG  . GLU A 1 116 ? -23.328 -11.456 -8.859  1.00 93.61  ? 116 GLU A CG  1 
ATOM   787 C  CD  . GLU A 1 116 ? -23.896 -11.532 -10.271 1.00 90.12  ? 116 GLU A CD  1 
ATOM   788 O  OE1 . GLU A 1 116 ? -24.948 -10.901 -10.502 1.00 90.91  ? 116 GLU A OE1 1 
ATOM   789 O  OE2 . GLU A 1 116 ? -23.286 -12.195 -11.150 1.00 76.90  ? 116 GLU A OE2 1 
ATOM   790 N  N   . ALA A 1 117 ? -23.883 -14.610 -5.104  1.00 83.88  ? 117 ALA A N   1 
ATOM   791 C  CA  . ALA A 1 117 ? -24.389 -15.141 -3.826  1.00 79.65  ? 117 ALA A CA  1 
ATOM   792 C  C   . ALA A 1 117 ? -23.510 -14.724 -2.615  1.00 78.48  ? 117 ALA A C   1 
ATOM   793 O  O   . ALA A 1 117 ? -24.056 -14.130 -1.672  1.00 80.38  ? 117 ALA A O   1 
ATOM   794 C  CB  . ALA A 1 117 ? -24.583 -16.663 -3.883  1.00 77.37  ? 117 ALA A CB  1 
ATOM   795 N  N   . PRO A 1 118 ? -22.162 -15.010 -2.635  1.00 70.84  ? 118 PRO A N   1 
ATOM   796 C  CA  . PRO A 1 118 ? -21.288 -14.624 -1.495  1.00 58.08  ? 118 PRO A CA  1 
ATOM   797 C  C   . PRO A 1 118 ? -20.715 -13.217 -1.583  1.00 52.75  ? 118 PRO A C   1 
ATOM   798 O  O   . PRO A 1 118 ? -19.853 -12.879 -0.777  1.00 50.34  ? 118 PRO A O   1 
ATOM   799 C  CB  . PRO A 1 118 ? -20.144 -15.632 -1.588  1.00 59.52  ? 118 PRO A CB  1 
ATOM   800 C  CG  . PRO A 1 118 ? -19.993 -15.824 -3.060  1.00 65.17  ? 118 PRO A CG  1 
ATOM   801 C  CD  . PRO A 1 118 ? -21.392 -15.788 -3.632  1.00 63.86  ? 118 PRO A CD  1 
ATOM   802 N  N   . ALA A 1 119 ? -21.160 -12.418 -2.557  1.00 47.83  ? 119 ALA A N   1 
ATOM   803 C  CA  . ALA A 1 119 ? -20.716 -11.029 -2.689  1.00 46.44  ? 119 ALA A CA  1 
ATOM   804 C  C   . ALA A 1 119 ? -20.977 -10.139 -1.472  1.00 41.24  ? 119 ALA A C   1 
ATOM   805 O  O   . ALA A 1 119 ? -20.322 -9.128  -1.337  1.00 46.63  ? 119 ALA A O   1 
ATOM   806 C  CB  . ALA A 1 119 ? -21.291 -10.386 -3.941  1.00 43.44  ? 119 ALA A CB  1 
ATOM   807 N  N   . TRP A 1 120 ? -21.901 -10.497 -0.583  1.00 39.01  ? 120 TRP A N   1 
ATOM   808 C  CA  . TRP A 1 120 ? -22.021 -9.796  0.736   1.00 34.39  ? 120 TRP A CA  1 
ATOM   809 C  C   . TRP A 1 120 ? -20.725 -9.899  1.574   1.00 33.22  ? 120 TRP A C   1 
ATOM   810 O  O   . TRP A 1 120 ? -20.400 -8.993  2.338   1.00 38.18  ? 120 TRP A O   1 
ATOM   811 C  CB  . TRP A 1 120 ? -23.258 -10.296 1.530   1.00 30.05  ? 120 TRP A CB  1 
ATOM   812 C  CG  . TRP A 1 120 ? -23.150 -11.699 2.025   1.00 27.07  ? 120 TRP A CG  1 
ATOM   813 C  CD1 . TRP A 1 120 ? -23.558 -12.835 1.388   1.00 25.81  ? 120 TRP A CD1 1 
ATOM   814 C  CD2 . TRP A 1 120 ? -22.524 -12.123 3.243   1.00 28.54  ? 120 TRP A CD2 1 
ATOM   815 N  NE1 . TRP A 1 120 ? -23.279 -13.918 2.154   1.00 28.14  ? 120 TRP A NE1 1 
ATOM   816 C  CE2 . TRP A 1 120 ? -22.624 -13.511 3.292   1.00 28.37  ? 120 TRP A CE2 1 
ATOM   817 C  CE3 . TRP A 1 120 ? -21.919 -11.453 4.309   1.00 28.00  ? 120 TRP A CE3 1 
ATOM   818 C  CZ2 . TRP A 1 120 ? -22.115 -14.248 4.361   1.00 30.23  ? 120 TRP A CZ2 1 
ATOM   819 C  CZ3 . TRP A 1 120 ? -21.421 -12.171 5.355   1.00 27.89  ? 120 TRP A CZ3 1 
ATOM   820 C  CH2 . TRP A 1 120 ? -21.518 -13.568 5.375   1.00 27.24  ? 120 TRP A CH2 1 
ATOM   821 N  N   . ALA A 1 121 ? -20.012 -11.018 1.411   1.00 36.91  ? 121 ALA A N   1 
ATOM   822 C  CA  . ALA A 1 121 ? -18.777 -11.400 2.134   1.00 37.40  ? 121 ALA A CA  1 
ATOM   823 C  C   . ALA A 1 121 ? -17.505 -11.207 1.288   1.00 38.78  ? 121 ALA A C   1 
ATOM   824 O  O   . ALA A 1 121 ? -16.554 -11.954 1.402   1.00 48.07  ? 121 ALA A O   1 
ATOM   825 C  CB  . ALA A 1 121 ? -18.900 -12.859 2.530   1.00 34.92  ? 121 ALA A CB  1 
ATOM   826 N  N   . MET A 1 122 ? -17.516 -10.169 0.471   1.00 40.65  ? 122 MET A N   1 
ATOM   827 C  CA  . MET A 1 122 ? -16.597 -9.947  -0.652  1.00 40.83  ? 122 MET A CA  1 
ATOM   828 C  C   . MET A 1 122 ? -15.316 -9.181  -0.186  1.00 36.02  ? 122 MET A C   1 
ATOM   829 O  O   . MET A 1 122 ? -14.277 -9.350  -0.785  1.00 28.60  ? 122 MET A O   1 
ATOM   830 C  CB  . MET A 1 122 ? -17.430 -9.227  -1.764  1.00 44.07  ? 122 MET A CB  1 
ATOM   831 C  CG  . MET A 1 122 ? -16.838 -8.134  -2.656  1.00 51.02  ? 122 MET A CG  1 
ATOM   832 S  SD  . MET A 1 122 ? -17.995 -7.114  -3.684  1.00 51.71  ? 122 MET A SD  1 
ATOM   833 C  CE  . MET A 1 122 ? -18.120 -5.516  -2.859  1.00 50.34  ? 122 MET A CE  1 
ATOM   834 N  N   . THR A 1 123 ? -15.417 -8.384  0.896   1.00 29.53  ? 123 THR A N   1 
ATOM   835 C  CA  . THR A 1 123 ? -14.415 -7.421  1.274   1.00 26.55  ? 123 THR A CA  1 
ATOM   836 C  C   . THR A 1 123 ? -13.968 -7.555  2.769   1.00 25.55  ? 123 THR A C   1 
ATOM   837 O  O   . THR A 1 123 ? -14.792 -7.558  3.714   1.00 22.74  ? 123 THR A O   1 
ATOM   838 C  CB  . THR A 1 123 ? -14.911 -5.998  0.968   1.00 26.01  ? 123 THR A CB  1 
ATOM   839 O  OG1 . THR A 1 123 ? -15.367 -5.927  -0.399  1.00 29.69  ? 123 THR A OG1 1 
ATOM   840 C  CG2 . THR A 1 123 ? -13.824 -4.975  1.213   1.00 24.99  ? 123 THR A CG2 1 
ATOM   841 N  N   . LEU A 1 124 ? -12.646 -7.735  2.931   1.00 22.13  ? 124 LEU A N   1 
ATOM   842 C  CA  . LEU A 1 124 ? -11.981 -7.728  4.203   1.00 21.55  ? 124 LEU A CA  1 
ATOM   843 C  C   . LEU A 1 124 ? -11.519 -6.298  4.470   1.00 21.58  ? 124 LEU A C   1 
ATOM   844 O  O   . LEU A 1 124 ? -11.225 -5.572  3.535   1.00 19.74  ? 124 LEU A O   1 
ATOM   845 C  CB  . LEU A 1 124 ? -10.757 -8.632  4.113   1.00 20.64  ? 124 LEU A CB  1 
ATOM   846 C  CG  . LEU A 1 124 ? -11.130 -10.117 4.044   1.00 22.19  ? 124 LEU A CG  1 
ATOM   847 C  CD1 . LEU A 1 124 ? -9.915  -11.005 3.753   1.00 23.34  ? 124 LEU A CD1 1 
ATOM   848 C  CD2 . LEU A 1 124 ? -11.734 -10.512 5.382   1.00 24.43  ? 124 LEU A CD2 1 
ATOM   849 N  N   . VAL A 1 125 ? -11.409 -5.946  5.755   1.00 22.74  ? 125 VAL A N   1 
ATOM   850 C  CA  . VAL A 1 125 ? -10.844 -4.680  6.179   1.00 21.99  ? 125 VAL A CA  1 
ATOM   851 C  C   . VAL A 1 125 ? -9.779  -4.967  7.275   1.00 22.32  ? 125 VAL A C   1 
ATOM   852 O  O   . VAL A 1 125 ? -9.901  -5.937  8.080   1.00 21.94  ? 125 VAL A O   1 
ATOM   853 C  CB  . VAL A 1 125 ? -11.940 -3.676  6.584   1.00 21.63  ? 125 VAL A CB  1 
ATOM   854 C  CG1 . VAL A 1 125 ? -12.809 -4.212  7.728   1.00 22.32  ? 125 VAL A CG1 1 
ATOM   855 C  CG2 . VAL A 1 125 ? -11.360 -2.321  6.964   1.00 19.76  ? 125 VAL A CG2 1 
ATOM   856 N  N   . GLY A 1 126 ? -8.723  -4.157  7.228   1.00 19.57  ? 126 GLY A N   1 
ATOM   857 C  CA  . GLY A 1 126 ? -7.645  -4.146  8.202   1.00 18.12  ? 126 GLY A CA  1 
ATOM   858 C  C   . GLY A 1 126 ? -6.854  -2.854  8.256   1.00 18.95  ? 126 GLY A C   1 
ATOM   859 O  O   . GLY A 1 126 ? -7.209  -1.813  7.642   1.00 16.58  ? 126 GLY A O   1 
ATOM   860 N  N   . HIS A 1 127 ? -5.775  -2.892  9.051   1.00 20.73  ? 127 HIS A N   1 
ATOM   861 C  CA  . HIS A 1 127 ? -4.880  -1.786  9.142   1.00 23.16  ? 127 HIS A CA  1 
ATOM   862 C  C   . HIS A 1 127 ? -3.402  -2.261  9.195   1.00 22.87  ? 127 HIS A C   1 
ATOM   863 O  O   . HIS A 1 127 ? -3.028  -3.269  9.822   1.00 24.15  ? 127 HIS A O   1 
ATOM   864 C  CB  . HIS A 1 127 ? -5.299  -0.907  10.321  1.00 27.26  ? 127 HIS A CB  1 
ATOM   865 C  CG  . HIS A 1 127 ? -5.260  -1.645  11.590  1.00 31.91  ? 127 HIS A CG  1 
ATOM   866 N  ND1 . HIS A 1 127 ? -6.404  -2.113  12.188  1.00 45.67  ? 127 HIS A ND1 1 
ATOM   867 C  CD2 . HIS A 1 127 ? -4.226  -2.175  12.273  1.00 35.58  ? 127 HIS A CD2 1 
ATOM   868 C  CE1 . HIS A 1 127 ? -6.080  -2.805  13.262  1.00 41.95  ? 127 HIS A CE1 1 
ATOM   869 N  NE2 . HIS A 1 127 ? -4.766  -2.898  13.306  1.00 42.57  ? 127 HIS A NE2 1 
ATOM   870 N  N   . ASP A 1 128 ? -2.580  -1.531  8.486   1.00 21.11  ? 128 ASP A N   1 
ATOM   871 C  CA  . ASP A 1 128 ? -1.134  -1.761  8.371   1.00 19.27  ? 128 ASP A CA  1 
ATOM   872 C  C   . ASP A 1 128 ? -0.430  -0.500  8.764   1.00 19.65  ? 128 ASP A C   1 
ATOM   873 O  O   . ASP A 1 128 ? -0.869  0.588   8.369   1.00 19.64  ? 128 ASP A O   1 
ATOM   874 C  CB  . ASP A 1 128 ? -0.698  -2.067  6.951   1.00 19.61  ? 128 ASP A CB  1 
ATOM   875 C  CG  . ASP A 1 128 ? -1.021  -3.482  6.508   1.00 17.83  ? 128 ASP A CG  1 
ATOM   876 O  OD1 . ASP A 1 128 ? -1.328  -4.251  7.352   1.00 20.81  ? 128 ASP A OD1 1 
ATOM   877 O  OD2 . ASP A 1 128 ? -1.013  -3.836  5.312   1.00 19.44  ? 128 ASP A OD2 1 
ATOM   878 N  N   . THR A 1 129 ? 0.655   -0.687  9.523   1.00 21.39  ? 129 THR A N   1 
ATOM   879 C  CA  . THR A 1 129 ? 1.609   0.367   9.862   1.00 27.07  ? 129 THR A CA  1 
ATOM   880 C  C   . THR A 1 129 ? 2.931   0.030   9.230   1.00 23.87  ? 129 THR A C   1 
ATOM   881 O  O   . THR A 1 129 ? 3.410   -1.059  9.430   1.00 31.20  ? 129 THR A O   1 
ATOM   882 C  CB  . THR A 1 129 ? 1.801   0.506   11.373  1.00 27.87  ? 129 THR A CB  1 
ATOM   883 O  OG1 . THR A 1 129 ? 0.530   0.791   11.904  1.00 30.37  ? 129 THR A OG1 1 
ATOM   884 C  CG2 . THR A 1 129 ? 2.814   1.671   11.682  1.00 30.54  ? 129 THR A CG2 1 
ATOM   885 N  N   . PHE A 1 130 ? 3.450   0.952   8.438   1.00 26.20  ? 130 PHE A N   1 
ATOM   886 C  CA  . PHE A 1 130 ? 4.673   0.773   7.634   1.00 25.94  ? 130 PHE A CA  1 
ATOM   887 C  C   . PHE A 1 130 ? 5.713   1.666   8.244   1.00 25.72  ? 130 PHE A C   1 
ATOM   888 O  O   . PHE A 1 130 ? 5.441   2.879   8.516   1.00 27.38  ? 130 PHE A O   1 
ATOM   889 C  CB  . PHE A 1 130 ? 4.451   1.181   6.165   1.00 25.69  ? 130 PHE A CB  1 
ATOM   890 C  CG  . PHE A 1 130 ? 3.502   0.268   5.395   1.00 27.18  ? 130 PHE A CG  1 
ATOM   891 C  CD1 . PHE A 1 130 ? 2.133   0.563   5.301   1.00 26.86  ? 130 PHE A CD1 1 
ATOM   892 C  CD2 . PHE A 1 130 ? 3.977   -0.909  4.780   1.00 25.47  ? 130 PHE A CD2 1 
ATOM   893 C  CE1 . PHE A 1 130 ? 1.266   -0.275  4.626   1.00 25.58  ? 130 PHE A CE1 1 
ATOM   894 C  CE2 . PHE A 1 130 ? 3.114   -1.758  4.101   1.00 24.91  ? 130 PHE A CE2 1 
ATOM   895 C  CZ  . PHE A 1 130 ? 1.752   -1.445  4.030   1.00 27.11  ? 130 PHE A CZ  1 
ATOM   896 N  N   . THR A 1 131 ? 6.897   1.108   8.434   1.00 26.45  ? 131 THR A N   1 
ATOM   897 C  CA  . THR A 1 131 ? 8.076   1.845   8.944   1.00 28.50  ? 131 THR A CA  1 
ATOM   898 C  C   . THR A 1 131 ? 9.276   1.582   8.004   1.00 31.68  ? 131 THR A C   1 
ATOM   899 O  O   . THR A 1 131 ? 9.240   0.704   7.139   1.00 28.42  ? 131 THR A O   1 
ATOM   900 C  CB  . THR A 1 131 ? 8.461   1.382   10.384  1.00 29.73  ? 131 THR A CB  1 
ATOM   901 O  OG1 . THR A 1 131 ? 8.795   -0.015  10.379  1.00 30.68  ? 131 THR A OG1 1 
ATOM   902 C  CG2 . THR A 1 131 ? 7.304   1.546   11.347  1.00 28.54  ? 131 THR A CG2 1 
ATOM   903 N  N   . LYS A 1 132 ? 10.332  2.372   8.194   1.00 35.17  ? 132 LYS A N   1 
ATOM   904 C  CA  . LYS A 1 132 ? 11.553  2.305   7.390   1.00 35.14  ? 132 LYS A CA  1 
ATOM   905 C  C   . LYS A 1 132 ? 12.532  1.213   7.846   1.00 38.08  ? 132 LYS A C   1 
ATOM   906 O  O   . LYS A 1 132 ? 13.517  0.918   7.152   1.00 34.71  ? 132 LYS A O   1 
ATOM   907 C  CB  . LYS A 1 132 ? 12.287  3.661   7.409   1.00 36.12  ? 132 LYS A CB  1 
ATOM   908 C  CG  . LYS A 1 132 ? 11.601  4.850   6.720   1.00 37.40  ? 132 LYS A CG  1 
ATOM   909 C  CD  . LYS A 1 132 ? 11.321  4.659   5.238   1.00 39.89  ? 132 LYS A CD  1 
ATOM   910 C  CE  . LYS A 1 132 ? 12.559  4.807   4.383   1.00 44.97  ? 132 LYS A CE  1 
ATOM   911 N  NZ  . LYS A 1 132 ? 12.385  4.182   3.048   1.00 45.45  ? 132 LYS A NZ  1 
ATOM   912 N  N   . VAL A 1 133 ? 12.273  0.610   8.996   1.00 40.93  ? 133 VAL A N   1 
ATOM   913 C  CA  . VAL A 1 133 ? 13.133  -0.469  9.495   1.00 47.78  ? 133 VAL A CA  1 
ATOM   914 C  C   . VAL A 1 133 ? 12.289  -1.687  9.793   1.00 43.10  ? 133 VAL A C   1 
ATOM   915 O  O   . VAL A 1 133 ? 11.126  -1.546  10.035  1.00 41.46  ? 133 VAL A O   1 
ATOM   916 C  CB  . VAL A 1 133 ? 13.971  -0.015  10.744  1.00 49.68  ? 133 VAL A CB  1 
ATOM   917 C  CG1 . VAL A 1 133 ? 15.220  0.788   10.304  1.00 51.59  ? 133 VAL A CG1 1 
ATOM   918 C  CG2 . VAL A 1 133 ? 13.126  0.830   11.686  1.00 51.79  ? 133 VAL A CG2 1 
ATOM   919 N  N   . LYS A 1 134 ? 12.907  -2.871  9.744   1.00 53.93  ? 134 LYS A N   1 
ATOM   920 C  CA  . LYS A 1 134 ? 12.384  -4.158  10.265  1.00 51.40  ? 134 LYS A CA  1 
ATOM   921 C  C   . LYS A 1 134 ? 11.248  -4.654  9.439   1.00 55.46  ? 134 LYS A C   1 
ATOM   922 O  O   . LYS A 1 134 ? 11.485  -5.518  8.592   1.00 62.47  ? 134 LYS A O   1 
ATOM   923 C  CB  . LYS A 1 134 ? 12.047  -4.126  11.757  1.00 53.75  ? 134 LYS A CB  1 
ATOM   924 C  CG  . LYS A 1 134 ? 11.349  -5.374  12.291  1.00 57.64  ? 134 LYS A CG  1 
ATOM   925 C  CD  . LYS A 1 134 ? 9.909   -5.055  12.642  1.00 62.03  ? 134 LYS A CD  1 
ATOM   926 C  CE  . LYS A 1 134 ? 9.011   -6.263  12.481  1.00 66.64  ? 134 LYS A CE  1 
ATOM   927 N  NZ  . LYS A 1 134 ? 8.478   -6.337  11.087  1.00 65.39  ? 134 LYS A NZ  1 
HETATM 928 IR IR1 . 4IR B 2 .   ? -13.970 -15.610 1.003   1.00 92.90  ? 400 4IR A IR1 1 
HETATM 929 C  C1  . 4IR B 2 .   ? -0.328  -7.278  3.931   1.00 18.19  ? 400 4IR A C1  1 
HETATM 930 N  N1  . 4IR B 2 .   ? -1.377  -6.438  4.361   1.00 19.85  ? 400 4IR A N1  1 
HETATM 931 O  O1  . 4IR B 2 .   ? 0.971   -6.813  3.872   1.00 21.43  ? 400 4IR A O1  1 
HETATM 932 S  S1  . 4IR B 2 .   ? -3.087  -7.232  1.747   1.00 21.85  ? 400 4IR A S1  1 
HETATM 933 C  C2  . 4IR B 2 .   ? -2.594  -7.266  4.383   1.00 18.27  ? 400 4IR A C2  1 
HETATM 934 N  N2  . 4IR B 2 .   ? -0.742  -8.590  3.517   1.00 18.61  ? 400 4IR A N2  1 
HETATM 935 O  O2  . 4IR B 2 .   ? -4.592  -13.668 0.166   1.00 27.60  ? 400 4IR A O2  1 
HETATM 936 S  S2  . 4IR B 2 .   ? -10.831 -15.158 0.844   1.00 50.63  ? 400 4IR A S2  1 
HETATM 937 C  C3  . 4IR B 2 .   ? -3.538  -6.650  3.350   1.00 17.82  ? 400 4IR A C3  1 
HETATM 938 N  N3  . 4IR B 2 .   ? -6.146  -12.605 -1.424  1.00 28.14  ? 400 4IR A N3  1 
HETATM 939 O  O3  . 4IR B 2 .   ? -10.704 -16.547 0.421   1.00 41.07  ? 400 4IR A O3  1 
HETATM 940 C  C4  . 4IR B 2 .   ? -2.178  -8.648  3.870   1.00 18.39  ? 400 4IR A C4  1 
HETATM 941 N  N4  . 4IR B 2 .   ? -12.276 -14.500 0.476   1.00 81.38  ? 400 4IR A N4  1 
HETATM 942 O  O4  . 4IR B 2 .   ? -10.721 -14.893 2.306   1.00 43.75  ? 400 4IR A O4  1 
HETATM 943 C  C5  . 4IR B 2 .   ? -3.000  -8.804  2.558   1.00 19.56  ? 400 4IR A C5  1 
HETATM 944 N  N5  . 4IR B 2 .   ? -14.548 -13.751 1.712   1.00 98.69  ? 400 4IR A N5  1 
HETATM 945 C  C6  . 4IR B 2 .   ? -2.469  -9.890  1.625   1.00 19.73  ? 400 4IR A C6  1 
HETATM 946 C  C7  . 4IR B 2 .   ? -3.266  -10.178 0.375   1.00 22.42  ? 400 4IR A C7  1 
HETATM 947 C  C8  . 4IR B 2 .   ? -2.769  -11.489 -0.273  1.00 25.02  ? 400 4IR A C8  1 
HETATM 948 C  C9  . 4IR B 2 .   ? -3.695  -11.897 -1.405  1.00 24.11  ? 400 4IR A C9  1 
HETATM 949 C  C10 . 4IR B 2 .   ? -4.836  -12.748 -0.846  1.00 23.13  ? 400 4IR A C10 1 
HETATM 950 C  C11 . 4IR B 2 .   ? -7.250  -13.228 -0.932  1.00 32.15  ? 400 4IR A C11 1 
HETATM 951 C  C12 . 4IR B 2 .   ? -7.463  -13.222 0.439   1.00 31.79  ? 400 4IR A C12 1 
HETATM 952 C  C13 . 4IR B 2 .   ? -8.568  -13.868 0.945   1.00 35.20  ? 400 4IR A C13 1 
HETATM 953 C  C14 . 4IR B 2 .   ? -8.197  -13.795 -1.795  1.00 31.38  ? 400 4IR A C14 1 
HETATM 954 C  C15 . 4IR B 2 .   ? -9.330  -14.418 -1.261  1.00 33.75  ? 400 4IR A C15 1 
HETATM 955 C  C16 . 4IR B 2 .   ? -9.528  -14.464 0.122   1.00 43.34  ? 400 4IR A C16 1 
HETATM 956 C  C17 . 4IR B 2 .   ? -15.852 -16.502 1.409   1.00 111.57 ? 400 4IR A C17 1 
HETATM 957 C  C18 . 4IR B 2 .   ? -15.829 -15.902 0.007   1.00 112.26 ? 400 4IR A C18 1 
HETATM 958 C  C19 . 4IR B 2 .   ? -14.703 -16.567 -0.770  1.00 105.18 ? 400 4IR A C19 1 
HETATM 959 C  C20 . 4IR B 2 .   ? -14.032 -17.577 0.150   1.00 106.00 ? 400 4IR A C20 1 
HETATM 960 C  C21 . 4IR B 2 .   ? -14.733 -17.535 1.501   1.00 109.00 ? 400 4IR A C21 1 
HETATM 961 C  C22 . 4IR B 2 .   ? -16.813 -16.037 2.530   1.00 103.66 ? 400 4IR A C22 1 
HETATM 962 C  C23 . 4IR B 2 .   ? -16.748 -14.778 -0.516  1.00 104.04 ? 400 4IR A C23 1 
HETATM 963 C  C24 . 4IR B 2 .   ? -14.286 -16.272 -2.231  1.00 88.60  ? 400 4IR A C24 1 
HETATM 964 C  C25 . 4IR B 2 .   ? -12.827 -18.486 -0.209  1.00 87.02  ? 400 4IR A C25 1 
HETATM 965 C  C26 . 4IR B 2 .   ? -14.361 -18.351 2.765   1.00 99.40  ? 400 4IR A C26 1 
HETATM 966 C  C27 . 4IR B 2 .   ? -12.367 -13.089 0.979   1.00 79.59  ? 400 4IR A C27 1 
HETATM 967 C  C28 . 4IR B 2 .   ? -13.402 -12.918 2.092   1.00 77.52  ? 400 4IR A C28 1 
HETATM 968 IR IR  . IR  C 3 .   ? -9.087  -18.886 -11.109 1.00 75.17  ? 401 IR  A IR  1 
HETATM 969 IR IR  . IR  D 3 .   ? -2.960  -2.464  15.248  1.00 77.91  ? 402 IR  A IR  1 
HETATM 970 IR IR  . IR  E 3 .   ? -5.412  -5.909  14.087  1.00 99.18  ? 403 IR  A IR  1 
HETATM 971 O  O   . HOH F 4 .   ? 8.397   -8.807  2.624   1.00 24.49  ? 501 HOH A O   1 
HETATM 972 O  O   . HOH F 4 .   ? 6.123   7.075   -8.975  1.00 23.31  ? 502 HOH A O   1 
HETATM 973 O  O   . HOH F 4 .   ? 9.943   -7.203  -2.140  1.00 31.57  ? 503 HOH A O   1 
HETATM 974 O  O   . HOH F 4 .   ? 13.807  1.622   4.608   1.00 30.19  ? 504 HOH A O   1 
HETATM 975 O  O   . HOH F 4 .   ? -17.912 -8.189  2.445   1.00 25.85  ? 505 HOH A O   1 
HETATM 976 O  O   . HOH F 4 .   ? 1.855   -8.088  -10.616 1.00 27.23  ? 506 HOH A O   1 
HETATM 977 O  O   . HOH F 4 .   ? -1.054  15.279  -5.480  1.00 28.44  ? 507 HOH A O   1 
HETATM 978 O  O   . HOH F 4 .   ? -1.534  -13.938 -5.803  1.00 22.46  ? 508 HOH A O   1 
HETATM 979 O  O   . HOH F 4 .   ? -3.416  -4.861  14.555  1.00 39.38  ? 509 HOH A O   1 
HETATM 980 O  O   . HOH F 4 .   ? 8.113   -5.087  -3.045  1.00 26.38  ? 510 HOH A O   1 
HETATM 981 O  O   . HOH F 4 .   ? 13.222  0.841   -2.586  1.00 25.86  ? 511 HOH A O   1 
HETATM 982 O  O   . HOH F 4 .   ? -2.274  15.369  2.580   1.00 26.95  ? 512 HOH A O   1 
HETATM 983 O  O   . HOH F 4 .   ? -1.101  -5.397  -9.379  1.00 31.36  ? 513 HOH A O   1 
HETATM 984 O  O   . HOH F 4 .   ? -8.460  -18.127 -12.919 1.00 25.78  ? 514 HOH A O   1 
HETATM 985 O  O   . HOH F 4 .   ? -4.289  2.970   -6.729  0.50 46.13  ? 515 HOH A O   1 
HETATM 986 O  O   . HOH F 4 .   ? 5.259   -20.882 -4.014  1.00 38.38  ? 516 HOH A O   1 
HETATM 987 O  O   . HOH F 4 .   ? -3.174  14.486  -7.294  1.00 29.29  ? 517 HOH A O   1 
HETATM 988 O  O   . HOH F 4 .   ? -6.114  -10.771 -8.851  1.00 26.11  ? 518 HOH A O   1 
HETATM 989 O  O   . HOH F 4 .   ? 9.378   14.761  3.807   1.00 53.18  ? 519 HOH A O   1 
# 
